data_3OES
# 
_entry.id   3OES 
# 
_audit_conform.dict_name       mmcif_pdbx.dic 
_audit_conform.dict_version    5.379 
_audit_conform.dict_location   http://mmcif.pdb.org/dictionaries/ascii/mmcif_pdbx.dic 
# 
loop_
_database_2.database_id 
_database_2.database_code 
_database_2.pdbx_database_accession 
_database_2.pdbx_DOI 
PDB   3OES         pdb_00003oes 10.2210/pdb3oes/pdb 
RCSB  RCSB061024   ?            ?                   
WWPDB D_1000061024 ?            ?                   
# 
_pdbx_database_status.entry_id                        3OES 
_pdbx_database_status.deposit_site                    RCSB 
_pdbx_database_status.process_site                    RCSB 
_pdbx_database_status.recvd_initial_deposition_date   2010-08-13 
_pdbx_database_status.status_code                     REL 
_pdbx_database_status.status_code_sf                  REL 
_pdbx_database_status.status_code_mr                  ? 
_pdbx_database_status.SG_entry                        Y 
_pdbx_database_status.pdb_format_compatible           Y 
_pdbx_database_status.status_code_cs                  ? 
_pdbx_database_status.methods_development_category    ? 
_pdbx_database_status.status_code_nmr_data            ? 
# 
loop_
_audit_author.name 
_audit_author.pdbx_ordinal 
'Nedyalkova, L.'                       1  
'Zhong, N.'                            2  
'Tempel, W.'                           3  
'Tong, Y.'                             4  
'Shen, L.'                             5  
'Loppnau, P.'                          6  
'Arrowsmith, C.H.'                     7  
'Edwards, A.M.'                        8  
'Bountra, C.'                          9  
'Weigelt, J.'                          10 
'Bochkarev, A.'                        11 
'Park, H.'                             12 
'Structural Genomics Consortium (SGC)' 13 
# 
_citation.id                        primary 
_citation.title                     'Crystal structure of the small GTPase RhebL1' 
_citation.journal_abbrev            'to be published' 
_citation.journal_volume            ? 
_citation.page_first                ? 
_citation.page_last                 ? 
_citation.year                      ? 
_citation.journal_id_ASTM           ? 
_citation.country                   ? 
_citation.journal_id_ISSN           ? 
_citation.journal_id_CSD            0353 
_citation.book_publisher            ? 
_citation.pdbx_database_id_PubMed   ? 
_citation.pdbx_database_id_DOI      ? 
# 
loop_
_citation_author.citation_id 
_citation_author.name 
_citation_author.ordinal 
_citation_author.identifier_ORCID 
primary 'Nedyalkova, L.'   1  ? 
primary 'Zhong, N.'        2  ? 
primary 'Tempel, W.'       3  ? 
primary 'Tong, Y.'         4  ? 
primary 'Shen, L.'         5  ? 
primary 'Loppnau, P.'      6  ? 
primary 'Arrowsmith, C.H.' 7  ? 
primary 'Edwards, A.M.'    8  ? 
primary 'Bountra, C.'      9  ? 
primary 'Weigelt, J.'      10 ? 
primary 'Bochkarev, A.'    11 ? 
primary 'Park, H.'         12 ? 
# 
_cell.entry_id           3OES 
_cell.length_a           72.665 
_cell.length_b           126.745 
_cell.length_c           41.356 
_cell.angle_alpha        90.000 
_cell.angle_beta         90.000 
_cell.angle_gamma        90.000 
_cell.pdbx_unique_axis   ? 
_cell.Z_PDB              8 
_cell.length_a_esd       ? 
_cell.length_b_esd       ? 
_cell.length_c_esd       ? 
_cell.angle_alpha_esd    ? 
_cell.angle_beta_esd     ? 
_cell.angle_gamma_esd    ? 
# 
_symmetry.entry_id                         3OES 
_symmetry.space_group_name_H-M             'C 2 2 21' 
_symmetry.Int_Tables_number                20 
_symmetry.pdbx_full_space_group_name_H-M   ? 
_symmetry.cell_setting                     ? 
_symmetry.space_group_name_Hall            ? 
# 
loop_
_entity.id 
_entity.type 
_entity.src_method 
_entity.pdbx_description 
_entity.formula_weight 
_entity.pdbx_number_of_molecules 
_entity.pdbx_ec 
_entity.pdbx_mutation 
_entity.pdbx_fragment 
_entity.details 
1 polymer     man 'GTPase RhebL1'                               22908.910 1  ? ? ? ? 
2 non-polymer syn 'MAGNESIUM ION'                               24.305    1  ? ? ? ? 
3 non-polymer syn 'PHOSPHOAMINOPHOSPHONIC ACID-GUANYLATE ESTER' 522.196   1  ? ? ? ? 
4 water       nat water                                         18.015    13 ? ? ? ? 
# 
_entity_name_com.entity_id   1 
_entity_name_com.name        
'Ras homolog enriched in brain-like protein 1, Rheb-like protein 1, Rheb2, Ras homolog enriched in brain like-1 c, RhebL1c' 
# 
_entity_poly.entity_id                      1 
_entity_poly.type                           'polypeptide(L)' 
_entity_poly.nstd_linkage                   no 
_entity_poly.nstd_monomer                   no 
_entity_poly.pdbx_seq_one_letter_code       
;MHHHHHHSSGRENLYFQGMPLVRYRKVVILGYRCVGKTSLAHQFVEGEFSEGYDPTVENTYSKIVTLGKDEFHLHLVDTA
GQDEYSILPYSFIIGVHGYVLVYSVTSLHSFQVIESLYQKLHEGHGKTRVPVVLVGNKADLSPEREVQAVEGKKLAESWG
ATFMESSARENQLTQGIFTKVIQEIARVENSYGQERRCHLM
;
_entity_poly.pdbx_seq_one_letter_code_can   
;MHHHHHHSSGRENLYFQGMPLVRYRKVVILGYRCVGKTSLAHQFVEGEFSEGYDPTVENTYSKIVTLGKDEFHLHLVDTA
GQDEYSILPYSFIIGVHGYVLVYSVTSLHSFQVIESLYQKLHEGHGKTRVPVVLVGNKADLSPEREVQAVEGKKLAESWG
ATFMESSARENQLTQGIFTKVIQEIARVENSYGQERRCHLM
;
_entity_poly.pdbx_strand_id                 A 
_entity_poly.pdbx_target_identifier         ? 
# 
loop_
_entity_poly_seq.entity_id 
_entity_poly_seq.num 
_entity_poly_seq.mon_id 
_entity_poly_seq.hetero 
1 1   MET n 
1 2   HIS n 
1 3   HIS n 
1 4   HIS n 
1 5   HIS n 
1 6   HIS n 
1 7   HIS n 
1 8   SER n 
1 9   SER n 
1 10  GLY n 
1 11  ARG n 
1 12  GLU n 
1 13  ASN n 
1 14  LEU n 
1 15  TYR n 
1 16  PHE n 
1 17  GLN n 
1 18  GLY n 
1 19  MET n 
1 20  PRO n 
1 21  LEU n 
1 22  VAL n 
1 23  ARG n 
1 24  TYR n 
1 25  ARG n 
1 26  LYS n 
1 27  VAL n 
1 28  VAL n 
1 29  ILE n 
1 30  LEU n 
1 31  GLY n 
1 32  TYR n 
1 33  ARG n 
1 34  CYS n 
1 35  VAL n 
1 36  GLY n 
1 37  LYS n 
1 38  THR n 
1 39  SER n 
1 40  LEU n 
1 41  ALA n 
1 42  HIS n 
1 43  GLN n 
1 44  PHE n 
1 45  VAL n 
1 46  GLU n 
1 47  GLY n 
1 48  GLU n 
1 49  PHE n 
1 50  SER n 
1 51  GLU n 
1 52  GLY n 
1 53  TYR n 
1 54  ASP n 
1 55  PRO n 
1 56  THR n 
1 57  VAL n 
1 58  GLU n 
1 59  ASN n 
1 60  THR n 
1 61  TYR n 
1 62  SER n 
1 63  LYS n 
1 64  ILE n 
1 65  VAL n 
1 66  THR n 
1 67  LEU n 
1 68  GLY n 
1 69  LYS n 
1 70  ASP n 
1 71  GLU n 
1 72  PHE n 
1 73  HIS n 
1 74  LEU n 
1 75  HIS n 
1 76  LEU n 
1 77  VAL n 
1 78  ASP n 
1 79  THR n 
1 80  ALA n 
1 81  GLY n 
1 82  GLN n 
1 83  ASP n 
1 84  GLU n 
1 85  TYR n 
1 86  SER n 
1 87  ILE n 
1 88  LEU n 
1 89  PRO n 
1 90  TYR n 
1 91  SER n 
1 92  PHE n 
1 93  ILE n 
1 94  ILE n 
1 95  GLY n 
1 96  VAL n 
1 97  HIS n 
1 98  GLY n 
1 99  TYR n 
1 100 VAL n 
1 101 LEU n 
1 102 VAL n 
1 103 TYR n 
1 104 SER n 
1 105 VAL n 
1 106 THR n 
1 107 SER n 
1 108 LEU n 
1 109 HIS n 
1 110 SER n 
1 111 PHE n 
1 112 GLN n 
1 113 VAL n 
1 114 ILE n 
1 115 GLU n 
1 116 SER n 
1 117 LEU n 
1 118 TYR n 
1 119 GLN n 
1 120 LYS n 
1 121 LEU n 
1 122 HIS n 
1 123 GLU n 
1 124 GLY n 
1 125 HIS n 
1 126 GLY n 
1 127 LYS n 
1 128 THR n 
1 129 ARG n 
1 130 VAL n 
1 131 PRO n 
1 132 VAL n 
1 133 VAL n 
1 134 LEU n 
1 135 VAL n 
1 136 GLY n 
1 137 ASN n 
1 138 LYS n 
1 139 ALA n 
1 140 ASP n 
1 141 LEU n 
1 142 SER n 
1 143 PRO n 
1 144 GLU n 
1 145 ARG n 
1 146 GLU n 
1 147 VAL n 
1 148 GLN n 
1 149 ALA n 
1 150 VAL n 
1 151 GLU n 
1 152 GLY n 
1 153 LYS n 
1 154 LYS n 
1 155 LEU n 
1 156 ALA n 
1 157 GLU n 
1 158 SER n 
1 159 TRP n 
1 160 GLY n 
1 161 ALA n 
1 162 THR n 
1 163 PHE n 
1 164 MET n 
1 165 GLU n 
1 166 SER n 
1 167 SER n 
1 168 ALA n 
1 169 ARG n 
1 170 GLU n 
1 171 ASN n 
1 172 GLN n 
1 173 LEU n 
1 174 THR n 
1 175 GLN n 
1 176 GLY n 
1 177 ILE n 
1 178 PHE n 
1 179 THR n 
1 180 LYS n 
1 181 VAL n 
1 182 ILE n 
1 183 GLN n 
1 184 GLU n 
1 185 ILE n 
1 186 ALA n 
1 187 ARG n 
1 188 VAL n 
1 189 GLU n 
1 190 ASN n 
1 191 SER n 
1 192 TYR n 
1 193 GLY n 
1 194 GLN n 
1 195 GLU n 
1 196 ARG n 
1 197 ARG n 
1 198 CYS n 
1 199 HIS n 
1 200 LEU n 
1 201 MET n 
# 
_entity_src_gen.entity_id                          1 
_entity_src_gen.pdbx_src_id                        1 
_entity_src_gen.pdbx_alt_source_flag               sample 
_entity_src_gen.pdbx_seq_type                      ? 
_entity_src_gen.pdbx_beg_seq_num                   ? 
_entity_src_gen.pdbx_end_seq_num                   ? 
_entity_src_gen.gene_src_common_name               human 
_entity_src_gen.gene_src_genus                     ? 
_entity_src_gen.pdbx_gene_src_gene                 RHEBL1 
_entity_src_gen.gene_src_species                   ? 
_entity_src_gen.gene_src_strain                    ? 
_entity_src_gen.gene_src_tissue                    ? 
_entity_src_gen.gene_src_tissue_fraction           ? 
_entity_src_gen.gene_src_details                   ? 
_entity_src_gen.pdbx_gene_src_fragment             ? 
_entity_src_gen.pdbx_gene_src_scientific_name      'Homo sapiens' 
_entity_src_gen.pdbx_gene_src_ncbi_taxonomy_id     9606 
_entity_src_gen.pdbx_gene_src_variant              ? 
_entity_src_gen.pdbx_gene_src_cell_line            ? 
_entity_src_gen.pdbx_gene_src_atcc                 ? 
_entity_src_gen.pdbx_gene_src_organ                ? 
_entity_src_gen.pdbx_gene_src_organelle            ? 
_entity_src_gen.pdbx_gene_src_cell                 ? 
_entity_src_gen.pdbx_gene_src_cellular_location    ? 
_entity_src_gen.host_org_common_name               ? 
_entity_src_gen.pdbx_host_org_scientific_name      'Escherichia coli' 
_entity_src_gen.pdbx_host_org_ncbi_taxonomy_id     562 
_entity_src_gen.host_org_genus                     ? 
_entity_src_gen.pdbx_host_org_gene                 ? 
_entity_src_gen.pdbx_host_org_organ                ? 
_entity_src_gen.host_org_species                   ? 
_entity_src_gen.pdbx_host_org_tissue               ? 
_entity_src_gen.pdbx_host_org_tissue_fraction      ? 
_entity_src_gen.pdbx_host_org_strain               BL21-V2R-pRARE2 
_entity_src_gen.pdbx_host_org_variant              ? 
_entity_src_gen.pdbx_host_org_cell_line            ? 
_entity_src_gen.pdbx_host_org_atcc                 ? 
_entity_src_gen.pdbx_host_org_culture_collection   ? 
_entity_src_gen.pdbx_host_org_cell                 ? 
_entity_src_gen.pdbx_host_org_organelle            ? 
_entity_src_gen.pdbx_host_org_cellular_location    ? 
_entity_src_gen.pdbx_host_org_vector_type          plasmid 
_entity_src_gen.pdbx_host_org_vector               ? 
_entity_src_gen.host_org_details                   ? 
_entity_src_gen.expression_system_id               ? 
_entity_src_gen.plasmid_name                       pET28-MHL 
_entity_src_gen.plasmid_details                    ? 
_entity_src_gen.pdbx_description                   ? 
# 
_struct_ref.id                         1 
_struct_ref.db_name                    UNP 
_struct_ref.db_code                    REBL1_HUMAN 
_struct_ref.pdbx_db_accession          Q8TAI7 
_struct_ref.entity_id                  1 
_struct_ref.pdbx_seq_one_letter_code   
;MPLVRYRKVVILGYRCVGKTSLAHQFVEGEFSEGYDPTVENTYSKIVTLGKDEFHLHLVDTAGQDEYSILPYSFIIGVHG
YVLVYSVTSLHSFQVIESLYQKLHEGHGKTRVPVVLVGNKADLSPEREVQAVEGKKLAESWGATFMESSARENQLTQGIF
TKVIQEIARVENSYGQERRCHLM
;
_struct_ref.pdbx_align_begin           1 
_struct_ref.pdbx_db_isoform            ? 
# 
_struct_ref_seq.align_id                      1 
_struct_ref_seq.ref_id                        1 
_struct_ref_seq.pdbx_PDB_id_code              3OES 
_struct_ref_seq.pdbx_strand_id                A 
_struct_ref_seq.seq_align_beg                 19 
_struct_ref_seq.pdbx_seq_align_beg_ins_code   ? 
_struct_ref_seq.seq_align_end                 201 
_struct_ref_seq.pdbx_seq_align_end_ins_code   ? 
_struct_ref_seq.pdbx_db_accession             Q8TAI7 
_struct_ref_seq.db_align_beg                  1 
_struct_ref_seq.pdbx_db_align_beg_ins_code    ? 
_struct_ref_seq.db_align_end                  183 
_struct_ref_seq.pdbx_db_align_end_ins_code    ? 
_struct_ref_seq.pdbx_auth_seq_align_beg       1 
_struct_ref_seq.pdbx_auth_seq_align_end       183 
# 
loop_
_struct_ref_seq_dif.align_id 
_struct_ref_seq_dif.pdbx_pdb_id_code 
_struct_ref_seq_dif.mon_id 
_struct_ref_seq_dif.pdbx_pdb_strand_id 
_struct_ref_seq_dif.seq_num 
_struct_ref_seq_dif.pdbx_pdb_ins_code 
_struct_ref_seq_dif.pdbx_seq_db_name 
_struct_ref_seq_dif.pdbx_seq_db_accession_code 
_struct_ref_seq_dif.db_mon_id 
_struct_ref_seq_dif.pdbx_seq_db_seq_num 
_struct_ref_seq_dif.details 
_struct_ref_seq_dif.pdbx_auth_seq_num 
_struct_ref_seq_dif.pdbx_ordinal 
1 3OES MET A 1  ? UNP Q8TAI7 ? ? 'expression tag' -17 1  
1 3OES HIS A 2  ? UNP Q8TAI7 ? ? 'expression tag' -16 2  
1 3OES HIS A 3  ? UNP Q8TAI7 ? ? 'expression tag' -15 3  
1 3OES HIS A 4  ? UNP Q8TAI7 ? ? 'expression tag' -14 4  
1 3OES HIS A 5  ? UNP Q8TAI7 ? ? 'expression tag' -13 5  
1 3OES HIS A 6  ? UNP Q8TAI7 ? ? 'expression tag' -12 6  
1 3OES HIS A 7  ? UNP Q8TAI7 ? ? 'expression tag' -11 7  
1 3OES SER A 8  ? UNP Q8TAI7 ? ? 'expression tag' -10 8  
1 3OES SER A 9  ? UNP Q8TAI7 ? ? 'expression tag' -9  9  
1 3OES GLY A 10 ? UNP Q8TAI7 ? ? 'expression tag' -8  10 
1 3OES ARG A 11 ? UNP Q8TAI7 ? ? 'expression tag' -7  11 
1 3OES GLU A 12 ? UNP Q8TAI7 ? ? 'expression tag' -6  12 
1 3OES ASN A 13 ? UNP Q8TAI7 ? ? 'expression tag' -5  13 
1 3OES LEU A 14 ? UNP Q8TAI7 ? ? 'expression tag' -4  14 
1 3OES TYR A 15 ? UNP Q8TAI7 ? ? 'expression tag' -3  15 
1 3OES PHE A 16 ? UNP Q8TAI7 ? ? 'expression tag' -2  16 
1 3OES GLN A 17 ? UNP Q8TAI7 ? ? 'expression tag' -1  17 
1 3OES GLY A 18 ? UNP Q8TAI7 ? ? 'expression tag' 0   18 
# 
loop_
_chem_comp.id 
_chem_comp.type 
_chem_comp.mon_nstd_flag 
_chem_comp.name 
_chem_comp.pdbx_synonyms 
_chem_comp.formula 
_chem_comp.formula_weight 
ALA 'L-peptide linking' y ALANINE                                       ? 'C3 H7 N O2'        89.093  
ARG 'L-peptide linking' y ARGININE                                      ? 'C6 H15 N4 O2 1'    175.209 
ASN 'L-peptide linking' y ASPARAGINE                                    ? 'C4 H8 N2 O3'       132.118 
ASP 'L-peptide linking' y 'ASPARTIC ACID'                               ? 'C4 H7 N O4'        133.103 
CYS 'L-peptide linking' y CYSTEINE                                      ? 'C3 H7 N O2 S'      121.158 
GLN 'L-peptide linking' y GLUTAMINE                                     ? 'C5 H10 N2 O3'      146.144 
GLU 'L-peptide linking' y 'GLUTAMIC ACID'                               ? 'C5 H9 N O4'        147.129 
GLY 'peptide linking'   y GLYCINE                                       ? 'C2 H5 N O2'        75.067  
GNP non-polymer         . 'PHOSPHOAMINOPHOSPHONIC ACID-GUANYLATE ESTER' ? 'C10 H17 N6 O13 P3' 522.196 
HIS 'L-peptide linking' y HISTIDINE                                     ? 'C6 H10 N3 O2 1'    156.162 
HOH non-polymer         . WATER                                         ? 'H2 O'              18.015  
ILE 'L-peptide linking' y ISOLEUCINE                                    ? 'C6 H13 N O2'       131.173 
LEU 'L-peptide linking' y LEUCINE                                       ? 'C6 H13 N O2'       131.173 
LYS 'L-peptide linking' y LYSINE                                        ? 'C6 H15 N2 O2 1'    147.195 
MET 'L-peptide linking' y METHIONINE                                    ? 'C5 H11 N O2 S'     149.211 
MG  non-polymer         . 'MAGNESIUM ION'                               ? 'Mg 2'              24.305  
PHE 'L-peptide linking' y PHENYLALANINE                                 ? 'C9 H11 N O2'       165.189 
PRO 'L-peptide linking' y PROLINE                                       ? 'C5 H9 N O2'        115.130 
SER 'L-peptide linking' y SERINE                                        ? 'C3 H7 N O3'        105.093 
THR 'L-peptide linking' y THREONINE                                     ? 'C4 H9 N O3'        119.119 
TRP 'L-peptide linking' y TRYPTOPHAN                                    ? 'C11 H12 N2 O2'     204.225 
TYR 'L-peptide linking' y TYROSINE                                      ? 'C9 H11 N O3'       181.189 
VAL 'L-peptide linking' y VALINE                                        ? 'C5 H11 N O2'       117.146 
# 
_exptl.crystals_number   1 
_exptl.entry_id          3OES 
_exptl.method            'X-RAY DIFFRACTION' 
# 
_exptl_crystal.id                    1 
_exptl_crystal.density_percent_sol   40.82 
_exptl_crystal.density_Matthews      2.08 
_exptl_crystal.density_meas          ? 
_exptl_crystal.description           ? 
_exptl_crystal.F_000                 ? 
_exptl_crystal.preparation           ? 
# 
_exptl_crystal_grow.crystal_id      1 
_exptl_crystal_grow.method          'VAPOR DIFFUSION' 
_exptl_crystal_grow.pH              9.5 
_exptl_crystal_grow.temp            291 
_exptl_crystal_grow.pdbx_details    '1.8M sodium formate, 0.1M lysine buffer, pH 9.5, vapor diffusion, temperature 291K' 
_exptl_crystal_grow.temp_details    ? 
_exptl_crystal_grow.pdbx_pH_range   ? 
# 
_diffrn.id                     1 
_diffrn.ambient_temp           100 
_diffrn.ambient_temp_details   ? 
_diffrn.crystal_id             1 
# 
_diffrn_detector.diffrn_id              1 
_diffrn_detector.detector               'IMAGE PLATE' 
_diffrn_detector.type                   'RIGAKU RAXIS' 
_diffrn_detector.pdbx_collection_date   2010-08-10 
_diffrn_detector.details                ? 
# 
_diffrn_radiation.diffrn_id                        1 
_diffrn_radiation.pdbx_diffrn_protocol             'SINGLE WAVELENGTH' 
_diffrn_radiation.monochromator                    ? 
_diffrn_radiation.wavelength_id                    1 
_diffrn_radiation.pdbx_monochromatic_or_laue_m_l   M 
_diffrn_radiation.pdbx_scattering_type             x-ray 
# 
_diffrn_radiation_wavelength.id           1 
_diffrn_radiation_wavelength.wavelength   1.5418 
_diffrn_radiation_wavelength.wt           1.0 
# 
_diffrn_source.diffrn_id                   1 
_diffrn_source.source                      'ROTATING ANODE' 
_diffrn_source.type                        RIGAKU 
_diffrn_source.pdbx_wavelength_list        1.5418 
_diffrn_source.pdbx_wavelength             ? 
_diffrn_source.pdbx_synchrotron_site       ? 
_diffrn_source.pdbx_synchrotron_beamline   ? 
# 
_reflns.entry_id                     3OES 
_reflns.d_resolution_high            2.300 
_reflns.d_resolution_low             50.000 
_reflns.number_obs                   8829 
_reflns.pdbx_Rmerge_I_obs            0.105 
_reflns.pdbx_netI_over_sigmaI        8.600 
_reflns.pdbx_chi_squared             1.790 
_reflns.pdbx_redundancy              7.000 
_reflns.percent_possible_obs         99.900 
_reflns.observed_criterion_sigma_F   ? 
_reflns.observed_criterion_sigma_I   ? 
_reflns.number_all                   ? 
_reflns.pdbx_Rsym_value              ? 
_reflns.B_iso_Wilson_estimate        ? 
_reflns.R_free_details               ? 
_reflns.limit_h_max                  ? 
_reflns.limit_h_min                  ? 
_reflns.limit_k_max                  ? 
_reflns.limit_k_min                  ? 
_reflns.limit_l_max                  ? 
_reflns.limit_l_min                  ? 
_reflns.observed_criterion_F_max     ? 
_reflns.observed_criterion_F_min     ? 
_reflns.pdbx_scaling_rejects         ? 
_reflns.pdbx_diffrn_id               1 
_reflns.pdbx_ordinal                 1 
# 
loop_
_reflns_shell.d_res_high 
_reflns_shell.d_res_low 
_reflns_shell.number_measured_obs 
_reflns_shell.number_measured_all 
_reflns_shell.number_unique_obs 
_reflns_shell.Rmerge_I_obs 
_reflns_shell.meanI_over_sigI_obs 
_reflns_shell.pdbx_Rsym_value 
_reflns_shell.pdbx_chi_squared 
_reflns_shell.pdbx_redundancy 
_reflns_shell.percent_possible_obs 
_reflns_shell.number_unique_all 
_reflns_shell.percent_possible_all 
_reflns_shell.pdbx_diffrn_id 
_reflns_shell.pdbx_ordinal 
2.30 2.34  ? ? ? 0.850 ? ? 1.633 6.80 ? 425 100.00 ? 1  
2.34 2.38  ? ? ? 0.745 ? ? 1.713 7.00 ? 425 100.00 ? 2  
2.38 2.43  ? ? ? 0.714 ? ? 1.728 7.00 ? 442 100.00 ? 3  
2.43 2.48  ? ? ? 0.663 ? ? 1.639 7.00 ? 426 100.00 ? 4  
2.48 2.53  ? ? ? 0.588 ? ? 1.677 7.00 ? 441 100.00 ? 5  
2.53 2.59  ? ? ? 0.451 ? ? 1.737 7.10 ? 430 100.00 ? 6  
2.59 2.66  ? ? ? 0.455 ? ? 1.651 7.10 ? 425 100.00 ? 7  
2.66 2.73  ? ? ? 0.441 ? ? 1.770 7.00 ? 443 100.00 ? 8  
2.73 2.81  ? ? ? 0.370 ? ? 1.798 7.00 ? 443 100.00 ? 9  
2.81 2.90  ? ? ? 0.289 ? ? 1.770 7.10 ? 438 100.00 ? 10 
2.90 3.00  ? ? ? 0.238 ? ? 1.767 7.10 ? 435 100.00 ? 11 
3.00 3.12  ? ? ? 0.179 ? ? 1.777 7.10 ? 427 100.00 ? 12 
3.12 3.26  ? ? ? 0.153 ? ? 1.851 7.10 ? 434 100.00 ? 13 
3.26 3.44  ? ? ? 0.118 ? ? 1.889 7.10 ? 452 100.00 ? 14 
3.44 3.65  ? ? ? 0.090 ? ? 1.895 7.10 ? 444 100.00 ? 15 
3.65 3.93  ? ? ? 0.075 ? ? 2.078 7.00 ? 441 100.00 ? 16 
3.93 4.33  ? ? ? 0.056 ? ? 1.840 7.00 ? 447 100.00 ? 17 
4.33 4.95  ? ? ? 0.045 ? ? 1.807 7.00 ? 455 100.00 ? 18 
4.95 6.24  ? ? ? 0.049 ? ? 1.803 6.80 ? 459 100.00 ? 19 
6.24 50.00 ? ? ? 0.040 ? ? 1.955 6.20 ? 497 98.40  ? 20 
# 
_refine.entry_id                                 3OES 
_refine.ls_d_res_high                            2.301 
_refine.ls_d_res_low                             20.000 
_refine.pdbx_ls_sigma_F                          0.00 
_refine.ls_percent_reflns_obs                    99.523 
_refine.ls_number_reflns_obs                     8770 
_refine.pdbx_ls_cross_valid_method               THROUGHOUT 
_refine.pdbx_R_Free_selection_details            RANDOM 
_refine.details                                  
;HYDROGENS HAVE BEEN ADDED IN THE RIDING POSITIONS. U VALUES REFINED INDIVIDUALLY. Programs chainsaw, coot and the molprobity server were also used during refinement.
;
_refine.ls_R_factor_obs                          0.215 
_refine.ls_R_factor_R_work                       0.212 
_refine.ls_wR_factor_R_work                      0.192 
_refine.ls_R_factor_R_free                       0.271 
_refine.ls_wR_factor_R_free                      0.242 
_refine.ls_percent_reflns_R_free                 4.766 
_refine.ls_number_reflns_R_free                  418 
_refine.B_iso_mean                               32.946 
_refine.aniso_B[1][1]                            -1.669 
_refine.aniso_B[2][2]                            3.182 
_refine.aniso_B[3][3]                            -1.513 
_refine.aniso_B[1][2]                            0.000 
_refine.aniso_B[1][3]                            0.000 
_refine.aniso_B[2][3]                            0.000 
_refine.correlation_coeff_Fo_to_Fc               0.944 
_refine.correlation_coeff_Fo_to_Fc_free          0.911 
_refine.pdbx_overall_ESU_R_Free                  0.245 
_refine.overall_SU_ML                            0.177 
_refine.overall_SU_B                             7.291 
_refine.solvent_model_details                    'MASK BULK SOLVENT' 
_refine.pdbx_solvent_vdw_probe_radii             1.400 
_refine.pdbx_solvent_ion_probe_radii             0.800 
_refine.pdbx_solvent_shrinkage_radii             0.800 
_refine.pdbx_method_to_determine_struct          'MOLECULAR REPLACEMENT' 
_refine.pdbx_stereochemistry_target_values       'MAXIMUM LIKELIHOOD' 
_refine.pdbx_ls_sigma_I                          ? 
_refine.ls_number_reflns_all                     ? 
_refine.ls_R_factor_all                          ? 
_refine.ls_redundancy_reflns_obs                 ? 
_refine.pdbx_data_cutoff_high_absF               ? 
_refine.pdbx_data_cutoff_low_absF                ? 
_refine.ls_number_parameters                     ? 
_refine.ls_number_restraints                     ? 
_refine.ls_R_factor_R_free_error                 ? 
_refine.ls_R_factor_R_free_error_details         ? 
_refine.pdbx_starting_model                      'pdb entry 1xtr' 
_refine.pdbx_stereochem_target_val_spec_case     ? 
_refine.solvent_model_param_bsol                 ? 
_refine.solvent_model_param_ksol                 ? 
_refine.occupancy_max                            ? 
_refine.occupancy_min                            ? 
_refine.pdbx_isotropic_thermal_model             ? 
_refine.B_iso_min                                ? 
_refine.B_iso_max                                ? 
_refine.overall_SU_R_Cruickshank_DPI             ? 
_refine.overall_SU_R_free                        ? 
_refine.pdbx_data_cutoff_high_rms_absF           ? 
_refine.overall_FOM_free_R_set                   ? 
_refine.overall_FOM_work_R_set                   ? 
_refine.pdbx_overall_phase_error                 ? 
_refine.pdbx_refine_id                           'X-RAY DIFFRACTION' 
_refine.pdbx_overall_ESU_R                       ? 
_refine.pdbx_diffrn_id                           1 
_refine.pdbx_TLS_residual_ADP_flag               ? 
_refine.pdbx_overall_SU_R_free_Cruickshank_DPI   ? 
_refine.pdbx_overall_SU_R_Blow_DPI               ? 
_refine.pdbx_overall_SU_R_free_Blow_DPI          ? 
# 
_refine_hist.pdbx_refine_id                   'X-RAY DIFFRACTION' 
_refine_hist.cycle_id                         LAST 
_refine_hist.pdbx_number_atoms_protein        1195 
_refine_hist.pdbx_number_atoms_nucleic_acid   0 
_refine_hist.pdbx_number_atoms_ligand         33 
_refine_hist.number_atoms_solvent             13 
_refine_hist.number_atoms_total               1241 
_refine_hist.d_res_high                       2.301 
_refine_hist.d_res_low                        20.000 
# 
loop_
_refine_ls_restr.type 
_refine_ls_restr.number 
_refine_ls_restr.dev_ideal 
_refine_ls_restr.dev_ideal_target 
_refine_ls_restr.weight 
_refine_ls_restr.pdbx_refine_id 
_refine_ls_restr.pdbx_restraint_function 
r_bond_refined_d       1252 0.015  0.022  ? 'X-RAY DIFFRACTION' ? 
r_bond_other_d         795  0.002  0.020  ? 'X-RAY DIFFRACTION' ? 
r_angle_refined_deg    1705 1.399  1.982  ? 'X-RAY DIFFRACTION' ? 
r_angle_other_deg      1946 0.860  3.000  ? 'X-RAY DIFFRACTION' ? 
r_dihedral_angle_1_deg 154  5.928  5.000  ? 'X-RAY DIFFRACTION' ? 
r_dihedral_angle_2_deg 51   41.483 24.314 ? 'X-RAY DIFFRACTION' ? 
r_dihedral_angle_3_deg 193  15.713 15.000 ? 'X-RAY DIFFRACTION' ? 
r_dihedral_angle_4_deg 4    17.669 15.000 ? 'X-RAY DIFFRACTION' ? 
r_chiral_restr         195  0.071  0.200  ? 'X-RAY DIFFRACTION' ? 
r_gen_planes_refined   1371 0.005  0.020  ? 'X-RAY DIFFRACTION' ? 
r_gen_planes_other     248  0.001  0.020  ? 'X-RAY DIFFRACTION' ? 
r_mcbond_it            775  0.752  1.500  ? 'X-RAY DIFFRACTION' ? 
r_mcbond_other         320  0.111  1.500  ? 'X-RAY DIFFRACTION' ? 
r_mcangle_it           1241 1.474  2.000  ? 'X-RAY DIFFRACTION' ? 
r_scbond_it            477  1.981  3.000  ? 'X-RAY DIFFRACTION' ? 
r_scangle_it           464  3.320  4.500  ? 'X-RAY DIFFRACTION' ? 
# 
loop_
_refine_ls_shell.pdbx_total_number_of_bins_used 
_refine_ls_shell.d_res_low 
_refine_ls_shell.d_res_high 
_refine_ls_shell.number_reflns_all 
_refine_ls_shell.percent_reflns_obs 
_refine_ls_shell.number_reflns_R_work 
_refine_ls_shell.R_factor_R_work 
_refine_ls_shell.number_reflns_R_free 
_refine_ls_shell.R_factor_R_free 
_refine_ls_shell.number_reflns_obs 
_refine_ls_shell.R_factor_R_free_error 
_refine_ls_shell.percent_reflns_R_free 
_refine_ls_shell.redundancy_reflns_obs 
_refine_ls_shell.R_factor_all 
_refine_ls_shell.pdbx_refine_id 
20 2.360  2.301 630 98.889  593 0.269 30 0.263 . . . . . 'X-RAY DIFFRACTION' 
20 2.424  2.360 612 99.673  566 0.247 44 0.302 . . . . . 'X-RAY DIFFRACTION' 
20 2.493  2.424 589 99.491  565 0.250 21 0.214 . . . . . 'X-RAY DIFFRACTION' 
20 2.569  2.493 593 99.494  558 0.239 32 0.363 . . . . . 'X-RAY DIFFRACTION' 
20 2.652  2.569 559 99.821  529 0.241 29 0.257 . . . . . 'X-RAY DIFFRACTION' 
20 2.743  2.652 555 99.820  525 0.245 29 0.317 . . . . . 'X-RAY DIFFRACTION' 
20 2.844  2.743 524 99.237  500 0.224 20 0.325 . . . . . 'X-RAY DIFFRACTION' 
20 2.958  2.844 525 98.857  497 0.226 22 0.281 . . . . . 'X-RAY DIFFRACTION' 
20 3.086  2.958 493 99.391  468 0.230 22 0.260 . . . . . 'X-RAY DIFFRACTION' 
20 3.233  3.086 476 99.580  445 0.202 29 0.303 . . . . . 'X-RAY DIFFRACTION' 
20 3.403  3.233 445 99.775  427 0.209 17 0.282 . . . . . 'X-RAY DIFFRACTION' 
20 3.603  3.403 433 99.538  412 0.189 19 0.228 . . . . . 'X-RAY DIFFRACTION' 
20 3.843  3.603 408 100.000 389 0.199 19 0.213 . . . . . 'X-RAY DIFFRACTION' 
20 4.138  3.843 377 99.469  359 0.186 16 0.172 . . . . . 'X-RAY DIFFRACTION' 
20 4.514  4.138 356 100.000 338 0.167 18 0.248 . . . . . 'X-RAY DIFFRACTION' 
20 5.015  4.514 325 99.692  306 0.186 18 0.252 . . . . . 'X-RAY DIFFRACTION' 
20 5.731  5.015 291 99.656  279 0.206 11 0.341 . . . . . 'X-RAY DIFFRACTION' 
20 6.879  5.731 266 99.624  257 0.260 8  0.361 . . . . . 'X-RAY DIFFRACTION' 
20 9.200  6.879 208 99.038  200 0.210 6  0.285 . . . . . 'X-RAY DIFFRACTION' 
20 20.000 9.200 147 100.000 139 0.234 8  0.318 . . . . . 'X-RAY DIFFRACTION' 
# 
_struct.entry_id                  3OES 
_struct.title                     'Crystal structure of the small GTPase RhebL1' 
_struct.pdbx_model_details        ? 
_struct.pdbx_CASP_flag            ? 
_struct.pdbx_model_type_details   ? 
# 
_struct_keywords.entry_id        3OES 
_struct_keywords.text            'small gtpase, Structural Genomics, Structural Genomics Consortium, SGC, HYDROLASE' 
_struct_keywords.pdbx_keywords   HYDROLASE 
# 
loop_
_struct_asym.id 
_struct_asym.pdbx_blank_PDB_chainid_flag 
_struct_asym.pdbx_modified 
_struct_asym.entity_id 
_struct_asym.details 
A N N 1 ? 
B N N 2 ? 
C N N 3 ? 
D N N 4 ? 
# 
_struct_biol.id        1 
_struct_biol.details   'The authors state that the biological unit is unknown.' 
# 
loop_
_struct_conf.conf_type_id 
_struct_conf.id 
_struct_conf.pdbx_PDB_helix_id 
_struct_conf.beg_label_comp_id 
_struct_conf.beg_label_asym_id 
_struct_conf.beg_label_seq_id 
_struct_conf.pdbx_beg_PDB_ins_code 
_struct_conf.end_label_comp_id 
_struct_conf.end_label_asym_id 
_struct_conf.end_label_seq_id 
_struct_conf.pdbx_end_PDB_ins_code 
_struct_conf.beg_auth_comp_id 
_struct_conf.beg_auth_asym_id 
_struct_conf.beg_auth_seq_id 
_struct_conf.end_auth_comp_id 
_struct_conf.end_auth_asym_id 
_struct_conf.end_auth_seq_id 
_struct_conf.pdbx_PDB_helix_class 
_struct_conf.details 
_struct_conf.pdbx_PDB_helix_length 
HELX_P HELX_P1 1 GLY A 36  ? GLY A 47  ? GLY A 18  GLY A 29  1 ? 12 
HELX_P HELX_P2 2 PRO A 89  ? ILE A 93  ? PRO A 71  ILE A 75  5 ? 5  
HELX_P HELX_P3 3 SER A 107 ? GLU A 123 ? SER A 89  GLU A 105 1 ? 17 
HELX_P HELX_P4 4 LEU A 141 ? ARG A 145 ? LEU A 123 ARG A 127 5 ? 5  
HELX_P HELX_P5 5 GLN A 148 ? GLY A 160 ? GLN A 130 GLY A 142 1 ? 13 
HELX_P HELX_P6 6 GLU A 170 ? VAL A 188 ? GLU A 152 VAL A 170 1 ? 19 
# 
_struct_conf_type.id          HELX_P 
_struct_conf_type.criteria    ? 
_struct_conf_type.reference   ? 
# 
loop_
_struct_conn.id 
_struct_conn.conn_type_id 
_struct_conn.pdbx_leaving_atom_flag 
_struct_conn.pdbx_PDB_id 
_struct_conn.ptnr1_label_asym_id 
_struct_conn.ptnr1_label_comp_id 
_struct_conn.ptnr1_label_seq_id 
_struct_conn.ptnr1_label_atom_id 
_struct_conn.pdbx_ptnr1_label_alt_id 
_struct_conn.pdbx_ptnr1_PDB_ins_code 
_struct_conn.pdbx_ptnr1_standard_comp_id 
_struct_conn.ptnr1_symmetry 
_struct_conn.ptnr2_label_asym_id 
_struct_conn.ptnr2_label_comp_id 
_struct_conn.ptnr2_label_seq_id 
_struct_conn.ptnr2_label_atom_id 
_struct_conn.pdbx_ptnr2_label_alt_id 
_struct_conn.pdbx_ptnr2_PDB_ins_code 
_struct_conn.ptnr1_auth_asym_id 
_struct_conn.ptnr1_auth_comp_id 
_struct_conn.ptnr1_auth_seq_id 
_struct_conn.ptnr2_auth_asym_id 
_struct_conn.ptnr2_auth_comp_id 
_struct_conn.ptnr2_auth_seq_id 
_struct_conn.ptnr2_symmetry 
_struct_conn.pdbx_ptnr3_label_atom_id 
_struct_conn.pdbx_ptnr3_label_seq_id 
_struct_conn.pdbx_ptnr3_label_comp_id 
_struct_conn.pdbx_ptnr3_label_asym_id 
_struct_conn.pdbx_ptnr3_label_alt_id 
_struct_conn.pdbx_ptnr3_PDB_ins_code 
_struct_conn.details 
_struct_conn.pdbx_dist_value 
_struct_conn.pdbx_value_order 
_struct_conn.pdbx_role 
metalc1 metalc ? ? A THR 38 OG1 ? ? ? 1_555 B MG . MG ? ? A THR 20  A MG 202 1_555 ? ? ? ? ? ? ? 2.098 ? ? 
metalc2 metalc ? ? A THR 56 OG1 ? ? ? 1_555 B MG . MG ? ? A THR 38  A MG 202 1_555 ? ? ? ? ? ? ? 2.136 ? ? 
metalc3 metalc ? ? D HOH .  O   ? ? ? 1_555 B MG . MG ? ? A HOH 184 A MG 202 1_555 ? ? ? ? ? ? ? 2.069 ? ? 
metalc4 metalc ? ? D HOH .  O   ? ? ? 1_555 B MG . MG ? ? A HOH 185 A MG 202 1_555 ? ? ? ? ? ? ? 2.039 ? ? 
metalc5 metalc ? ? C GNP .  O2G ? ? ? 1_555 B MG . MG ? ? A GNP 201 A MG 202 1_555 ? ? ? ? ? ? ? 1.987 ? ? 
metalc6 metalc ? ? C GNP .  O2B ? ? ? 1_555 B MG . MG ? ? A GNP 201 A MG 202 1_555 ? ? ? ? ? ? ? 2.119 ? ? 
# 
_struct_conn_type.id          metalc 
_struct_conn_type.criteria    ? 
_struct_conn_type.reference   ? 
# 
_struct_sheet.id               A 
_struct_sheet.type             ? 
_struct_sheet.number_strands   6 
_struct_sheet.details          ? 
# 
loop_
_struct_sheet_order.sheet_id 
_struct_sheet_order.range_id_1 
_struct_sheet_order.range_id_2 
_struct_sheet_order.offset 
_struct_sheet_order.sense 
A 1 2 ? anti-parallel 
A 2 3 ? parallel      
A 3 4 ? parallel      
A 4 5 ? parallel      
A 5 6 ? parallel      
# 
loop_
_struct_sheet_range.sheet_id 
_struct_sheet_range.id 
_struct_sheet_range.beg_label_comp_id 
_struct_sheet_range.beg_label_asym_id 
_struct_sheet_range.beg_label_seq_id 
_struct_sheet_range.pdbx_beg_PDB_ins_code 
_struct_sheet_range.end_label_comp_id 
_struct_sheet_range.end_label_asym_id 
_struct_sheet_range.end_label_seq_id 
_struct_sheet_range.pdbx_end_PDB_ins_code 
_struct_sheet_range.beg_auth_comp_id 
_struct_sheet_range.beg_auth_asym_id 
_struct_sheet_range.beg_auth_seq_id 
_struct_sheet_range.end_auth_comp_id 
_struct_sheet_range.end_auth_asym_id 
_struct_sheet_range.end_auth_seq_id 
A 1 GLU A 58  ? VAL A 65  ? GLU A 40  VAL A 47  
A 2 PHE A 72  ? THR A 79  ? PHE A 54  THR A 61  
A 3 TYR A 24  ? GLY A 31  ? TYR A 6   GLY A 13  
A 4 GLY A 98  ? SER A 104 ? GLY A 80  SER A 86  
A 5 VAL A 132 ? ASN A 137 ? VAL A 114 ASN A 119 
A 6 THR A 162 ? GLU A 165 ? THR A 144 GLU A 147 
# 
loop_
_pdbx_struct_sheet_hbond.sheet_id 
_pdbx_struct_sheet_hbond.range_id_1 
_pdbx_struct_sheet_hbond.range_id_2 
_pdbx_struct_sheet_hbond.range_1_label_atom_id 
_pdbx_struct_sheet_hbond.range_1_label_comp_id 
_pdbx_struct_sheet_hbond.range_1_label_asym_id 
_pdbx_struct_sheet_hbond.range_1_label_seq_id 
_pdbx_struct_sheet_hbond.range_1_PDB_ins_code 
_pdbx_struct_sheet_hbond.range_1_auth_atom_id 
_pdbx_struct_sheet_hbond.range_1_auth_comp_id 
_pdbx_struct_sheet_hbond.range_1_auth_asym_id 
_pdbx_struct_sheet_hbond.range_1_auth_seq_id 
_pdbx_struct_sheet_hbond.range_2_label_atom_id 
_pdbx_struct_sheet_hbond.range_2_label_comp_id 
_pdbx_struct_sheet_hbond.range_2_label_asym_id 
_pdbx_struct_sheet_hbond.range_2_label_seq_id 
_pdbx_struct_sheet_hbond.range_2_PDB_ins_code 
_pdbx_struct_sheet_hbond.range_2_auth_atom_id 
_pdbx_struct_sheet_hbond.range_2_auth_comp_id 
_pdbx_struct_sheet_hbond.range_2_auth_asym_id 
_pdbx_struct_sheet_hbond.range_2_auth_seq_id 
A 1 2 N TYR A 61  ? N TYR A 43  O LEU A 76  ? O LEU A 58  
A 2 3 O VAL A 77  ? O VAL A 59  N VAL A 27  ? N VAL A 9   
A 3 4 N LEU A 30  ? N LEU A 12  O VAL A 102 ? O VAL A 84  
A 4 5 N TYR A 103 ? N TYR A 85  O ASN A 137 ? O ASN A 119 
A 5 6 N LEU A 134 ? N LEU A 116 O THR A 162 ? O THR A 144 
# 
loop_
_struct_site.id 
_struct_site.pdbx_evidence_code 
_struct_site.pdbx_auth_asym_id 
_struct_site.pdbx_auth_comp_id 
_struct_site.pdbx_auth_seq_id 
_struct_site.pdbx_auth_ins_code 
_struct_site.pdbx_num_residues 
_struct_site.details 
AC1 Software A MG  202 ? 5  'BINDING SITE FOR RESIDUE MG A 202'  
AC2 Software A GNP 201 ? 26 'BINDING SITE FOR RESIDUE GNP A 201' 
# 
loop_
_struct_site_gen.id 
_struct_site_gen.site_id 
_struct_site_gen.pdbx_num_res 
_struct_site_gen.label_comp_id 
_struct_site_gen.label_asym_id 
_struct_site_gen.label_seq_id 
_struct_site_gen.pdbx_auth_ins_code 
_struct_site_gen.auth_comp_id 
_struct_site_gen.auth_asym_id 
_struct_site_gen.auth_seq_id 
_struct_site_gen.label_atom_id 
_struct_site_gen.label_alt_id 
_struct_site_gen.symmetry 
_struct_site_gen.details 
1  AC1 5  THR A 38  ? THR A 20  . ? 1_555 ? 
2  AC1 5  THR A 56  ? THR A 38  . ? 1_555 ? 
3  AC1 5  HOH D .   ? HOH A 184 . ? 1_555 ? 
4  AC1 5  HOH D .   ? HOH A 185 . ? 1_555 ? 
5  AC1 5  GNP C .   ? GNP A 201 . ? 1_555 ? 
6  AC2 26 ARG A 33  ? ARG A 15  . ? 1_555 ? 
7  AC2 26 CYS A 34  ? CYS A 16  . ? 1_555 ? 
8  AC2 26 VAL A 35  ? VAL A 17  . ? 1_555 ? 
9  AC2 26 GLY A 36  ? GLY A 18  . ? 1_555 ? 
10 AC2 26 LYS A 37  ? LYS A 19  . ? 1_555 ? 
11 AC2 26 THR A 38  ? THR A 20  . ? 1_555 ? 
12 AC2 26 SER A 39  ? SER A 21  . ? 1_555 ? 
13 AC2 26 PHE A 49  ? PHE A 31  . ? 1_555 ? 
14 AC2 26 SER A 50  ? SER A 32  . ? 1_555 ? 
15 AC2 26 GLU A 51  ? GLU A 33  . ? 1_555 ? 
16 AC2 26 GLY A 52  ? GLY A 34  . ? 1_555 ? 
17 AC2 26 TYR A 53  ? TYR A 35  . ? 1_555 ? 
18 AC2 26 PRO A 55  ? PRO A 37  . ? 1_555 ? 
19 AC2 26 THR A 56  ? THR A 38  . ? 1_555 ? 
20 AC2 26 GLY A 81  ? GLY A 63  . ? 1_555 ? 
21 AC2 26 ASN A 137 ? ASN A 119 . ? 1_555 ? 
22 AC2 26 LYS A 138 ? LYS A 120 . ? 1_555 ? 
23 AC2 26 ASP A 140 ? ASP A 122 . ? 1_555 ? 
24 AC2 26 LEU A 141 ? LEU A 123 . ? 1_555 ? 
25 AC2 26 SER A 167 ? SER A 149 . ? 1_555 ? 
26 AC2 26 ALA A 168 ? ALA A 150 . ? 1_555 ? 
27 AC2 26 ARG A 169 ? ARG A 151 . ? 1_555 ? 
28 AC2 26 LEU A 173 ? LEU A 155 . ? 6_455 ? 
29 AC2 26 HOH D .   ? HOH A 185 . ? 1_555 ? 
30 AC2 26 HOH D .   ? HOH A 188 . ? 1_555 ? 
31 AC2 26 MG  B .   ? MG  A 202 . ? 1_555 ? 
# 
_atom_sites.entry_id                    3OES 
_atom_sites.fract_transf_matrix[1][1]   -0.00421237 
_atom_sites.fract_transf_matrix[1][2]   -0.00721326 
_atom_sites.fract_transf_matrix[1][3]   -0.01093698 
_atom_sites.fract_transf_matrix[2][1]   -0.00343697 
_atom_sites.fract_transf_matrix[2][2]   -0.00524812 
_atom_sites.fract_transf_matrix[2][3]   0.00478503 
_atom_sites.fract_transf_matrix[3][1]   -0.02046825 
_atom_sites.fract_transf_matrix[3][2]   0.01285946 
_atom_sites.fract_transf_matrix[3][3]   -0.00059786 
_atom_sites.fract_transf_vector[1]      -0.240639 
_atom_sites.fract_transf_vector[2]      0.161747 
_atom_sites.fract_transf_vector[3]      -0.119481 
# 
loop_
_atom_type.symbol 
C  
MG 
N  
O  
P  
S  
# 
loop_
_atom_site.group_PDB 
_atom_site.id 
_atom_site.type_symbol 
_atom_site.label_atom_id 
_atom_site.label_alt_id 
_atom_site.label_comp_id 
_atom_site.label_asym_id 
_atom_site.label_entity_id 
_atom_site.label_seq_id 
_atom_site.pdbx_PDB_ins_code 
_atom_site.Cartn_x 
_atom_site.Cartn_y 
_atom_site.Cartn_z 
_atom_site.occupancy 
_atom_site.B_iso_or_equiv 
_atom_site.pdbx_formal_charge 
_atom_site.auth_seq_id 
_atom_site.auth_comp_id 
_atom_site.auth_asym_id 
_atom_site.auth_atom_id 
_atom_site.pdbx_PDB_model_num 
ATOM   1    N  N     . ARG A 1 23  ? 18.718  9.443   5.749   1.00 51.82 ? 5   ARG A N     1 
ATOM   2    C  CA    . ARG A 1 23  ? 18.197  9.426   4.347   1.00 52.00 ? 5   ARG A CA    1 
ATOM   3    C  C     . ARG A 1 23  ? 16.662  9.647   4.270   1.00 51.97 ? 5   ARG A C     1 
ATOM   4    O  O     . ARG A 1 23  ? 15.869  8.780   4.676   1.00 52.37 ? 5   ARG A O     1 
ATOM   5    C  CB    . ARG A 1 23  ? 18.578  8.100   3.653   1.00 52.30 ? 5   ARG A CB    1 
ATOM   6    C  CG    . ARG A 1 23  ? 19.836  8.158   2.757   1.00 52.24 ? 5   ARG A CG    1 
ATOM   7    N  N     . TYR A 1 24  ? 16.257  10.789  3.721   1.00 51.41 ? 6   TYR A N     1 
ATOM   8    C  CA    . TYR A 1 24  ? 14.843  11.126  3.550   1.00 51.38 ? 6   TYR A CA    1 
ATOM   9    C  C     . TYR A 1 24  ? 14.172  10.422  2.360   1.00 50.87 ? 6   TYR A C     1 
ATOM   10   O  O     . TYR A 1 24  ? 14.594  10.609  1.208   1.00 51.06 ? 6   TYR A O     1 
ATOM   11   C  CB    . TYR A 1 24  ? 14.672  12.631  3.335   1.00 51.59 ? 6   TYR A CB    1 
ATOM   12   C  CG    . TYR A 1 24  ? 13.269  12.976  2.924   1.00 52.80 ? 6   TYR A CG    1 
ATOM   13   C  CD1   . TYR A 1 24  ? 12.937  13.154  1.580   1.00 54.07 ? 6   TYR A CD1   1 
ATOM   14   C  CD2   . TYR A 1 24  ? 12.263  13.082  3.873   1.00 54.35 ? 6   TYR A CD2   1 
ATOM   15   C  CE1   . TYR A 1 24  ? 11.637  13.456  1.196   1.00 55.36 ? 6   TYR A CE1   1 
ATOM   16   C  CE2   . TYR A 1 24  ? 10.960  13.382  3.511   1.00 54.98 ? 6   TYR A CE2   1 
ATOM   17   C  CZ    . TYR A 1 24  ? 10.642  13.568  2.174   1.00 56.30 ? 6   TYR A CZ    1 
ATOM   18   O  OH    . TYR A 1 24  ? 9.333   13.872  1.819   1.00 56.90 ? 6   TYR A OH    1 
ATOM   19   N  N     . ARG A 1 25  ? 13.092  9.673   2.615   1.00 49.61 ? 7   ARG A N     1 
ATOM   20   C  CA    . ARG A 1 25  ? 12.380  9.004   1.525   1.00 48.46 ? 7   ARG A CA    1 
ATOM   21   C  C     . ARG A 1 25  ? 10.879  9.139   1.668   1.00 46.81 ? 7   ARG A C     1 
ATOM   22   O  O     . ARG A 1 25  ? 10.332  8.974   2.763   1.00 46.29 ? 7   ARG A O     1 
ATOM   23   C  CB    . ARG A 1 25  ? 12.781  7.527   1.439   1.00 49.26 ? 7   ARG A CB    1 
ATOM   24   C  CG    . ARG A 1 25  ? 14.290  7.264   1.118   1.00 51.05 ? 7   ARG A CG    1 
ATOM   25   C  CD    . ARG A 1 25  ? 14.702  7.681   -0.318  1.00 54.45 ? 7   ARG A CD    1 
ATOM   26   N  NE    . ARG A 1 25  ? 16.154  7.578   -0.538  1.00 56.52 ? 7   ARG A NE    1 
ATOM   27   C  CZ    . ARG A 1 25  ? 17.042  8.558   -0.329  1.00 59.26 ? 7   ARG A CZ    1 
ATOM   28   N  NH1   . ARG A 1 25  ? 16.664  9.756   0.092   1.00 60.80 ? 7   ARG A NH1   1 
ATOM   29   N  NH2   . ARG A 1 25  ? 18.334  8.342   -0.550  1.00 60.77 ? 7   ARG A NH2   1 
ATOM   30   N  N     . LYS A 1 26  ? 10.225  9.443   0.542   1.00 45.09 ? 8   LYS A N     1 
ATOM   31   C  CA    . LYS A 1 26  ? 8.765   9.612   0.455   1.00 43.43 ? 8   LYS A CA    1 
ATOM   32   C  C     . LYS A 1 26  ? 8.080   8.383   -0.189  1.00 41.05 ? 8   LYS A C     1 
ATOM   33   O  O     . LYS A 1 26  ? 8.395   8.001   -1.333  1.00 40.60 ? 8   LYS A O     1 
ATOM   34   C  CB    . LYS A 1 26  ? 8.419   10.875  -0.355  1.00 43.84 ? 8   LYS A CB    1 
ATOM   35   C  CG    . LYS A 1 26  ? 6.893   11.168  -0.398  1.00 46.23 ? 8   LYS A CG    1 
ATOM   36   C  CD    . LYS A 1 26  ? 6.526   12.696  -0.410  1.00 49.60 ? 8   LYS A CD    1 
ATOM   37   C  CE    . LYS A 1 26  ? 6.288   13.256  -1.820  1.00 51.40 ? 8   LYS A CE    1 
ATOM   38   N  NZ    . LYS A 1 26  ? 6.063   14.759  -1.829  1.00 52.21 ? 8   LYS A NZ    1 
ATOM   39   N  N     . VAL A 1 27  ? 7.151   7.776   0.539   1.00 38.08 ? 9   VAL A N     1 
ATOM   40   C  CA    . VAL A 1 27  ? 6.408   6.640   0.014   1.00 36.42 ? 9   VAL A CA    1 
ATOM   41   C  C     . VAL A 1 27  ? 4.918   6.978   -0.004  1.00 34.90 ? 9   VAL A C     1 
ATOM   42   O  O     . VAL A 1 27  ? 4.408   7.491   0.961   1.00 34.00 ? 9   VAL A O     1 
ATOM   43   C  CB    . VAL A 1 27  ? 6.693   5.368   0.838   1.00 36.09 ? 9   VAL A CB    1 
ATOM   44   C  CG1   . VAL A 1 27  ? 5.718   4.245   0.447   1.00 36.25 ? 9   VAL A CG1   1 
ATOM   45   C  CG2   . VAL A 1 27  ? 8.140   4.942   0.637   1.00 33.79 ? 9   VAL A CG2   1 
ATOM   46   N  N     . VAL A 1 28  ? 4.244   6.704   -1.126  1.00 34.00 ? 10  VAL A N     1 
ATOM   47   C  CA    . VAL A 1 28  ? 2.819   6.979   -1.282  1.00 33.13 ? 10  VAL A CA    1 
ATOM   48   C  C     . VAL A 1 28  ? 2.047   5.693   -1.196  1.00 32.46 ? 10  VAL A C     1 
ATOM   49   O  O     . VAL A 1 28  ? 2.351   4.778   -1.926  1.00 32.28 ? 10  VAL A O     1 
ATOM   50   C  CB    . VAL A 1 28  ? 2.515   7.647   -2.643  1.00 33.37 ? 10  VAL A CB    1 
ATOM   51   C  CG1   . VAL A 1 28  ? 0.972   7.666   -2.936  1.00 32.01 ? 10  VAL A CG1   1 
ATOM   52   C  CG2   . VAL A 1 28  ? 3.104   9.068   -2.662  1.00 33.28 ? 10  VAL A CG2   1 
ATOM   53   N  N     . ILE A 1 29  ? 1.042   5.634   -0.307  1.00 31.79 ? 11  ILE A N     1 
ATOM   54   C  CA    . ILE A 1 29  ? 0.135   4.480   -0.208  1.00 30.89 ? 11  ILE A CA    1 
ATOM   55   C  C     . ILE A 1 29  ? -1.105  4.802   -1.013  1.00 30.69 ? 11  ILE A C     1 
ATOM   56   O  O     . ILE A 1 29  ? -1.765  5.793   -0.753  1.00 30.33 ? 11  ILE A O     1 
ATOM   57   C  CB    . ILE A 1 29  ? -0.279  4.173   1.253   1.00 30.67 ? 11  ILE A CB    1 
ATOM   58   C  CG1   . ILE A 1 29  ? 0.951   3.939   2.127   1.00 30.32 ? 11  ILE A CG1   1 
ATOM   59   C  CG2   . ILE A 1 29  ? -1.169  2.951   1.318   1.00 29.29 ? 11  ILE A CG2   1 
ATOM   60   C  CD1   . ILE A 1 29  ? 0.711   4.206   3.584   1.00 27.61 ? 11  ILE A CD1   1 
ATOM   61   N  N     . LEU A 1 30  ? -1.407  3.959   -1.993  1.00 30.95 ? 12  LEU A N     1 
ATOM   62   C  CA    . LEU A 1 30  ? -2.564  4.105   -2.880  1.00 31.11 ? 12  LEU A CA    1 
ATOM   63   C  C     . LEU A 1 30  ? -3.459  2.898   -2.819  1.00 30.21 ? 12  LEU A C     1 
ATOM   64   O  O     . LEU A 1 30  ? -2.982  1.756   -2.722  1.00 30.12 ? 12  LEU A O     1 
ATOM   65   C  CB    . LEU A 1 30  ? -2.117  4.123   -4.332  1.00 32.09 ? 12  LEU A CB    1 
ATOM   66   C  CG    . LEU A 1 30  ? -1.603  5.380   -4.997  1.00 35.21 ? 12  LEU A CG    1 
ATOM   67   C  CD1   . LEU A 1 30  ? -1.191  5.016   -6.439  1.00 35.75 ? 12  LEU A CD1   1 
ATOM   68   C  CD2   . LEU A 1 30  ? -2.700  6.456   -4.954  1.00 37.93 ? 12  LEU A CD2   1 
ATOM   69   N  N     . GLY A 1 31  ? -4.740  3.129   -3.014  1.00 29.25 ? 13  GLY A N     1 
ATOM   70   C  CA    . GLY A 1 31  ? -5.662  2.051   -3.232  1.00 29.19 ? 13  GLY A CA    1 
ATOM   71   C  C     . GLY A 1 31  ? -7.104  2.502   -3.286  1.00 29.81 ? 13  GLY A C     1 
ATOM   72   O  O     . GLY A 1 31  ? -7.447  3.655   -3.052  1.00 29.58 ? 13  GLY A O     1 
ATOM   73   N  N     . TYR A 1 32  ? -7.958  1.555   -3.590  1.00 30.65 ? 14  TYR A N     1 
ATOM   74   C  CA    . TYR A 1 32  ? -9.369  1.757   -3.464  1.00 31.31 ? 14  TYR A CA    1 
ATOM   75   C  C     . TYR A 1 32  ? -9.700  2.160   -2.033  1.00 31.36 ? 14  TYR A C     1 
ATOM   76   O  O     . TYR A 1 32  ? -8.905  1.984   -1.144  1.00 31.70 ? 14  TYR A O     1 
ATOM   77   C  CB    . TYR A 1 32  ? -10.066 0.474   -3.850  1.00 31.25 ? 14  TYR A CB    1 
ATOM   78   C  CG    . TYR A 1 32  ? -11.551 0.591   -4.028  1.00 32.76 ? 14  TYR A CG    1 
ATOM   79   C  CD1   . TYR A 1 32  ? -12.102 1.566   -4.850  1.00 33.82 ? 14  TYR A CD1   1 
ATOM   80   C  CD2   . TYR A 1 32  ? -12.397 -0.313  -3.432  1.00 32.16 ? 14  TYR A CD2   1 
ATOM   81   C  CE1   . TYR A 1 32  ? -13.469 1.644   -5.023  1.00 35.38 ? 14  TYR A CE1   1 
ATOM   82   C  CE2   . TYR A 1 32  ? -13.726 -0.236  -3.595  1.00 32.97 ? 14  TYR A CE2   1 
ATOM   83   C  CZ    . TYR A 1 32  ? -14.264 0.739   -4.393  1.00 34.04 ? 14  TYR A CZ    1 
ATOM   84   O  OH    . TYR A 1 32  ? -15.628 0.797   -4.555  1.00 36.72 ? 14  TYR A OH    1 
ATOM   85   N  N     . ARG A 1 33  ? -10.869 2.730   -1.809  1.00 31.89 ? 15  ARG A N     1 
ATOM   86   C  CA    . ARG A 1 33  ? -11.234 3.055   -0.458  1.00 32.33 ? 15  ARG A CA    1 
ATOM   87   C  C     . ARG A 1 33  ? -11.587 1.812   0.370   1.00 31.01 ? 15  ARG A C     1 
ATOM   88   O  O     . ARG A 1 33  ? -12.036 0.807   -0.164  1.00 30.49 ? 15  ARG A O     1 
ATOM   89   C  CB    . ARG A 1 33  ? -12.326 4.130   -0.383  1.00 33.43 ? 15  ARG A CB    1 
ATOM   90   C  CG    . ARG A 1 33  ? -13.244 4.200   -1.519  1.00 36.63 ? 15  ARG A CG    1 
ATOM   91   C  CD    . ARG A 1 33  ? -14.446 5.175   -1.234  1.00 40.60 ? 15  ARG A CD    1 
ATOM   92   N  NE    . ARG A 1 33  ? -15.619 4.647   -1.929  1.00 43.48 ? 15  ARG A NE    1 
ATOM   93   C  CZ    . ARG A 1 33  ? -15.729 4.594   -3.253  1.00 46.01 ? 15  ARG A CZ    1 
ATOM   94   N  NH1   . ARG A 1 33  ? -14.759 5.073   -4.047  1.00 47.50 ? 15  ARG A NH1   1 
ATOM   95   N  NH2   . ARG A 1 33  ? -16.818 4.074   -3.793  1.00 46.73 ? 15  ARG A NH2   1 
ATOM   96   N  N     . CYS A 1 34  ? -11.319 1.902   1.669   1.00 30.28 ? 16  CYS A N     1 
ATOM   97   C  CA    . CYS A 1 34  ? -11.667 0.876   2.648   1.00 30.48 ? 16  CYS A CA    1 
ATOM   98   C  C     . CYS A 1 34  ? -10.830 -0.423  2.605   1.00 28.86 ? 16  CYS A C     1 
ATOM   99   O  O     . CYS A 1 34  ? -11.165 -1.416  3.304   1.00 28.84 ? 16  CYS A O     1 
ATOM   100  C  CB    . CYS A 1 34  ? -13.152 0.556   2.537   1.00 30.96 ? 16  CYS A CB    1 
ATOM   101  S  SG    . CYS A 1 34  ? -14.187 2.042   2.745   1.00 36.98 ? 16  CYS A SG    1 
ATOM   102  N  N     . VAL A 1 35  ? -9.745  -0.414  1.829   1.00 26.96 ? 17  VAL A N     1 
ATOM   103  C  CA    . VAL A 1 35  ? -8.811  -1.580  1.757   1.00 25.54 ? 17  VAL A CA    1 
ATOM   104  C  C     . VAL A 1 35  ? -7.839  -1.675  2.944   1.00 25.42 ? 17  VAL A C     1 
ATOM   105  O  O     . VAL A 1 35  ? -7.216  -2.721  3.156   1.00 25.60 ? 17  VAL A O     1 
ATOM   106  C  CB    . VAL A 1 35  ? -8.032  -1.635  0.412   1.00 25.25 ? 17  VAL A CB    1 
ATOM   107  C  CG1   . VAL A 1 35  ? -9.002  -1.689  -0.760  1.00 23.09 ? 17  VAL A CG1   1 
ATOM   108  C  CG2   . VAL A 1 35  ? -7.077  -0.436  0.258   1.00 23.63 ? 17  VAL A CG2   1 
ATOM   109  N  N     . GLY A 1 36  ? -7.727  -0.608  3.734   1.00 25.50 ? 18  GLY A N     1 
ATOM   110  C  CA    . GLY A 1 36  ? -6.911  -0.621  4.945   1.00 25.26 ? 18  GLY A CA    1 
ATOM   111  C  C     . GLY A 1 36  ? -5.607  0.158   4.852   1.00 25.86 ? 18  GLY A C     1 
ATOM   112  O  O     . GLY A 1 36  ? -4.670  -0.124  5.591   1.00 25.47 ? 18  GLY A O     1 
ATOM   113  N  N     . LYS A 1 37  ? -5.550  1.154   3.965   1.00 26.37 ? 19  LYS A N     1 
ATOM   114  C  CA    . LYS A 1 37  ? -4.338  1.959   3.785   1.00 27.05 ? 19  LYS A CA    1 
ATOM   115  C  C     . LYS A 1 37  ? -3.951  2.619   5.107   1.00 27.33 ? 19  LYS A C     1 
ATOM   116  O  O     . LYS A 1 37  ? -2.858  2.374   5.637   1.00 28.19 ? 19  LYS A O     1 
ATOM   117  C  CB    . LYS A 1 37  ? -4.536  3.031   2.715   1.00 26.91 ? 19  LYS A CB    1 
ATOM   118  C  CG    . LYS A 1 37  ? -4.885  2.468   1.306   1.00 27.78 ? 19  LYS A CG    1 
ATOM   119  C  CD    . LYS A 1 37  ? -5.242  3.586   0.282   1.00 29.77 ? 19  LYS A CD    1 
ATOM   120  C  CE    . LYS A 1 37  ? -6.586  4.366   0.620   1.00 28.22 ? 19  LYS A CE    1 
ATOM   121  N  NZ    . LYS A 1 37  ? -7.829  3.665   0.205   1.00 27.24 ? 19  LYS A NZ    1 
ATOM   122  N  N     . THR A 1 38  ? -4.860  3.431   5.643   1.00 26.98 ? 20  THR A N     1 
ATOM   123  C  CA    . THR A 1 38  ? -4.643  4.111   6.913   1.00 26.51 ? 20  THR A CA    1 
ATOM   124  C  C     . THR A 1 38  ? -4.354  3.135   8.041   1.00 26.41 ? 20  THR A C     1 
ATOM   125  O  O     . THR A 1 38  ? -3.459  3.400   8.872   1.00 26.42 ? 20  THR A O     1 
ATOM   126  C  CB    . THR A 1 38  ? -5.874  4.994   7.349   1.00 26.93 ? 20  THR A CB    1 
ATOM   127  O  OG1   . THR A 1 38  ? -6.143  5.986   6.337   1.00 24.91 ? 20  THR A OG1   1 
ATOM   128  C  CG2   . THR A 1 38  ? -5.581  5.682   8.691   1.00 24.73 ? 20  THR A CG2   1 
ATOM   129  N  N     . SER A 1 39  ? -5.096  2.031   8.106   1.00 25.44 ? 21  SER A N     1 
ATOM   130  C  CA    . SER A 1 39  ? -4.825  1.039   9.168   1.00 25.43 ? 21  SER A CA    1 
ATOM   131  C  C     . SER A 1 39  ? -3.428  0.420   9.020   1.00 25.36 ? 21  SER A C     1 
ATOM   132  O  O     . SER A 1 39  ? -2.729  0.212   10.001  1.00 25.04 ? 21  SER A O     1 
ATOM   133  C  CB    . SER A 1 39  ? -5.886  -0.050  9.212   1.00 25.16 ? 21  SER A CB    1 
ATOM   134  O  OG    . SER A 1 39  ? -7.157  0.526   9.290   1.00 23.65 ? 21  SER A OG    1 
ATOM   135  N  N     . LEU A 1 40  ? -3.003  0.148   7.806   1.00 26.07 ? 22  LEU A N     1 
ATOM   136  C  CA    . LEU A 1 40  ? -1.609  -0.319  7.630   1.00 27.30 ? 22  LEU A CA    1 
ATOM   137  C  C     . LEU A 1 40  ? -0.597  0.698   8.189   1.00 28.29 ? 22  LEU A C     1 
ATOM   138  O  O     . LEU A 1 40  ? 0.209   0.366   9.072   1.00 28.30 ? 22  LEU A O     1 
ATOM   139  C  CB    . LEU A 1 40  ? -1.301  -0.649  6.164   1.00 26.82 ? 22  LEU A CB    1 
ATOM   140  C  CG    . LEU A 1 40  ? -1.977  -1.954  5.732   1.00 25.80 ? 22  LEU A CG    1 
ATOM   141  C  CD1   . LEU A 1 40  ? -1.856  -2.151  4.234   1.00 24.29 ? 22  LEU A CD1   1 
ATOM   142  C  CD2   . LEU A 1 40  ? -1.433  -3.158  6.532   1.00 24.45 ? 22  LEU A CD2   1 
ATOM   143  N  N     . ALA A 1 41  ? -0.663  1.935   7.688   1.00 29.32 ? 23  ALA A N     1 
ATOM   144  C  CA    . ALA A 1 41  ? 0.256   3.005   8.122   1.00 30.05 ? 23  ALA A CA    1 
ATOM   145  C  C     . ALA A 1 41  ? 0.218   3.220   9.646   1.00 30.80 ? 23  ALA A C     1 
ATOM   146  O  O     . ALA A 1 41  ? 1.254   3.375   10.282  1.00 30.34 ? 23  ALA A O     1 
ATOM   147  C  CB    . ALA A 1 41  ? -0.050  4.309   7.387   1.00 29.47 ? 23  ALA A CB    1 
ATOM   148  N  N     . HIS A 1 42  ? -0.979  3.226   10.218  1.00 32.52 ? 24  HIS A N     1 
ATOM   149  C  CA    . HIS A 1 42  ? -1.133  3.397   11.660  1.00 33.53 ? 24  HIS A CA    1 
ATOM   150  C  C     . HIS A 1 42  ? -0.588  2.203   12.487  1.00 33.84 ? 24  HIS A C     1 
ATOM   151  O  O     . HIS A 1 42  ? -0.004  2.414   13.550  1.00 33.98 ? 24  HIS A O     1 
ATOM   152  C  CB    . HIS A 1 42  ? -2.572  3.655   12.030  1.00 34.12 ? 24  HIS A CB    1 
ATOM   153  C  CG    . HIS A 1 42  ? -2.712  4.498   13.250  1.00 37.42 ? 24  HIS A CG    1 
ATOM   154  N  ND1   . HIS A 1 42  ? -2.827  5.873   13.195  1.00 41.44 ? 24  HIS A ND1   1 
ATOM   155  C  CD2   . HIS A 1 42  ? -2.711  4.170   14.565  1.00 39.66 ? 24  HIS A CD2   1 
ATOM   156  C  CE1   . HIS A 1 42  ? -2.900  6.352   14.427  1.00 41.84 ? 24  HIS A CE1   1 
ATOM   157  N  NE2   . HIS A 1 42  ? -2.839  5.339   15.274  1.00 40.12 ? 24  HIS A NE2   1 
ATOM   158  N  N     . GLN A 1 43  ? -0.778  0.967   12.017  1.00 33.95 ? 25  GLN A N     1 
ATOM   159  C  CA    . GLN A 1 43  ? -0.167  -0.208  12.676  1.00 33.89 ? 25  GLN A CA    1 
ATOM   160  C  C     . GLN A 1 43  ? 1.347   -0.038  12.652  1.00 33.85 ? 25  GLN A C     1 
ATOM   161  O  O     . GLN A 1 43  ? 1.992   -0.073  13.687  1.00 33.40 ? 25  GLN A O     1 
ATOM   162  C  CB    . GLN A 1 43  ? -0.571  -1.533  11.995  1.00 33.96 ? 25  GLN A CB    1 
ATOM   163  C  CG    . GLN A 1 43  ? 0.011   -2.818  12.637  1.00 32.83 ? 25  GLN A CG    1 
ATOM   164  C  CD    . GLN A 1 43  ? -0.316  -2.946  14.124  1.00 33.25 ? 25  GLN A CD    1 
ATOM   165  O  OE1   . GLN A 1 43  ? 0.572   -2.822  14.983  1.00 35.09 ? 25  GLN A OE1   1 
ATOM   166  N  NE2   . GLN A 1 43  ? -1.593  -3.169  14.437  1.00 30.23 ? 25  GLN A NE2   1 
ATOM   167  N  N     . PHE A 1 44  ? 1.897   0.184   11.469  1.00 33.96 ? 26  PHE A N     1 
ATOM   168  C  CA    . PHE A 1 44  ? 3.332   0.347   11.319  1.00 34.32 ? 26  PHE A CA    1 
ATOM   169  C  C     . PHE A 1 44  ? 3.956   1.423   12.208  1.00 35.04 ? 26  PHE A C     1 
ATOM   170  O  O     . PHE A 1 44  ? 4.990   1.202   12.802  1.00 34.94 ? 26  PHE A O     1 
ATOM   171  C  CB    . PHE A 1 44  ? 3.672   0.656   9.879   1.00 34.49 ? 26  PHE A CB    1 
ATOM   172  C  CG    . PHE A 1 44  ? 5.129   0.838   9.646   1.00 35.61 ? 26  PHE A CG    1 
ATOM   173  C  CD1   . PHE A 1 44  ? 6.040   -0.124  10.075  1.00 36.61 ? 26  PHE A CD1   1 
ATOM   174  C  CD2   . PHE A 1 44  ? 5.606   1.966   9.006   1.00 35.53 ? 26  PHE A CD2   1 
ATOM   175  C  CE1   . PHE A 1 44  ? 7.394   0.046   9.861   1.00 37.42 ? 26  PHE A CE1   1 
ATOM   176  C  CE2   . PHE A 1 44  ? 6.971   2.135   8.789   1.00 36.32 ? 26  PHE A CE2   1 
ATOM   177  C  CZ    . PHE A 1 44  ? 7.858   1.191   9.215   1.00 36.65 ? 26  PHE A CZ    1 
ATOM   178  N  N     . VAL A 1 45  ? 3.342   2.596   12.269  1.00 35.98 ? 27  VAL A N     1 
ATOM   179  C  CA    . VAL A 1 45  ? 3.943   3.743   12.929  1.00 36.28 ? 27  VAL A CA    1 
ATOM   180  C  C     . VAL A 1 45  ? 3.589   3.829   14.392  1.00 37.35 ? 27  VAL A C     1 
ATOM   181  O  O     . VAL A 1 45  ? 4.444   4.153   15.188  1.00 38.74 ? 27  VAL A O     1 
ATOM   182  C  CB    . VAL A 1 45  ? 3.525   5.081   12.272  1.00 35.98 ? 27  VAL A CB    1 
ATOM   183  C  CG1   . VAL A 1 45  ? 3.845   6.237   13.215  1.00 35.52 ? 27  VAL A CG1   1 
ATOM   184  C  CG2   . VAL A 1 45  ? 4.211   5.253   10.914  1.00 34.92 ? 27  VAL A CG2   1 
ATOM   185  N  N     . GLU A 1 46  ? 2.328   3.608   14.742  1.00 38.07 ? 28  GLU A N     1 
ATOM   186  C  CA    . GLU A 1 46  ? 1.877   3.707   16.148  1.00 38.78 ? 28  GLU A CA    1 
ATOM   187  C  C     . GLU A 1 46  ? 1.672   2.371   16.860  1.00 37.93 ? 28  GLU A C     1 
ATOM   188  O  O     . GLU A 1 46  ? 1.429   2.374   18.045  1.00 37.71 ? 28  GLU A O     1 
ATOM   189  C  CB    . GLU A 1 46  ? 0.564   4.489   16.237  1.00 39.15 ? 28  GLU A CB    1 
ATOM   190  C  CG    . GLU A 1 46  ? 0.649   5.928   15.708  1.00 43.13 ? 28  GLU A CG    1 
ATOM   191  C  CD    . GLU A 1 46  ? 1.666   6.779   16.465  1.00 47.74 ? 28  GLU A CD    1 
ATOM   192  O  OE1   . GLU A 1 46  ? 1.826   6.610   17.710  1.00 49.52 ? 28  GLU A OE1   1 
ATOM   193  O  OE2   . GLU A 1 46  ? 2.313   7.614   15.796  1.00 52.25 ? 28  GLU A OE2   1 
ATOM   194  N  N     . GLY A 1 47  ? 1.745   1.244   16.153  1.00 37.23 ? 29  GLY A N     1 
ATOM   195  C  CA    . GLY A 1 47  ? 1.575   -0.076  16.801  1.00 37.20 ? 29  GLY A CA    1 
ATOM   196  C  C     . GLY A 1 47  ? 0.184   -0.357  17.357  1.00 37.17 ? 29  GLY A C     1 
ATOM   197  O  O     . GLY A 1 47  ? 0.040   -1.083  18.335  1.00 36.27 ? 29  GLY A O     1 
ATOM   198  N  N     . GLU A 1 48  ? -0.843  0.218   16.719  1.00 37.65 ? 30  GLU A N     1 
ATOM   199  C  CA    . GLU A 1 48  ? -2.240  0.055   17.158  1.00 37.64 ? 30  GLU A CA    1 
ATOM   200  C  C     . GLU A 1 48  ? -3.145  -0.173  15.951  1.00 37.45 ? 30  GLU A C     1 
ATOM   201  O  O     . GLU A 1 48  ? -2.862  0.293   14.846  1.00 36.79 ? 30  GLU A O     1 
ATOM   202  C  CB    . GLU A 1 48  ? -2.716  1.301   17.927  1.00 37.93 ? 30  GLU A CB    1 
ATOM   203  N  N     . PHE A 1 49  ? -4.241  -0.888  16.187  1.00 37.64 ? 31  PHE A N     1 
ATOM   204  C  CA    . PHE A 1 49  ? -5.288  -1.053  15.206  1.00 37.68 ? 31  PHE A CA    1 
ATOM   205  C  C     . PHE A 1 49  ? -6.672  -0.616  15.774  1.00 37.82 ? 31  PHE A C     1 
ATOM   206  O  O     . PHE A 1 49  ? -7.067  -1.023  16.864  1.00 37.54 ? 31  PHE A O     1 
ATOM   207  C  CB    . PHE A 1 49  ? -5.314  -2.504  14.738  1.00 37.43 ? 31  PHE A CB    1 
ATOM   208  C  CG    . PHE A 1 49  ? -6.501  -2.847  13.902  1.00 36.73 ? 31  PHE A CG    1 
ATOM   209  C  CD1   . PHE A 1 49  ? -6.506  -2.588  12.542  1.00 36.44 ? 31  PHE A CD1   1 
ATOM   210  C  CD2   . PHE A 1 49  ? -7.600  -3.438  14.463  1.00 36.22 ? 31  PHE A CD2   1 
ATOM   211  C  CE1   . PHE A 1 49  ? -7.592  -2.920  11.767  1.00 35.71 ? 31  PHE A CE1   1 
ATOM   212  C  CE2   . PHE A 1 49  ? -8.702  -3.763  13.693  1.00 35.92 ? 31  PHE A CE2   1 
ATOM   213  C  CZ    . PHE A 1 49  ? -8.699  -3.496  12.344  1.00 35.55 ? 31  PHE A CZ    1 
ATOM   214  N  N     . SER A 1 50  ? -7.389  0.196   14.994  1.00 38.03 ? 32  SER A N     1 
ATOM   215  C  CA    . SER A 1 50  ? -8.744  0.685   15.329  1.00 38.01 ? 32  SER A CA    1 
ATOM   216  C  C     . SER A 1 50  ? -9.792  -0.017  14.462  1.00 37.94 ? 32  SER A C     1 
ATOM   217  O  O     . SER A 1 50  ? -9.619  -0.136  13.215  1.00 37.13 ? 32  SER A O     1 
ATOM   218  C  CB    . SER A 1 50  ? -8.811  2.212   15.118  1.00 38.14 ? 32  SER A CB    1 
ATOM   219  O  OG    . SER A 1 50  ? -10.128 2.749   15.195  1.00 39.06 ? 32  SER A OG    1 
ATOM   220  N  N     . GLU A 1 51  ? -10.876 -0.473  15.107  1.00 38.04 ? 33  GLU A N     1 
ATOM   221  C  CA    . GLU A 1 51  ? -12.038 -0.999  14.371  1.00 38.55 ? 33  GLU A CA    1 
ATOM   222  C  C     . GLU A 1 51  ? -12.943 0.114   13.782  1.00 38.05 ? 33  GLU A C     1 
ATOM   223  O  O     . GLU A 1 51  ? -13.950 -0.195  13.079  1.00 38.64 ? 33  GLU A O     1 
ATOM   224  C  CB    . GLU A 1 51  ? -12.903 -1.905  15.245  1.00 39.15 ? 33  GLU A CB    1 
ATOM   225  C  CG    . GLU A 1 51  ? -12.164 -3.010  15.986  1.00 41.98 ? 33  GLU A CG    1 
ATOM   226  C  CD    . GLU A 1 51  ? -12.022 -2.697  17.478  1.00 46.18 ? 33  GLU A CD    1 
ATOM   227  O  OE1   . GLU A 1 51  ? -12.473 -3.541  18.304  1.00 49.50 ? 33  GLU A OE1   1 
ATOM   228  O  OE2   . GLU A 1 51  ? -11.480 -1.600  17.812  1.00 47.55 ? 33  GLU A OE2   1 
ATOM   229  N  N     . GLY A 1 52  ? -12.612 1.379   14.079  1.00 36.75 ? 34  GLY A N     1 
ATOM   230  C  CA    . GLY A 1 52  ? -13.326 2.530   13.533  1.00 36.08 ? 34  GLY A CA    1 
ATOM   231  C  C     . GLY A 1 52  ? -13.002 2.773   12.073  1.00 35.55 ? 34  GLY A C     1 
ATOM   232  O  O     . GLY A 1 52  ? -12.245 2.024   11.457  1.00 36.30 ? 34  GLY A O     1 
ATOM   233  N  N     . TYR A 1 53  ? -13.593 3.811   11.511  1.00 34.37 ? 35  TYR A N     1 
ATOM   234  C  CA    . TYR A 1 53  ? -13.391 4.170   10.120  1.00 34.00 ? 35  TYR A CA    1 
ATOM   235  C  C     . TYR A 1 53  ? -13.472 5.683   9.977   1.00 34.06 ? 35  TYR A C     1 
ATOM   236  O  O     . TYR A 1 53  ? -14.425 6.308   10.443  1.00 32.81 ? 35  TYR A O     1 
ATOM   237  C  CB    . TYR A 1 53  ? -14.442 3.520   9.203   1.00 33.31 ? 35  TYR A CB    1 
ATOM   238  C  CG    . TYR A 1 53  ? -14.347 4.008   7.763   1.00 33.14 ? 35  TYR A CG    1 
ATOM   239  C  CD1   . TYR A 1 53  ? -13.139 4.007   7.110   1.00 33.45 ? 35  TYR A CD1   1 
ATOM   240  C  CD2   . TYR A 1 53  ? -15.466 4.498   7.061   1.00 34.21 ? 35  TYR A CD2   1 
ATOM   241  C  CE1   . TYR A 1 53  ? -13.007 4.460   5.809   1.00 33.52 ? 35  TYR A CE1   1 
ATOM   242  C  CE2   . TYR A 1 53  ? -15.340 4.967   5.725   1.00 34.23 ? 35  TYR A CE2   1 
ATOM   243  C  CZ    . TYR A 1 53  ? -14.088 4.931   5.117   1.00 34.58 ? 35  TYR A CZ    1 
ATOM   244  O  OH    . TYR A 1 53  ? -13.863 5.358   3.823   1.00 35.89 ? 35  TYR A OH    1 
ATOM   245  N  N     . ASP A 1 54  ? -12.476 6.255   9.317   1.00 34.79 ? 36  ASP A N     1 
ATOM   246  C  CA    . ASP A 1 54  ? -12.483 7.668   9.009   1.00 36.08 ? 36  ASP A CA    1 
ATOM   247  C  C     . ASP A 1 54  ? -11.907 7.853   7.617   1.00 35.99 ? 36  ASP A C     1 
ATOM   248  O  O     . ASP A 1 54  ? -10.720 7.583   7.402   1.00 35.97 ? 36  ASP A O     1 
ATOM   249  C  CB    . ASP A 1 54  ? -11.670 8.430   10.054  1.00 36.60 ? 36  ASP A CB    1 
ATOM   250  C  CG    . ASP A 1 54  ? -11.901 9.938   9.994   1.00 41.37 ? 36  ASP A CG    1 
ATOM   251  O  OD1   . ASP A 1 54  ? -12.971 10.380  9.496   1.00 45.13 ? 36  ASP A OD1   1 
ATOM   252  O  OD2   . ASP A 1 54  ? -11.002 10.696  10.451  1.00 46.67 ? 36  ASP A OD2   1 
ATOM   253  N  N     . PRO A 1 55  ? -12.743 8.272   6.650   1.00 35.94 ? 37  PRO A N     1 
ATOM   254  C  CA    . PRO A 1 55  ? -12.253 8.439   5.278   1.00 36.27 ? 37  PRO A CA    1 
ATOM   255  C  C     . PRO A 1 55  ? -11.146 9.477   5.205   1.00 36.50 ? 37  PRO A C     1 
ATOM   256  O  O     . PRO A 1 55  ? -11.291 10.579  5.725   1.00 36.82 ? 37  PRO A O     1 
ATOM   257  C  CB    . PRO A 1 55  ? -13.485 8.913   4.488   1.00 36.10 ? 37  PRO A CB    1 
ATOM   258  C  CG    . PRO A 1 55  ? -14.379 9.470   5.481   1.00 36.59 ? 37  PRO A CG    1 
ATOM   259  C  CD    . PRO A 1 55  ? -14.131 8.724   6.782   1.00 36.30 ? 37  PRO A CD    1 
ATOM   260  N  N     . THR A 1 56  ? -10.048 9.099   4.577   1.00 36.47 ? 38  THR A N     1 
ATOM   261  C  CA    . THR A 1 56  ? -8.847  9.886   4.588   1.00 36.69 ? 38  THR A CA    1 
ATOM   262  C  C     . THR A 1 56  ? -8.982  10.961  3.526   1.00 37.38 ? 38  THR A C     1 
ATOM   263  O  O     . THR A 1 56  ? -9.530  10.707  2.444   1.00 36.61 ? 38  THR A O     1 
ATOM   264  C  CB    . THR A 1 56  ? -7.615  8.988   4.323   1.00 36.38 ? 38  THR A CB    1 
ATOM   265  O  OG1   . THR A 1 56  ? -7.535  8.014   5.372   1.00 34.81 ? 38  THR A OG1   1 
ATOM   266  C  CG2   . THR A 1 56  ? -6.305  9.798   4.240   1.00 35.33 ? 38  THR A CG2   1 
ATOM   267  N  N     . VAL A 1 57  ? -8.537  12.159  3.879   1.00 38.38 ? 39  VAL A N     1 
ATOM   268  C  CA    . VAL A 1 57  ? -8.338  13.238  2.919   1.00 39.89 ? 39  VAL A CA    1 
ATOM   269  C  C     . VAL A 1 57  ? -6.865  13.126  2.566   1.00 40.83 ? 39  VAL A C     1 
ATOM   270  O  O     . VAL A 1 57  ? -6.526  12.819  1.425   1.00 41.35 ? 39  VAL A O     1 
ATOM   271  C  CB    . VAL A 1 57  ? -8.707  14.633  3.530   1.00 40.12 ? 39  VAL A CB    1 
ATOM   272  C  CG1   . VAL A 1 57  ? -8.309  15.766  2.601   1.00 39.71 ? 39  VAL A CG1   1 
ATOM   273  C  CG2   . VAL A 1 57  ? -10.215 14.693  3.872   1.00 39.19 ? 39  VAL A CG2   1 
ATOM   274  N  N     . GLU A 1 58  ? -5.999  13.322  3.562   1.00 41.75 ? 40  GLU A N     1 
ATOM   275  C  CA    . GLU A 1 58  ? -4.598  12.988  3.434   1.00 43.15 ? 40  GLU A CA    1 
ATOM   276  C  C     . GLU A 1 58  ? -3.870  13.046  4.779   1.00 44.00 ? 40  GLU A C     1 
ATOM   277  O  O     . GLU A 1 58  ? -3.909  14.057  5.474   1.00 44.12 ? 40  GLU A O     1 
ATOM   278  C  CB    . GLU A 1 58  ? -3.898  13.914  2.453   1.00 43.61 ? 40  GLU A CB    1 
ATOM   279  C  CG    . GLU A 1 58  ? -2.620  13.304  1.919   1.00 45.67 ? 40  GLU A CG    1 
ATOM   280  C  CD    . GLU A 1 58  ? -2.067  14.065  0.748   1.00 48.00 ? 40  GLU A CD    1 
ATOM   281  O  OE1   . GLU A 1 58  ? -1.396  15.106  0.986   1.00 47.93 ? 40  GLU A OE1   1 
ATOM   282  O  OE2   . GLU A 1 58  ? -2.312  13.618  -0.405  1.00 50.09 ? 40  GLU A OE2   1 
ATOM   283  N  N     . ASN A 1 59  ? -3.211  11.950  5.134   1.00 44.94 ? 41  ASN A N     1 
ATOM   284  C  CA    . ASN A 1 59  ? -2.419  11.872  6.349   1.00 45.90 ? 41  ASN A CA    1 
ATOM   285  C  C     . ASN A 1 59  ? -0.992  11.706  5.951   1.00 46.75 ? 41  ASN A C     1 
ATOM   286  O  O     . ASN A 1 59  ? -0.693  11.134  4.902   1.00 46.66 ? 41  ASN A O     1 
ATOM   287  C  CB    . ASN A 1 59  ? -2.824  10.652  7.192   1.00 46.21 ? 41  ASN A CB    1 
ATOM   288  C  CG    . ASN A 1 59  ? -4.305  10.630  7.520   1.00 47.07 ? 41  ASN A CG    1 
ATOM   289  O  OD1   . ASN A 1 59  ? -4.898  11.688  7.788   1.00 48.78 ? 41  ASN A OD1   1 
ATOM   290  N  ND2   . ASN A 1 59  ? -4.919  9.434   7.496   1.00 45.65 ? 41  ASN A ND2   1 
ATOM   291  N  N     . THR A 1 60  ? -0.083  12.205  6.770   1.00 47.90 ? 42  THR A N     1 
ATOM   292  C  CA    . THR A 1 60  ? 1.310   11.819  6.604   1.00 48.69 ? 42  THR A CA    1 
ATOM   293  C  C     . THR A 1 60  ? 1.805   11.240  7.911   1.00 49.06 ? 42  THR A C     1 
ATOM   294  O  O     . THR A 1 60  ? 1.499   11.745  8.992   1.00 49.10 ? 42  THR A O     1 
ATOM   295  C  CB    . THR A 1 60  ? 2.218   12.963  6.067   1.00 48.83 ? 42  THR A CB    1 
ATOM   296  O  OG1   . THR A 1 60  ? 2.328   13.989  7.048   1.00 50.12 ? 42  THR A OG1   1 
ATOM   297  C  CG2   . THR A 1 60  ? 1.668   13.558  4.739   1.00 48.52 ? 42  THR A CG2   1 
ATOM   298  N  N     . TYR A 1 61  ? 2.524   10.135  7.786   1.00 49.64 ? 43  TYR A N     1 
ATOM   299  C  CA    . TYR A 1 61  ? 3.071   9.421   8.899   1.00 50.37 ? 43  TYR A CA    1 
ATOM   300  C  C     . TYR A 1 61  ? 4.573   9.397   8.708   1.00 51.32 ? 43  TYR A C     1 
ATOM   301  O  O     . TYR A 1 61  ? 5.079   8.931   7.671   1.00 51.65 ? 43  TYR A O     1 
ATOM   302  C  CB    . TYR A 1 61  ? 2.530   7.991   8.911   1.00 50.48 ? 43  TYR A CB    1 
ATOM   303  C  CG    . TYR A 1 61  ? 1.079   7.844   9.353   1.00 50.17 ? 43  TYR A CG    1 
ATOM   304  C  CD1   . TYR A 1 61  ? 0.772   7.477   10.667  1.00 51.21 ? 43  TYR A CD1   1 
ATOM   305  C  CD2   . TYR A 1 61  ? 0.016   8.044   8.461   1.00 49.33 ? 43  TYR A CD2   1 
ATOM   306  C  CE1   . TYR A 1 61  ? -0.549  7.319   11.088  1.00 50.87 ? 43  TYR A CE1   1 
ATOM   307  C  CE2   . TYR A 1 61  ? -1.310  7.891   8.877   1.00 48.79 ? 43  TYR A CE2   1 
ATOM   308  C  CZ    . TYR A 1 61  ? -1.581  7.531   10.198  1.00 49.52 ? 43  TYR A CZ    1 
ATOM   309  O  OH    . TYR A 1 61  ? -2.862  7.361   10.654  1.00 49.63 ? 43  TYR A OH    1 
ATOM   310  N  N     . SER A 1 62  ? 5.295   9.918   9.691   1.00 52.32 ? 44  SER A N     1 
ATOM   311  C  CA    . SER A 1 62  ? 6.749   9.891   9.657   1.00 52.94 ? 44  SER A CA    1 
ATOM   312  C  C     . SER A 1 62  ? 7.268   8.861   10.649  1.00 53.33 ? 44  SER A C     1 
ATOM   313  O  O     . SER A 1 62  ? 6.805   8.808   11.789  1.00 53.59 ? 44  SER A O     1 
ATOM   314  C  CB    . SER A 1 62  ? 7.310   11.280  9.958   1.00 52.96 ? 44  SER A CB    1 
ATOM   315  O  OG    . SER A 1 62  ? 7.352   12.046  8.775   1.00 53.80 ? 44  SER A OG    1 
ATOM   316  N  N     . LYS A 1 63  ? 8.210   8.036   10.192  1.00 53.87 ? 45  LYS A N     1 
ATOM   317  C  CA    . LYS A 1 63  ? 8.903   7.061   11.029  1.00 54.23 ? 45  LYS A CA    1 
ATOM   318  C  C     . LYS A 1 63  ? 10.347  6.893   10.579  1.00 54.67 ? 45  LYS A C     1 
ATOM   319  O  O     . LYS A 1 63  ? 10.641  6.954   9.380   1.00 54.82 ? 45  LYS A O     1 
ATOM   320  C  CB    . LYS A 1 63  ? 8.218   5.697   10.975  1.00 54.24 ? 45  LYS A CB    1 
ATOM   321  C  CG    . LYS A 1 63  ? 8.705   4.723   12.082  1.00 54.41 ? 45  LYS A CG    1 
ATOM   322  C  CD    . LYS A 1 63  ? 7.802   3.508   12.221  1.00 53.73 ? 45  LYS A CD    1 
ATOM   323  C  CE    . LYS A 1 63  ? 7.868   2.879   13.635  1.00 55.20 ? 45  LYS A CE    1 
ATOM   324  N  NZ    . LYS A 1 63  ? 8.727   1.643   13.700  1.00 54.73 ? 45  LYS A NZ    1 
ATOM   325  N  N     . ILE A 1 64  ? 11.237  6.666   11.543  1.00 54.97 ? 46  ILE A N     1 
ATOM   326  C  CA    . ILE A 1 64  ? 12.636  6.401   11.253  1.00 55.25 ? 46  ILE A CA    1 
ATOM   327  C  C     . ILE A 1 64  ? 12.842  4.884   11.195  1.00 55.60 ? 46  ILE A C     1 
ATOM   328  O  O     . ILE A 1 64  ? 12.674  4.206   12.189  1.00 55.80 ? 46  ILE A O     1 
ATOM   329  C  CB    . ILE A 1 64  ? 13.559  7.056   12.323  1.00 55.29 ? 46  ILE A CB    1 
ATOM   330  C  CG1   . ILE A 1 64  ? 13.671  8.565   12.070  1.00 55.17 ? 46  ILE A CG1   1 
ATOM   331  C  CG2   . ILE A 1 64  ? 14.948  6.410   12.315  1.00 55.39 ? 46  ILE A CG2   1 
ATOM   332  C  CD1   . ILE A 1 64  ? 13.838  9.380   13.319  1.00 55.08 ? 46  ILE A CD1   1 
ATOM   333  N  N     . VAL A 1 65  ? 13.179  4.353   10.022  1.00 56.17 ? 47  VAL A N     1 
ATOM   334  C  CA    . VAL A 1 65  ? 13.436  2.920   9.874   1.00 56.70 ? 47  VAL A CA    1 
ATOM   335  C  C     . VAL A 1 65  ? 14.939  2.721   9.726   1.00 57.18 ? 47  VAL A C     1 
ATOM   336  O  O     . VAL A 1 65  ? 15.553  3.301   8.829   1.00 57.15 ? 47  VAL A O     1 
ATOM   337  C  CB    . VAL A 1 65  ? 12.705  2.325   8.659   1.00 56.50 ? 47  VAL A CB    1 
ATOM   338  N  N     . THR A 1 66  ? 15.518  1.892   10.602  1.00 58.03 ? 48  THR A N     1 
ATOM   339  C  CA    . THR A 1 66  ? 16.988  1.770   10.756  1.00 58.44 ? 48  THR A CA    1 
ATOM   340  C  C     . THR A 1 66  ? 17.665  0.730   9.817   1.00 58.39 ? 48  THR A C     1 
ATOM   341  O  O     . THR A 1 66  ? 17.246  -0.433  9.706   1.00 58.18 ? 48  THR A O     1 
ATOM   342  C  CB    . THR A 1 66  ? 17.355  1.480   12.242  1.00 58.66 ? 48  THR A CB    1 
ATOM   343  N  N     . GLU A 1 71  ? 19.866  4.280   8.228   1.00 53.32 ? 53  GLU A N     1 
ATOM   344  C  CA    . GLU A 1 71  ? 18.965  5.244   8.887   1.00 53.69 ? 53  GLU A CA    1 
ATOM   345  C  C     . GLU A 1 71  ? 18.191  6.056   7.832   1.00 53.35 ? 53  GLU A C     1 
ATOM   346  O  O     . GLU A 1 71  ? 18.749  6.960   7.187   1.00 53.43 ? 53  GLU A O     1 
ATOM   347  C  CB    . GLU A 1 71  ? 19.739  6.168   9.850   1.00 53.85 ? 53  GLU A CB    1 
ATOM   348  C  CG    . GLU A 1 71  ? 18.861  7.132   10.666  1.00 54.46 ? 53  GLU A CG    1 
ATOM   349  N  N     . PHE A 1 72  ? 16.911  5.695   7.656   1.00 52.85 ? 54  PHE A N     1 
ATOM   350  C  CA    . PHE A 1 72  ? 16.011  6.310   6.673   1.00 52.11 ? 54  PHE A CA    1 
ATOM   351  C  C     . PHE A 1 72  ? 14.915  7.052   7.398   1.00 51.48 ? 54  PHE A C     1 
ATOM   352  O  O     . PHE A 1 72  ? 14.331  6.524   8.352   1.00 51.45 ? 54  PHE A O     1 
ATOM   353  C  CB    . PHE A 1 72  ? 15.361  5.241   5.783   1.00 52.15 ? 54  PHE A CB    1 
ATOM   354  C  CG    . PHE A 1 72  ? 16.315  4.578   4.819   1.00 53.10 ? 54  PHE A CG    1 
ATOM   355  C  CD1   . PHE A 1 72  ? 16.567  5.145   3.568   1.00 54.78 ? 54  PHE A CD1   1 
ATOM   356  C  CD2   . PHE A 1 72  ? 16.955  3.383   5.158   1.00 54.62 ? 54  PHE A CD2   1 
ATOM   357  C  CE1   . PHE A 1 72  ? 17.455  4.539   2.660   1.00 55.39 ? 54  PHE A CE1   1 
ATOM   358  C  CE2   . PHE A 1 72  ? 17.841  2.755   4.264   1.00 55.12 ? 54  PHE A CE2   1 
ATOM   359  C  CZ    . PHE A 1 72  ? 18.096  3.342   3.008   1.00 55.80 ? 54  PHE A CZ    1 
ATOM   360  N  N     . HIS A 1 73  ? 14.632  8.268   6.952   1.00 50.42 ? 55  HIS A N     1 
ATOM   361  C  CA    . HIS A 1 73  ? 13.506  9.013   7.450   1.00 50.20 ? 55  HIS A CA    1 
ATOM   362  C  C     . HIS A 1 73  ? 12.396  8.773   6.459   1.00 49.41 ? 55  HIS A C     1 
ATOM   363  O  O     . HIS A 1 73  ? 12.431  9.283   5.338   1.00 49.23 ? 55  HIS A O     1 
ATOM   364  C  CB    . HIS A 1 73  ? 13.834  10.496  7.544   1.00 50.34 ? 55  HIS A CB    1 
ATOM   365  C  CG    . HIS A 1 73  ? 12.675  11.344  7.973   1.00 52.13 ? 55  HIS A CG    1 
ATOM   366  N  ND1   . HIS A 1 73  ? 12.649  12.012  9.179   1.00 53.93 ? 55  HIS A ND1   1 
ATOM   367  C  CD2   . HIS A 1 73  ? 11.499  11.632  7.358   1.00 53.50 ? 55  HIS A CD2   1 
ATOM   368  C  CE1   . HIS A 1 73  ? 11.513  12.681  9.283   1.00 54.10 ? 55  HIS A CE1   1 
ATOM   369  N  NE2   . HIS A 1 73  ? 10.797  12.465  8.192   1.00 53.24 ? 55  HIS A NE2   1 
ATOM   370  N  N     . LEU A 1 74  ? 11.429  7.963   6.854   1.00 48.63 ? 56  LEU A N     1 
ATOM   371  C  CA    . LEU A 1 74  ? 10.390  7.531   5.926   1.00 48.08 ? 56  LEU A CA    1 
ATOM   372  C  C     . LEU A 1 74  ? 9.210   8.458   6.049   1.00 47.26 ? 56  LEU A C     1 
ATOM   373  O  O     . LEU A 1 74  ? 8.675   8.637   7.123   1.00 47.57 ? 56  LEU A O     1 
ATOM   374  C  CB    . LEU A 1 74  ? 9.947   6.106   6.228   1.00 48.11 ? 56  LEU A CB    1 
ATOM   375  C  CG    . LEU A 1 74  ? 8.895   5.502   5.287   1.00 48.71 ? 56  LEU A CG    1 
ATOM   376  C  CD1   . LEU A 1 74  ? 9.482   5.249   3.880   1.00 49.59 ? 56  LEU A CD1   1 
ATOM   377  C  CD2   . LEU A 1 74  ? 8.330   4.207   5.891   1.00 48.76 ? 56  LEU A CD2   1 
ATOM   378  N  N     . HIS A 1 75  ? 8.805   9.063   4.949   1.00 46.32 ? 57  HIS A N     1 
ATOM   379  C  CA    . HIS A 1 75  ? 7.610   9.872   4.957   1.00 45.39 ? 57  HIS A CA    1 
ATOM   380  C  C     . HIS A 1 75  ? 6.522   9.111   4.219   1.00 43.34 ? 57  HIS A C     1 
ATOM   381  O  O     . HIS A 1 75  ? 6.609   8.948   3.010   1.00 43.06 ? 57  HIS A O     1 
ATOM   382  C  CB    . HIS A 1 75  ? 7.904   11.205  4.294   1.00 46.03 ? 57  HIS A CB    1 
ATOM   383  C  CG    . HIS A 1 75  ? 6.802   12.192  4.445   1.00 49.92 ? 57  HIS A CG    1 
ATOM   384  N  ND1   . HIS A 1 75  ? 6.520   12.808  5.649   1.00 54.26 ? 57  HIS A ND1   1 
ATOM   385  C  CD2   . HIS A 1 75  ? 5.887   12.652  3.557   1.00 53.13 ? 57  HIS A CD2   1 
ATOM   386  C  CE1   . HIS A 1 75  ? 5.479   13.609  5.491   1.00 55.65 ? 57  HIS A CE1   1 
ATOM   387  N  NE2   . HIS A 1 75  ? 5.075   13.533  4.233   1.00 55.38 ? 57  HIS A NE2   1 
ATOM   388  N  N     . LEU A 1 76  ? 5.521   8.608   4.944   1.00 41.10 ? 58  LEU A N     1 
ATOM   389  C  CA    . LEU A 1 76  ? 4.445   7.840   4.319   1.00 39.57 ? 58  LEU A CA    1 
ATOM   390  C  C     . LEU A 1 76  ? 3.306   8.772   3.978   1.00 38.56 ? 58  LEU A C     1 
ATOM   391  O  O     . LEU A 1 76  ? 2.718   9.344   4.869   1.00 38.00 ? 58  LEU A O     1 
ATOM   392  C  CB    . LEU A 1 76  ? 3.930   6.739   5.259   1.00 39.67 ? 58  LEU A CB    1 
ATOM   393  C  CG    . LEU A 1 76  ? 4.685   5.414   5.317   1.00 39.51 ? 58  LEU A CG    1 
ATOM   394  C  CD1   . LEU A 1 76  ? 4.264   4.597   6.562   1.00 39.99 ? 58  LEU A CD1   1 
ATOM   395  C  CD2   . LEU A 1 76  ? 4.477   4.602   4.051   1.00 39.04 ? 58  LEU A CD2   1 
ATOM   396  N  N     . VAL A 1 77  ? 2.987   8.940   2.694   1.00 37.76 ? 59  VAL A N     1 
ATOM   397  C  CA    . VAL A 1 77  ? 1.819   9.742   2.305   1.00 36.61 ? 59  VAL A CA    1 
ATOM   398  C  C     . VAL A 1 77  ? 0.606   8.796   2.162   1.00 36.41 ? 59  VAL A C     1 
ATOM   399  O  O     . VAL A 1 77  ? 0.523   8.006   1.210   1.00 35.92 ? 59  VAL A O     1 
ATOM   400  C  CB    . VAL A 1 77  ? 2.060   10.578  1.009   1.00 37.03 ? 59  VAL A CB    1 
ATOM   401  C  CG1   . VAL A 1 77  ? 0.848   11.474  0.717   1.00 35.89 ? 59  VAL A CG1   1 
ATOM   402  C  CG2   . VAL A 1 77  ? 3.340   11.444  1.112   1.00 36.13 ? 59  VAL A CG2   1 
ATOM   403  N  N     . ASP A 1 78  ? -0.307  8.865   3.134   1.00 35.63 ? 60  ASP A N     1 
ATOM   404  C  CA    . ASP A 1 78  ? -1.497  8.029   3.152   1.00 35.54 ? 60  ASP A CA    1 
ATOM   405  C  C     . ASP A 1 78  ? -2.661  8.754   2.474   1.00 35.73 ? 60  ASP A C     1 
ATOM   406  O  O     . ASP A 1 78  ? -3.199  9.713   3.022   1.00 35.48 ? 60  ASP A O     1 
ATOM   407  C  CB    . ASP A 1 78  ? -1.851  7.638   4.602   1.00 35.79 ? 60  ASP A CB    1 
ATOM   408  C  CG    . ASP A 1 78  ? -3.196  6.945   4.710   1.00 35.03 ? 60  ASP A CG    1 
ATOM   409  O  OD1   . ASP A 1 78  ? -3.647  6.303   3.737   1.00 36.62 ? 60  ASP A OD1   1 
ATOM   410  O  OD2   . ASP A 1 78  ? -3.816  7.062   5.768   1.00 34.59 ? 60  ASP A OD2   1 
ATOM   411  N  N     . THR A 1 79  ? -3.044  8.276   1.280   1.00 36.25 ? 61  THR A N     1 
ATOM   412  C  CA    . THR A 1 79  ? -3.965  8.990   0.386   1.00 36.04 ? 61  THR A CA    1 
ATOM   413  C  C     . THR A 1 79  ? -5.441  8.595   0.546   1.00 36.96 ? 61  THR A C     1 
ATOM   414  O  O     . THR A 1 79  ? -5.777  7.524   1.115   1.00 36.50 ? 61  THR A O     1 
ATOM   415  C  CB    . THR A 1 79  ? -3.564  8.809   -1.096  1.00 36.34 ? 61  THR A CB    1 
ATOM   416  O  OG1   . THR A 1 79  ? -3.683  7.433   -1.468  1.00 35.29 ? 61  THR A OG1   1 
ATOM   417  C  CG2   . THR A 1 79  ? -2.104  9.308   -1.360  1.00 35.23 ? 61  THR A CG2   1 
ATOM   418  N  N     . ALA A 1 80  ? -6.312  9.492   0.076   1.00 37.25 ? 62  ALA A N     1 
ATOM   419  C  CA    . ALA A 1 80  ? -7.742  9.241   -0.049  1.00 38.15 ? 62  ALA A CA    1 
ATOM   420  C  C     . ALA A 1 80  ? -7.974  8.071   -0.976  1.00 39.00 ? 62  ALA A C     1 
ATOM   421  O  O     . ALA A 1 80  ? -7.357  7.987   -2.026  1.00 39.31 ? 62  ALA A O     1 
ATOM   422  C  CB    . ALA A 1 80  ? -8.471  10.503  -0.604  1.00 37.68 ? 62  ALA A CB    1 
ATOM   423  N  N     . GLY A 1 81  ? -8.863  7.168   -0.598  1.00 40.56 ? 63  GLY A N     1 
ATOM   424  C  CA    . GLY A 1 81  ? -9.198  6.047   -1.458  1.00 42.23 ? 63  GLY A CA    1 
ATOM   425  C  C     . GLY A 1 81  ? -9.605  6.527   -2.842  1.00 43.64 ? 63  GLY A C     1 
ATOM   426  O  O     . GLY A 1 81  ? -10.208 7.594   -3.001  1.00 44.11 ? 63  GLY A O     1 
ATOM   427  N  N     . GLN A 1 82  ? -9.274  5.740   -3.847  1.00 45.05 ? 64  GLN A N     1 
ATOM   428  C  CA    . GLN A 1 82  ? -9.493  6.141   -5.222  1.00 46.38 ? 64  GLN A CA    1 
ATOM   429  C  C     . GLN A 1 82  ? -10.084 5.041   -6.037  1.00 47.22 ? 64  GLN A C     1 
ATOM   430  O  O     . GLN A 1 82  ? -9.956  3.877   -5.686  1.00 46.75 ? 64  GLN A O     1 
ATOM   431  C  CB    . GLN A 1 82  ? -8.181  6.558   -5.816  1.00 46.47 ? 64  GLN A CB    1 
ATOM   432  C  CG    . GLN A 1 82  ? -7.571  7.579   -4.955  1.00 49.09 ? 64  GLN A CG    1 
ATOM   433  C  CD    . GLN A 1 82  ? -6.710  8.465   -5.688  1.00 51.76 ? 64  GLN A CD    1 
ATOM   434  O  OE1   . GLN A 1 82  ? -5.648  8.050   -6.148  1.00 56.69 ? 64  GLN A OE1   1 
ATOM   435  N  NE2   . GLN A 1 82  ? -7.123  9.718   -5.819  1.00 52.23 ? 64  GLN A NE2   1 
ATOM   436  N  N     . ASP A 1 83  ? -10.731 5.414   -7.141  1.00 48.49 ? 65  ASP A N     1 
ATOM   437  C  CA    . ASP A 1 83  ? -11.383 4.430   -7.991  1.00 49.43 ? 65  ASP A CA    1 
ATOM   438  C  C     . ASP A 1 83  ? -10.900 4.519   -9.434  1.00 50.63 ? 65  ASP A C     1 
ATOM   439  O  O     . ASP A 1 83  ? -9.957  5.267   -9.750  1.00 50.59 ? 65  ASP A O     1 
ATOM   440  C  CB    . ASP A 1 83  ? -12.906 4.547   -7.872  1.00 49.22 ? 65  ASP A CB    1 
ATOM   441  C  CG    . ASP A 1 83  ? -13.473 5.780   -8.556  1.00 49.05 ? 65  ASP A CG    1 
ATOM   442  O  OD1   . ASP A 1 83  ? -12.811 6.414   -9.414  1.00 47.96 ? 65  ASP A OD1   1 
ATOM   443  O  OD2   . ASP A 1 83  ? -14.615 6.106   -8.222  1.00 48.93 ? 65  ASP A OD2   1 
ATOM   444  N  N     . GLU A 1 84  ? -11.536 3.727   -10.290 1.00 52.29 ? 66  GLU A N     1 
ATOM   445  C  CA    . GLU A 1 84  ? -11.114 3.572   -11.679 1.00 54.16 ? 66  GLU A CA    1 
ATOM   446  C  C     . GLU A 1 84  ? -11.192 4.860   -12.508 1.00 55.20 ? 66  GLU A C     1 
ATOM   447  O  O     . GLU A 1 84  ? -10.512 4.970   -13.527 1.00 55.64 ? 66  GLU A O     1 
ATOM   448  C  CB    . GLU A 1 84  ? -11.890 2.428   -12.368 1.00 54.40 ? 66  GLU A CB    1 
ATOM   449  C  CG    . GLU A 1 84  ? -13.408 2.530   -12.328 1.00 56.08 ? 66  GLU A CG    1 
ATOM   450  C  CD    . GLU A 1 84  ? -14.028 2.150   -10.986 1.00 58.97 ? 66  GLU A CD    1 
ATOM   451  O  OE1   . GLU A 1 84  ? -15.275 2.148   -10.892 1.00 63.17 ? 66  GLU A OE1   1 
ATOM   452  O  OE2   . GLU A 1 84  ? -13.286 1.878   -10.026 1.00 59.39 ? 66  GLU A OE2   1 
ATOM   453  N  N     . TYR A 1 85  ? -11.995 5.830   -12.058 1.00 56.46 ? 67  TYR A N     1 
ATOM   454  C  CA    . TYR A 1 85  ? -12.158 7.109   -12.752 1.00 57.43 ? 67  TYR A CA    1 
ATOM   455  C  C     . TYR A 1 85  ? -11.281 8.230   -12.230 1.00 57.61 ? 67  TYR A C     1 
ATOM   456  O  O     . TYR A 1 85  ? -11.161 9.263   -12.892 1.00 57.66 ? 67  TYR A O     1 
ATOM   457  C  CB    . TYR A 1 85  ? -13.613 7.560   -12.668 1.00 57.92 ? 67  TYR A CB    1 
ATOM   458  C  CG    . TYR A 1 85  ? -14.552 6.571   -13.311 1.00 60.75 ? 67  TYR A CG    1 
ATOM   459  C  CD1   . TYR A 1 85  ? -15.536 5.924   -12.561 1.00 62.87 ? 67  TYR A CD1   1 
ATOM   460  C  CD2   . TYR A 1 85  ? -14.433 6.250   -14.676 1.00 63.19 ? 67  TYR A CD2   1 
ATOM   461  C  CE1   . TYR A 1 85  ? -16.403 5.002   -13.147 1.00 64.02 ? 67  TYR A CE1   1 
ATOM   462  C  CE2   . TYR A 1 85  ? -15.290 5.329   -15.276 1.00 64.75 ? 67  TYR A CE2   1 
ATOM   463  C  CZ    . TYR A 1 85  ? -16.276 4.709   -14.502 1.00 65.31 ? 67  TYR A CZ    1 
ATOM   464  O  OH    . TYR A 1 85  ? -17.133 3.796   -15.077 1.00 66.48 ? 67  TYR A OH    1 
ATOM   465  N  N     . SER A 1 86  ? -10.659 8.041   -11.065 1.00 57.65 ? 68  SER A N     1 
ATOM   466  C  CA    . SER A 1 86  ? -9.959  9.144   -10.407 1.00 57.96 ? 68  SER A CA    1 
ATOM   467  C  C     . SER A 1 86  ? -8.738  9.587   -11.217 1.00 58.16 ? 68  SER A C     1 
ATOM   468  O  O     . SER A 1 86  ? -8.153  8.794   -11.960 1.00 58.10 ? 68  SER A O     1 
ATOM   469  C  CB    . SER A 1 86  ? -9.543  8.766   -8.985  1.00 57.60 ? 68  SER A CB    1 
ATOM   470  O  OG    . SER A 1 86  ? -8.377  7.979   -9.019  1.00 58.49 ? 68  SER A OG    1 
ATOM   471  N  N     . ILE A 1 87  ? -8.374  10.862  -11.081 1.00 58.49 ? 69  ILE A N     1 
ATOM   472  C  CA    . ILE A 1 87  ? -7.179  11.399  -11.735 1.00 58.82 ? 69  ILE A CA    1 
ATOM   473  C  C     . ILE A 1 87  ? -6.192  11.742  -10.641 1.00 58.57 ? 69  ILE A C     1 
ATOM   474  O  O     . ILE A 1 87  ? -6.465  12.576  -9.772  1.00 58.22 ? 69  ILE A O     1 
ATOM   475  C  CB    . ILE A 1 87  ? -7.517  12.618  -12.680 1.00 59.12 ? 69  ILE A CB    1 
ATOM   476  C  CG1   . ILE A 1 87  ? -8.057  12.098  -14.027 1.00 59.67 ? 69  ILE A CG1   1 
ATOM   477  C  CG2   . ILE A 1 87  ? -6.279  13.504  -12.951 1.00 59.09 ? 69  ILE A CG2   1 
ATOM   478  C  CD1   . ILE A 1 87  ? -9.419  12.650  -14.413 1.00 60.36 ? 69  ILE A CD1   1 
ATOM   479  N  N     . LEU A 1 88  ? -5.061  11.043  -10.680 1.00 58.73 ? 70  LEU A N     1 
ATOM   480  C  CA    . LEU A 1 88  ? -4.021  11.166  -9.668  1.00 58.87 ? 70  LEU A CA    1 
ATOM   481  C  C     . LEU A 1 88  ? -3.278  12.479  -9.858  1.00 59.28 ? 70  LEU A C     1 
ATOM   482  O  O     . LEU A 1 88  ? -2.816  12.766  -10.969 1.00 58.67 ? 70  LEU A O     1 
ATOM   483  C  CB    . LEU A 1 88  ? -2.999  10.014  -9.771  1.00 58.78 ? 70  LEU A CB    1 
ATOM   484  C  CG    . LEU A 1 88  ? -3.475  8.564   -9.906  1.00 58.27 ? 70  LEU A CG    1 
ATOM   485  C  CD1   . LEU A 1 88  ? -2.279  7.619   -9.721  1.00 58.07 ? 70  LEU A CD1   1 
ATOM   486  C  CD2   . LEU A 1 88  ? -4.571  8.257   -8.930  1.00 56.63 ? 70  LEU A CD2   1 
ATOM   487  N  N     . PRO A 1 89  ? -3.149  13.273  -8.775  1.00 59.92 ? 71  PRO A N     1 
ATOM   488  C  CA    . PRO A 1 89  ? -2.388  14.539  -8.846  1.00 60.33 ? 71  PRO A CA    1 
ATOM   489  C  C     . PRO A 1 89  ? -0.876  14.353  -8.853  1.00 60.62 ? 71  PRO A C     1 
ATOM   490  O  O     . PRO A 1 89  ? -0.378  13.294  -8.458  1.00 60.63 ? 71  PRO A O     1 
ATOM   491  C  CB    . PRO A 1 89  ? -2.815  15.290  -7.577  1.00 60.48 ? 71  PRO A CB    1 
ATOM   492  C  CG    . PRO A 1 89  ? -3.327  14.218  -6.637  1.00 60.44 ? 71  PRO A CG    1 
ATOM   493  C  CD    . PRO A 1 89  ? -3.869  13.115  -7.494  1.00 59.98 ? 71  PRO A CD    1 
ATOM   494  N  N     . TYR A 1 90  ? -0.168  15.398  -9.289  1.00 60.75 ? 72  TYR A N     1 
ATOM   495  C  CA    . TYR A 1 90  ? 1.304   15.419  -9.316  1.00 60.57 ? 72  TYR A CA    1 
ATOM   496  C  C     . TYR A 1 90  ? 1.927   15.036  -7.971  1.00 60.12 ? 72  TYR A C     1 
ATOM   497  O  O     . TYR A 1 90  ? 2.981   14.394  -7.949  1.00 60.20 ? 72  TYR A O     1 
ATOM   498  C  CB    . TYR A 1 90  ? 1.827   16.803  -9.757  1.00 60.58 ? 72  TYR A CB    1 
ATOM   499  N  N     . SER A 1 91  ? 1.280   15.415  -6.864  1.00 59.52 ? 73  SER A N     1 
ATOM   500  C  CA    . SER A 1 91  ? 1.772   15.086  -5.510  1.00 59.19 ? 73  SER A CA    1 
ATOM   501  C  C     . SER A 1 91  ? 2.040   13.587  -5.327  1.00 58.75 ? 73  SER A C     1 
ATOM   502  O  O     . SER A 1 91  ? 2.898   13.196  -4.527  1.00 58.49 ? 73  SER A O     1 
ATOM   503  C  CB    . SER A 1 91  ? 0.779   15.571  -4.444  1.00 59.33 ? 73  SER A CB    1 
ATOM   504  O  OG    . SER A 1 91  ? -0.541  15.666  -4.964  1.00 59.95 ? 73  SER A OG    1 
ATOM   505  N  N     . PHE A 1 92  ? 1.295   12.768  -6.081  1.00 58.16 ? 74  PHE A N     1 
ATOM   506  C  CA    . PHE A 1 92  ? 1.452   11.315  -6.092  1.00 57.62 ? 74  PHE A CA    1 
ATOM   507  C  C     . PHE A 1 92  ? 2.589   10.815  -7.008  1.00 57.43 ? 74  PHE A C     1 
ATOM   508  O  O     . PHE A 1 92  ? 3.067   9.697   -6.824  1.00 57.42 ? 74  PHE A O     1 
ATOM   509  C  CB    . PHE A 1 92  ? 0.135   10.634  -6.515  1.00 57.44 ? 74  PHE A CB    1 
ATOM   510  C  CG    . PHE A 1 92  ? -1.038  10.848  -5.553  1.00 56.78 ? 74  PHE A CG    1 
ATOM   511  C  CD1   . PHE A 1 92  ? -2.204  10.105  -5.713  1.00 56.46 ? 74  PHE A CD1   1 
ATOM   512  C  CD2   . PHE A 1 92  ? -0.980  11.757  -4.499  1.00 56.89 ? 74  PHE A CD2   1 
ATOM   513  C  CE1   . PHE A 1 92  ? -3.286  10.277  -4.869  1.00 55.97 ? 74  PHE A CE1   1 
ATOM   514  C  CE2   . PHE A 1 92  ? -2.069  11.929  -3.648  1.00 56.51 ? 74  PHE A CE2   1 
ATOM   515  C  CZ    . PHE A 1 92  ? -3.221  11.184  -3.846  1.00 55.90 ? 74  PHE A CZ    1 
ATOM   516  N  N     . ILE A 1 93  ? 2.998   11.616  -7.998  1.00 57.11 ? 75  ILE A N     1 
ATOM   517  C  CA    . ILE A 1 93  ? 4.064   11.226  -8.934  1.00 56.72 ? 75  ILE A CA    1 
ATOM   518  C  C     . ILE A 1 93  ? 5.405   11.884  -8.578  1.00 56.62 ? 75  ILE A C     1 
ATOM   519  O  O     . ILE A 1 93  ? 6.425   11.190  -8.488  1.00 56.81 ? 75  ILE A O     1 
ATOM   520  C  CB    . ILE A 1 93  ? 3.689   11.553  -10.387 1.00 56.61 ? 75  ILE A CB    1 
ATOM   521  N  N     . ILE A 1 94  ? 5.400   13.205  -8.349  1.00 56.18 ? 76  ILE A N     1 
ATOM   522  C  CA    . ILE A 1 94  ? 6.648   13.976  -8.112  1.00 55.60 ? 76  ILE A CA    1 
ATOM   523  C  C     . ILE A 1 94  ? 7.246   13.750  -6.733  1.00 54.99 ? 76  ILE A C     1 
ATOM   524  O  O     . ILE A 1 94  ? 6.528   13.730  -5.716  1.00 55.39 ? 76  ILE A O     1 
ATOM   525  C  CB    . ILE A 1 94  ? 6.442   15.513  -8.274  1.00 55.58 ? 76  ILE A CB    1 
ATOM   526  N  N     . GLY A 1 95  ? 8.568   13.584  -6.703  1.00 53.96 ? 77  GLY A N     1 
ATOM   527  C  CA    . GLY A 1 95  ? 9.308   13.396  -5.454  1.00 53.04 ? 77  GLY A CA    1 
ATOM   528  C  C     . GLY A 1 95  ? 9.107   12.064  -4.733  1.00 51.90 ? 77  GLY A C     1 
ATOM   529  O  O     . GLY A 1 95  ? 9.643   11.884  -3.637  1.00 51.46 ? 77  GLY A O     1 
ATOM   530  N  N     . VAL A 1 96  ? 8.363   11.138  -5.357  1.00 50.54 ? 78  VAL A N     1 
ATOM   531  C  CA    . VAL A 1 96  ? 7.992   9.855   -4.737  1.00 49.33 ? 78  VAL A CA    1 
ATOM   532  C  C     . VAL A 1 96  ? 9.049   8.800   -4.980  1.00 48.19 ? 78  VAL A C     1 
ATOM   533  O  O     . VAL A 1 96  ? 9.298   8.389   -6.118  1.00 47.76 ? 78  VAL A O     1 
ATOM   534  C  CB    . VAL A 1 96  ? 6.630   9.314   -5.263  1.00 49.25 ? 78  VAL A CB    1 
ATOM   535  C  CG1   . VAL A 1 96  ? 6.291   8.004   -4.597  1.00 48.50 ? 78  VAL A CG1   1 
ATOM   536  C  CG2   . VAL A 1 96  ? 5.538   10.321  -4.999  1.00 49.74 ? 78  VAL A CG2   1 
ATOM   537  N  N     . HIS A 1 97  ? 9.660   8.343   -3.898  1.00 46.90 ? 79  HIS A N     1 
ATOM   538  C  CA    . HIS A 1 97  ? 10.692  7.338   -4.003  1.00 45.85 ? 79  HIS A CA    1 
ATOM   539  C  C     . HIS A 1 97  ? 10.114  5.911   -4.145  1.00 44.15 ? 79  HIS A C     1 
ATOM   540  O  O     . HIS A 1 97  ? 10.810  5.008   -4.586  1.00 44.26 ? 79  HIS A O     1 
ATOM   541  C  CB    . HIS A 1 97  ? 11.653  7.457   -2.811  1.00 46.24 ? 79  HIS A CB    1 
ATOM   542  C  CG    . HIS A 1 97  ? 12.377  8.776   -2.747  1.00 47.90 ? 79  HIS A CG    1 
ATOM   543  N  ND1   . HIS A 1 97  ? 11.986  9.803   -1.915  1.00 49.58 ? 79  HIS A ND1   1 
ATOM   544  C  CD2   . HIS A 1 97  ? 13.470  9.228   -3.412  1.00 49.19 ? 79  HIS A CD2   1 
ATOM   545  C  CE1   . HIS A 1 97  ? 12.805  10.832  -2.072  1.00 51.26 ? 79  HIS A CE1   1 
ATOM   546  N  NE2   . HIS A 1 97  ? 13.715  10.508  -2.976  1.00 50.03 ? 79  HIS A NE2   1 
ATOM   547  N  N     . GLY A 1 98  ? 8.854   5.703   -3.789  1.00 42.03 ? 80  GLY A N     1 
ATOM   548  C  CA    . GLY A 1 98  ? 8.301   4.352   -3.781  1.00 40.59 ? 80  GLY A CA    1 
ATOM   549  C  C     . GLY A 1 98  ? 6.812   4.346   -3.534  1.00 38.96 ? 80  GLY A C     1 
ATOM   550  O  O     . GLY A 1 98  ? 6.290   5.302   -2.999  1.00 38.78 ? 80  GLY A O     1 
ATOM   551  N  N     . TYR A 1 99  ? 6.137   3.265   -3.938  1.00 37.40 ? 81  TYR A N     1 
ATOM   552  C  CA    . TYR A 1 99  ? 4.687   3.110   -3.738  1.00 36.27 ? 81  TYR A CA    1 
ATOM   553  C  C     . TYR A 1 99  ? 4.331   1.824   -3.016  1.00 34.75 ? 81  TYR A C     1 
ATOM   554  O  O     . TYR A 1 99  ? 4.950   0.785   -3.240  1.00 34.86 ? 81  TYR A O     1 
ATOM   555  C  CB    . TYR A 1 99  ? 3.955   3.097   -5.069  1.00 36.60 ? 81  TYR A CB    1 
ATOM   556  C  CG    . TYR A 1 99  ? 4.080   4.386   -5.814  1.00 38.26 ? 81  TYR A CG    1 
ATOM   557  C  CD1   . TYR A 1 99  ? 5.113   4.571   -6.720  1.00 39.16 ? 81  TYR A CD1   1 
ATOM   558  C  CD2   . TYR A 1 99  ? 3.188   5.418   -5.604  1.00 39.45 ? 81  TYR A CD2   1 
ATOM   559  C  CE1   . TYR A 1 99  ? 5.257   5.737   -7.405  1.00 41.91 ? 81  TYR A CE1   1 
ATOM   560  C  CE2   . TYR A 1 99  ? 3.317   6.603   -6.289  1.00 41.14 ? 81  TYR A CE2   1 
ATOM   561  C  CZ    . TYR A 1 99  ? 4.368   6.757   -7.197  1.00 42.53 ? 81  TYR A CZ    1 
ATOM   562  O  OH    . TYR A 1 99  ? 4.549   7.921   -7.906  1.00 43.74 ? 81  TYR A OH    1 
ATOM   563  N  N     . VAL A 1 100 ? 3.329   1.909   -2.156  1.00 32.73 ? 82  VAL A N     1 
ATOM   564  C  CA    . VAL A 1 100 ? 2.665   0.754   -1.628  1.00 31.60 ? 82  VAL A CA    1 
ATOM   565  C  C     . VAL A 1 100 ? 1.242   0.815   -2.192  1.00 31.50 ? 82  VAL A C     1 
ATOM   566  O  O     . VAL A 1 100 ? 0.493   1.708   -1.861  1.00 31.25 ? 82  VAL A O     1 
ATOM   567  C  CB    . VAL A 1 100 ? 2.668   0.751   -0.069  1.00 31.37 ? 82  VAL A CB    1 
ATOM   568  C  CG1   . VAL A 1 100 ? 1.865   -0.416  0.480   1.00 29.86 ? 82  VAL A CG1   1 
ATOM   569  C  CG2   . VAL A 1 100 ? 4.098   0.679   0.464   1.00 29.01 ? 82  VAL A CG2   1 
ATOM   570  N  N     . LEU A 1 101 ? 0.905   -0.129  -3.075  1.00 31.13 ? 83  LEU A N     1 
ATOM   571  C  CA    . LEU A 1 101 ? -0.422  -0.265  -3.621  1.00 30.61 ? 83  LEU A CA    1 
ATOM   572  C  C     . LEU A 1 101 ? -1.205  -1.326  -2.860  1.00 30.19 ? 83  LEU A C     1 
ATOM   573  O  O     . LEU A 1 101 ? -0.819  -2.486  -2.835  1.00 31.54 ? 83  LEU A O     1 
ATOM   574  C  CB    . LEU A 1 101 ? -0.360  -0.640  -5.101  1.00 30.80 ? 83  LEU A CB    1 
ATOM   575  C  CG    . LEU A 1 101 ? 0.357   0.280   -6.105  1.00 31.11 ? 83  LEU A CG    1 
ATOM   576  C  CD1   . LEU A 1 101 ? -0.327  0.136   -7.472  1.00 31.45 ? 83  LEU A CD1   1 
ATOM   577  C  CD2   . LEU A 1 101 ? 0.443   1.756   -5.699  1.00 28.61 ? 83  LEU A CD2   1 
ATOM   578  N  N     . VAL A 1 102 ? -2.308  -0.930  -2.239  1.00 29.55 ? 84  VAL A N     1 
ATOM   579  C  CA    . VAL A 1 102 ? -3.057  -1.815  -1.357  1.00 28.79 ? 84  VAL A CA    1 
ATOM   580  C  C     . VAL A 1 102 ? -4.373  -2.143  -2.020  1.00 28.30 ? 84  VAL A C     1 
ATOM   581  O  O     . VAL A 1 102 ? -5.035  -1.269  -2.575  1.00 28.21 ? 84  VAL A O     1 
ATOM   582  C  CB    . VAL A 1 102 ? -3.327  -1.181  0.034   1.00 28.84 ? 84  VAL A CB    1 
ATOM   583  C  CG1   . VAL A 1 102 ? -4.037  -2.194  0.982   1.00 28.70 ? 84  VAL A CG1   1 
ATOM   584  C  CG2   . VAL A 1 102 ? -2.031  -0.650  0.649   1.00 28.68 ? 84  VAL A CG2   1 
ATOM   585  N  N     . TYR A 1 103 ? -4.703  -3.424  -2.023  1.00 27.67 ? 85  TYR A N     1 
ATOM   586  C  CA    . TYR A 1 103 ? -6.064  -3.885  -2.262  1.00 27.15 ? 85  TYR A CA    1 
ATOM   587  C  C     . TYR A 1 103 ? -6.431  -4.741  -1.062  1.00 26.49 ? 85  TYR A C     1 
ATOM   588  O  O     . TYR A 1 103 ? -5.602  -4.945  -0.166  1.00 27.42 ? 85  TYR A O     1 
ATOM   589  C  CB    . TYR A 1 103 ? -6.184  -4.638  -3.597  1.00 26.86 ? 85  TYR A CB    1 
ATOM   590  C  CG    . TYR A 1 103 ? -5.489  -5.981  -3.649  1.00 25.29 ? 85  TYR A CG    1 
ATOM   591  C  CD1   . TYR A 1 103 ? -6.188  -7.150  -3.378  1.00 24.56 ? 85  TYR A CD1   1 
ATOM   592  C  CD2   . TYR A 1 103 ? -4.138  -6.079  -3.971  1.00 25.51 ? 85  TYR A CD2   1 
ATOM   593  C  CE1   . TYR A 1 103 ? -5.574  -8.386  -3.424  1.00 25.18 ? 85  TYR A CE1   1 
ATOM   594  C  CE2   . TYR A 1 103 ? -3.489  -7.318  -4.018  1.00 26.32 ? 85  TYR A CE2   1 
ATOM   595  C  CZ    . TYR A 1 103 ? -4.222  -8.474  -3.743  1.00 27.03 ? 85  TYR A CZ    1 
ATOM   596  O  OH    . TYR A 1 103 ? -3.625  -9.710  -3.775  1.00 26.16 ? 85  TYR A OH    1 
ATOM   597  N  N     . SER A 1 104 ? -7.667  -5.201  -1.032  1.00 26.60 ? 86  SER A N     1 
ATOM   598  C  CA    . SER A 1 104 ? -8.166  -6.110  0.012   1.00 26.89 ? 86  SER A CA    1 
ATOM   599  C  C     . SER A 1 104 ? -8.426  -7.467  -0.593  1.00 27.01 ? 86  SER A C     1 
ATOM   600  O  O     . SER A 1 104 ? -9.074  -7.551  -1.634  1.00 27.74 ? 86  SER A O     1 
ATOM   601  C  CB    . SER A 1 104 ? -9.479  -5.597  0.569   1.00 26.86 ? 86  SER A CB    1 
ATOM   602  O  OG    . SER A 1 104 ? -10.005 -6.475  1.549   1.00 25.49 ? 86  SER A OG    1 
ATOM   603  N  N     . VAL A 1 105 ? -7.958  -8.522  0.067   1.00 26.89 ? 87  VAL A N     1 
ATOM   604  C  CA    . VAL A 1 105 ? -8.127  -9.875  -0.423  1.00 27.15 ? 87  VAL A CA    1 
ATOM   605  C  C     . VAL A 1 105 ? -9.595  -10.307 -0.402  1.00 28.18 ? 87  VAL A C     1 
ATOM   606  O  O     . VAL A 1 105 ? -9.957  -11.242 -1.108  1.00 28.61 ? 87  VAL A O     1 
ATOM   607  C  CB    . VAL A 1 105 ? -7.294  -10.952 0.394   1.00 26.62 ? 87  VAL A CB    1 
ATOM   608  C  CG1   . VAL A 1 105 ? -5.805  -10.616 0.410   1.00 25.03 ? 87  VAL A CG1   1 
ATOM   609  C  CG2   . VAL A 1 105 ? -7.861  -11.183 1.813   1.00 25.63 ? 87  VAL A CG2   1 
ATOM   610  N  N     . THR A 1 106 ? -10.414 -9.671  0.438   1.00 28.55 ? 88  THR A N     1 
ATOM   611  C  CA    . THR A 1 106 ? -11.855 -9.964  0.505   1.00 29.07 ? 88  THR A CA    1 
ATOM   612  C  C     . THR A 1 106 ? -12.681 -9.143  -0.510  1.00 30.02 ? 88  THR A C     1 
ATOM   613  O  O     . THR A 1 106 ? -13.900 -9.229  -0.499  1.00 31.28 ? 88  THR A O     1 
ATOM   614  C  CB    . THR A 1 106 ? -12.419 -9.640  1.866   1.00 29.47 ? 88  THR A CB    1 
ATOM   615  O  OG1   . THR A 1 106 ? -12.271 -8.236  2.095   1.00 27.32 ? 88  THR A OG1   1 
ATOM   616  C  CG2   . THR A 1 106 ? -11.682 -10.440 2.977   1.00 28.05 ? 88  THR A CG2   1 
ATOM   617  N  N     . SER A 1 107 ? -12.024 -8.377  -1.386  1.00 29.94 ? 89  SER A N     1 
ATOM   618  C  CA    . SER A 1 107 ? -12.720 -7.580  -2.380  1.00 30.38 ? 89  SER A CA    1 
ATOM   619  C  C     . SER A 1 107 ? -11.983 -7.564  -3.730  1.00 30.70 ? 89  SER A C     1 
ATOM   620  O  O     . SER A 1 107 ? -11.027 -6.855  -3.905  1.00 29.63 ? 89  SER A O     1 
ATOM   621  C  CB    . SER A 1 107 ? -12.885 -6.141  -1.898  1.00 30.51 ? 89  SER A CB    1 
ATOM   622  O  OG    . SER A 1 107 ? -13.339 -5.338  -2.961  1.00 29.94 ? 89  SER A OG    1 
ATOM   623  N  N     . LEU A 1 108 ? -12.477 -8.369  -4.656  1.00 31.33 ? 90  LEU A N     1 
ATOM   624  C  CA    . LEU A 1 108 ? -12.010 -8.411  -6.021  1.00 32.32 ? 90  LEU A CA    1 
ATOM   625  C  C     . LEU A 1 108 ? -12.161 -7.060  -6.721  1.00 32.72 ? 90  LEU A C     1 
ATOM   626  O  O     . LEU A 1 108 ? -11.279 -6.637  -7.498  1.00 31.77 ? 90  LEU A O     1 
ATOM   627  C  CB    . LEU A 1 108 ? -12.805 -9.493  -6.765  1.00 32.98 ? 90  LEU A CB    1 
ATOM   628  C  CG    . LEU A 1 108 ? -12.649 -9.616  -8.277  1.00 35.14 ? 90  LEU A CG    1 
ATOM   629  C  CD1   . LEU A 1 108 ? -11.214 -9.938  -8.687  1.00 34.68 ? 90  LEU A CD1   1 
ATOM   630  C  CD2   . LEU A 1 108 ? -13.640 -10.674 -8.773  1.00 37.61 ? 90  LEU A CD2   1 
ATOM   631  N  N     . HIS A 1 109 ? -13.267 -6.369  -6.457  1.00 33.43 ? 91  HIS A N     1 
ATOM   632  C  CA    . HIS A 1 109 ? -13.437 -5.018  -7.012  1.00 34.03 ? 91  HIS A CA    1 
ATOM   633  C  C     . HIS A 1 109 ? -12.209 -4.164  -6.649  1.00 33.16 ? 91  HIS A C     1 
ATOM   634  O  O     . HIS A 1 109 ? -11.660 -3.465  -7.503  1.00 33.07 ? 91  HIS A O     1 
ATOM   635  C  CB    . HIS A 1 109 ? -14.753 -4.371  -6.535  1.00 34.92 ? 91  HIS A CB    1 
ATOM   636  C  CG    . HIS A 1 109 ? -15.000 -3.001  -7.110  1.00 38.13 ? 91  HIS A CG    1 
ATOM   637  N  ND1   . HIS A 1 109 ? -14.948 -2.738  -8.462  1.00 42.75 ? 91  HIS A ND1   1 
ATOM   638  C  CD2   . HIS A 1 109 ? -15.287 -1.821  -6.513  1.00 40.87 ? 91  HIS A CD2   1 
ATOM   639  C  CE1   . HIS A 1 109 ? -15.190 -1.457  -8.674  1.00 41.87 ? 91  HIS A CE1   1 
ATOM   640  N  NE2   . HIS A 1 109 ? -15.400 -0.879  -7.508  1.00 42.17 ? 91  HIS A NE2   1 
ATOM   641  N  N     . SER A 1 110 ? -11.749 -4.246  -5.398  1.00 32.51 ? 92  SER A N     1 
ATOM   642  C  CA    . SER A 1 110 ? -10.572 -3.442  -4.979  1.00 31.71 ? 92  SER A CA    1 
ATOM   643  C  C     . SER A 1 110 ? -9.302  -3.847  -5.706  1.00 31.57 ? 92  SER A C     1 
ATOM   644  O  O     . SER A 1 110 ? -8.448  -3.013  -5.987  1.00 30.25 ? 92  SER A O     1 
ATOM   645  C  CB    . SER A 1 110 ? -10.340 -3.549  -3.480  1.00 31.59 ? 92  SER A CB    1 
ATOM   646  O  OG    . SER A 1 110 ? -9.753  -4.777  -3.142  1.00 28.66 ? 92  SER A OG    1 
ATOM   647  N  N     . PHE A 1 111 ? -9.192  -5.147  -5.975  1.00 32.16 ? 93  PHE A N     1 
ATOM   648  C  CA    . PHE A 1 111 ? -8.090  -5.707  -6.774  1.00 32.97 ? 93  PHE A CA    1 
ATOM   649  C  C     . PHE A 1 111 ? -8.147  -5.274  -8.257  1.00 33.37 ? 93  PHE A C     1 
ATOM   650  O  O     . PHE A 1 111 ? -7.113  -5.053  -8.905  1.00 33.53 ? 93  PHE A O     1 
ATOM   651  C  CB    . PHE A 1 111 ? -8.141  -7.219  -6.673  1.00 32.72 ? 93  PHE A CB    1 
ATOM   652  C  CG    . PHE A 1 111 ? -7.007  -7.915  -7.345  1.00 32.83 ? 93  PHE A CG    1 
ATOM   653  C  CD1   . PHE A 1 111 ? -5.689  -7.671  -6.967  1.00 33.84 ? 93  PHE A CD1   1 
ATOM   654  C  CD2   . PHE A 1 111 ? -7.248  -8.870  -8.347  1.00 33.04 ? 93  PHE A CD2   1 
ATOM   655  C  CE1   . PHE A 1 111 ? -4.611  -8.339  -7.605  1.00 31.15 ? 93  PHE A CE1   1 
ATOM   656  C  CE2   . PHE A 1 111 ? -6.192  -9.541  -8.945  1.00 30.46 ? 93  PHE A CE2   1 
ATOM   657  C  CZ    . PHE A 1 111 ? -4.882  -9.279  -8.574  1.00 30.92 ? 93  PHE A CZ    1 
ATOM   658  N  N     . GLN A 1 112 ? -9.352  -5.156  -8.785  1.00 34.04 ? 94  GLN A N     1 
ATOM   659  C  CA    . GLN A 1 112 ? -9.539  -4.630  -10.136 1.00 35.10 ? 94  GLN A CA    1 
ATOM   660  C  C     . GLN A 1 112 ? -9.157  -3.150  -10.206 1.00 34.73 ? 94  GLN A C     1 
ATOM   661  O  O     . GLN A 1 112 ? -8.441  -2.740  -11.127 1.00 35.20 ? 94  GLN A O     1 
ATOM   662  C  CB    . GLN A 1 112 ? -10.989 -4.857  -10.603 1.00 35.67 ? 94  GLN A CB    1 
ATOM   663  C  CG    . GLN A 1 112 ? -11.294 -6.325  -10.811 1.00 37.22 ? 94  GLN A CG    1 
ATOM   664  C  CD    . GLN A 1 112 ? -12.772 -6.625  -10.998 1.00 39.90 ? 94  GLN A CD    1 
ATOM   665  O  OE1   . GLN A 1 112 ? -13.639 -5.893  -10.522 1.00 39.70 ? 94  GLN A OE1   1 
ATOM   666  N  NE2   . GLN A 1 112 ? -13.061 -7.732  -11.699 1.00 41.73 ? 94  GLN A NE2   1 
ATOM   667  N  N     . VAL A 1 113 ? -9.586  -2.367  -9.210  1.00 34.47 ? 95  VAL A N     1 
ATOM   668  C  CA    . VAL A 1 113 ? -9.179  -0.959  -9.120  1.00 34.20 ? 95  VAL A CA    1 
ATOM   669  C  C     . VAL A 1 113 ? -7.678  -0.749  -8.963  1.00 35.27 ? 95  VAL A C     1 
ATOM   670  O  O     . VAL A 1 113 ? -7.126  0.209   -9.543  1.00 34.93 ? 95  VAL A O     1 
ATOM   671  C  CB    . VAL A 1 113 ? -9.915  -0.198  -7.982  1.00 34.19 ? 95  VAL A CB    1 
ATOM   672  C  CG1   . VAL A 1 113 ? -9.201  1.128   -7.641  1.00 31.71 ? 95  VAL A CG1   1 
ATOM   673  C  CG2   . VAL A 1 113 ? -11.362 0.084   -8.388  1.00 32.14 ? 95  VAL A CG2   1 
ATOM   674  N  N     . ILE A 1 114 ? -6.992  -1.603  -8.183  1.00 35.70 ? 96  ILE A N     1 
ATOM   675  C  CA    . ILE A 1 114 ? -5.554  -1.412  -8.026  1.00 35.65 ? 96  ILE A CA    1 
ATOM   676  C  C     . ILE A 1 114 ? -4.813  -1.526  -9.385  1.00 36.74 ? 96  ILE A C     1 
ATOM   677  O  O     . ILE A 1 114 ? -3.824  -0.839  -9.615  1.00 36.08 ? 96  ILE A O     1 
ATOM   678  C  CB    . ILE A 1 114 ? -4.936  -2.321  -6.898  1.00 35.46 ? 96  ILE A CB    1 
ATOM   679  C  CG1   . ILE A 1 114 ? -3.697  -1.661  -6.346  1.00 33.61 ? 96  ILE A CG1   1 
ATOM   680  C  CG2   . ILE A 1 114 ? -4.586  -3.737  -7.401  1.00 34.46 ? 96  ILE A CG2   1 
ATOM   681  C  CD1   . ILE A 1 114 ? -3.924  -0.284  -5.822  1.00 33.07 ? 96  ILE A CD1   1 
ATOM   682  N  N     . GLU A 1 115 ? -5.311  -2.368  -10.289 1.00 38.12 ? 97  GLU A N     1 
ATOM   683  C  CA    . GLU A 1 115 ? -4.746  -2.434  -11.661 1.00 39.66 ? 97  GLU A CA    1 
ATOM   684  C  C     . GLU A 1 115 ? -4.873  -1.111  -12.415 1.00 39.83 ? 97  GLU A C     1 
ATOM   685  O  O     . GLU A 1 115 ? -3.892  -0.634  -12.974 1.00 39.57 ? 97  GLU A O     1 
ATOM   686  C  CB    . GLU A 1 115 ? -5.374  -3.571  -12.470 1.00 40.14 ? 97  GLU A CB    1 
ATOM   687  C  CG    . GLU A 1 115 ? -5.179  -4.915  -11.773 1.00 42.62 ? 97  GLU A CG    1 
ATOM   688  C  CD    . GLU A 1 115 ? -5.865  -6.069  -12.469 1.00 46.04 ? 97  GLU A CD    1 
ATOM   689  O  OE1   . GLU A 1 115 ? -5.609  -6.223  -13.701 1.00 47.59 ? 97  GLU A OE1   1 
ATOM   690  O  OE2   . GLU A 1 115 ? -6.624  -6.822  -11.766 1.00 46.55 ? 97  GLU A OE2   1 
ATOM   691  N  N     . SER A 1 116 ? -6.073  -0.524  -12.416 1.00 40.68 ? 98  SER A N     1 
ATOM   692  C  CA    . SER A 1 116 ? -6.281  0.810   -13.001 1.00 41.43 ? 98  SER A CA    1 
ATOM   693  C  C     . SER A 1 116 ? -5.316  1.772   -12.402 1.00 41.66 ? 98  SER A C     1 
ATOM   694  O  O     . SER A 1 116 ? -4.605  2.471   -13.128 1.00 41.78 ? 98  SER A O     1 
ATOM   695  C  CB    . SER A 1 116 ? -7.684  1.340   -12.754 1.00 41.32 ? 98  SER A CB    1 
ATOM   696  O  OG    . SER A 1 116 ? -8.638  0.384   -13.158 1.00 43.73 ? 98  SER A OG    1 
ATOM   697  N  N     . LEU A 1 117 ? -5.272  1.803   -11.072 1.00 41.89 ? 99  LEU A N     1 
ATOM   698  C  CA    . LEU A 1 117 ? -4.412  2.750   -10.385 1.00 42.31 ? 99  LEU A CA    1 
ATOM   699  C  C     . LEU A 1 117 ? -2.955  2.565   -10.804 1.00 43.15 ? 99  LEU A C     1 
ATOM   700  O  O     . LEU A 1 117 ? -2.221  3.547   -10.997 1.00 43.00 ? 99  LEU A O     1 
ATOM   701  C  CB    . LEU A 1 117 ? -4.580  2.676   -8.859  1.00 42.01 ? 99  LEU A CB    1 
ATOM   702  C  CG    . LEU A 1 117 ? -5.985  2.987   -8.312  1.00 42.40 ? 99  LEU A CG    1 
ATOM   703  C  CD1   . LEU A 1 117 ? -5.947  3.206   -6.822  1.00 41.90 ? 99  LEU A CD1   1 
ATOM   704  C  CD2   . LEU A 1 117 ? -6.615  4.198   -8.979  1.00 43.23 ? 99  LEU A CD2   1 
ATOM   705  N  N     . TYR A 1 118 ? -2.527  1.327   -10.991 1.00 44.17 ? 100 TYR A N     1 
ATOM   706  C  CA    . TYR A 1 118 ? -1.176  1.125   -11.475 1.00 45.49 ? 100 TYR A CA    1 
ATOM   707  C  C     . TYR A 1 118 ? -0.989  1.725   -12.883 1.00 46.77 ? 100 TYR A C     1 
ATOM   708  O  O     . TYR A 1 118 ? -0.042  2.473   -13.108 1.00 46.25 ? 100 TYR A O     1 
ATOM   709  C  CB    . TYR A 1 118 ? -0.782  -0.342  -11.492 1.00 45.24 ? 100 TYR A CB    1 
ATOM   710  C  CG    . TYR A 1 118 ? 0.629   -0.508  -11.968 1.00 45.28 ? 100 TYR A CG    1 
ATOM   711  C  CD1   . TYR A 1 118 ? 1.695   -0.335  -11.101 1.00 45.53 ? 100 TYR A CD1   1 
ATOM   712  C  CD2   . TYR A 1 118 ? 0.905   -0.791  -13.305 1.00 46.62 ? 100 TYR A CD2   1 
ATOM   713  C  CE1   . TYR A 1 118 ? 3.006   -0.469  -11.541 1.00 46.52 ? 100 TYR A CE1   1 
ATOM   714  C  CE2   . TYR A 1 118 ? 2.223   -0.916  -13.762 1.00 46.94 ? 100 TYR A CE2   1 
ATOM   715  C  CZ    . TYR A 1 118 ? 3.259   -0.751  -12.877 1.00 46.23 ? 100 TYR A CZ    1 
ATOM   716  O  OH    . TYR A 1 118 ? 4.546   -0.863  -13.319 1.00 46.06 ? 100 TYR A OH    1 
ATOM   717  N  N     . GLN A 1 119 ? -1.880  1.380   -13.813 1.00 48.35 ? 101 GLN A N     1 
ATOM   718  C  CA    . GLN A 1 119 ? -1.793  1.898   -15.188 1.00 49.99 ? 101 GLN A CA    1 
ATOM   719  C  C     . GLN A 1 119 ? -1.686  3.426   -15.166 1.00 51.28 ? 101 GLN A C     1 
ATOM   720  O  O     . GLN A 1 119 ? -0.774  3.988   -15.773 1.00 52.16 ? 101 GLN A O     1 
ATOM   721  C  CB    . GLN A 1 119 ? -2.987  1.438   -16.042 1.00 49.72 ? 101 GLN A CB    1 
ATOM   722  N  N     . LYS A 1 120 ? -2.586  4.091   -14.432 1.00 52.70 ? 102 LYS A N     1 
ATOM   723  C  CA    . LYS A 1 120 ? -2.532  5.557   -14.274 1.00 53.58 ? 102 LYS A CA    1 
ATOM   724  C  C     . LYS A 1 120 ? -1.154  6.014   -13.819 1.00 55.18 ? 102 LYS A C     1 
ATOM   725  O  O     . LYS A 1 120 ? -0.663  7.073   -14.234 1.00 55.82 ? 102 LYS A O     1 
ATOM   726  C  CB    . LYS A 1 120 ? -3.575  6.052   -13.266 1.00 53.13 ? 102 LYS A CB    1 
ATOM   727  C  CG    . LYS A 1 120 ? -5.002  5.925   -13.729 1.00 52.70 ? 102 LYS A CG    1 
ATOM   728  C  CD    . LYS A 1 120 ? -5.970  6.442   -12.668 1.00 52.42 ? 102 LYS A CD    1 
ATOM   729  C  CE    . LYS A 1 120 ? -7.359  5.775   -12.757 1.00 52.10 ? 102 LYS A CE    1 
ATOM   730  N  NZ    . LYS A 1 120 ? -8.256  6.345   -13.818 1.00 50.75 ? 102 LYS A NZ    1 
ATOM   731  N  N     . LEU A 1 121 ? -0.543  5.213   -12.956 1.00 56.71 ? 103 LEU A N     1 
ATOM   732  C  CA    . LEU A 1 121 ? 0.766   5.506   -12.396 1.00 57.97 ? 103 LEU A CA    1 
ATOM   733  C  C     . LEU A 1 121 ? 1.856   5.473   -13.478 1.00 59.59 ? 103 LEU A C     1 
ATOM   734  O  O     . LEU A 1 121 ? 2.720   6.357   -13.529 1.00 59.56 ? 103 LEU A O     1 
ATOM   735  C  CB    . LEU A 1 121 ? 1.088   4.468   -11.314 1.00 57.96 ? 103 LEU A CB    1 
ATOM   736  C  CG    . LEU A 1 121 ? 1.587   4.920   -9.962  1.00 57.78 ? 103 LEU A CG    1 
ATOM   737  C  CD1   . LEU A 1 121 ? 0.533   5.727   -9.255  1.00 57.63 ? 103 LEU A CD1   1 
ATOM   738  C  CD2   . LEU A 1 121 ? 1.952   3.687   -9.139  1.00 58.63 ? 103 LEU A CD2   1 
ATOM   739  N  N     . HIS A 1 122 ? 1.821   4.445   -14.330 1.00 61.29 ? 104 HIS A N     1 
ATOM   740  C  CA    . HIS A 1 122 ? 2.840   4.281   -15.374 1.00 62.82 ? 104 HIS A CA    1 
ATOM   741  C  C     . HIS A 1 122 ? 2.600   5.331   -16.492 1.00 64.17 ? 104 HIS A C     1 
ATOM   742  O  O     . HIS A 1 122 ? 3.557   5.791   -17.134 1.00 64.50 ? 104 HIS A O     1 
ATOM   743  C  CB    . HIS A 1 122 ? 2.858   2.830   -15.911 1.00 62.95 ? 104 HIS A CB    1 
ATOM   744  C  CG    . HIS A 1 122 ? 4.213   2.361   -16.365 1.00 62.99 ? 104 HIS A CG    1 
ATOM   745  N  N     . GLU A 1 123 ? 1.330   5.721   -16.686 1.00 65.17 ? 105 GLU A N     1 
ATOM   746  C  CA    . GLU A 1 123 ? 0.972   6.877   -17.530 1.00 65.95 ? 105 GLU A CA    1 
ATOM   747  C  C     . GLU A 1 123 ? 1.356   8.185   -16.827 1.00 66.15 ? 105 GLU A C     1 
ATOM   748  O  O     . GLU A 1 123 ? 2.541   8.515   -16.685 1.00 66.53 ? 105 GLU A O     1 
ATOM   749  C  CB    . GLU A 1 123 ? -0.544  6.876   -17.843 1.00 66.19 ? 105 GLU A CB    1 
ATOM   750  C  CG    . GLU A 1 123 ? -0.999  5.733   -18.780 1.00 67.46 ? 105 GLU A CG    1 
ATOM   751  C  CD    . GLU A 1 123 ? -2.409  5.157   -18.453 1.00 69.98 ? 105 GLU A CD    1 
ATOM   752  O  OE1   . GLU A 1 123 ? -3.315  5.903   -17.979 1.00 70.90 ? 105 GLU A OE1   1 
ATOM   753  O  OE2   . GLU A 1 123 ? -2.607  3.935   -18.683 1.00 70.82 ? 105 GLU A OE2   1 
ATOM   754  N  N     . ARG A 1 129 ? 10.775  4.904   -13.390 1.00 51.45 ? 111 ARG A N     1 
ATOM   755  C  CA    . ARG A 1 129 ? 10.260  3.715   -12.685 1.00 51.40 ? 111 ARG A CA    1 
ATOM   756  C  C     . ARG A 1 129 ? 10.642  3.752   -11.191 1.00 50.68 ? 111 ARG A C     1 
ATOM   757  O  O     . ARG A 1 129 ? 11.779  4.114   -10.833 1.00 51.59 ? 111 ARG A O     1 
ATOM   758  C  CB    . ARG A 1 129 ? 10.771  2.411   -13.337 1.00 51.54 ? 111 ARG A CB    1 
ATOM   759  C  CG    . ARG A 1 129 ? 10.198  1.119   -12.732 1.00 51.76 ? 111 ARG A CG    1 
ATOM   760  N  N     . VAL A 1 130 ? 9.680   3.391   -10.331 1.00 49.00 ? 112 VAL A N     1 
ATOM   761  C  CA    . VAL A 1 130 ? 9.881   3.379   -8.892  1.00 46.95 ? 112 VAL A CA    1 
ATOM   762  C  C     . VAL A 1 130 ? 9.614   1.982   -8.370  1.00 45.19 ? 112 VAL A C     1 
ATOM   763  O  O     . VAL A 1 130 ? 8.902   1.195   -9.011  1.00 45.11 ? 112 VAL A O     1 
ATOM   764  C  CB    . VAL A 1 130 ? 8.922   4.367   -8.180  1.00 47.34 ? 112 VAL A CB    1 
ATOM   765  N  N     . PRO A 1 131 ? 10.205  1.647   -7.211  1.00 42.98 ? 113 PRO A N     1 
ATOM   766  C  CA    . PRO A 1 131 ? 9.767   0.445   -6.482  1.00 41.39 ? 113 PRO A CA    1 
ATOM   767  C  C     . PRO A 1 131 ? 8.276   0.501   -6.157  1.00 39.52 ? 113 PRO A C     1 
ATOM   768  O  O     . PRO A 1 131 ? 7.758   1.537   -5.750  1.00 37.78 ? 113 PRO A O     1 
ATOM   769  C  CB    . PRO A 1 131 ? 10.583  0.494   -5.193  1.00 41.24 ? 113 PRO A CB    1 
ATOM   770  C  CG    . PRO A 1 131 ? 11.830  1.248   -5.574  1.00 42.83 ? 113 PRO A CG    1 
ATOM   771  C  CD    . PRO A 1 131 ? 11.373  2.284   -6.575  1.00 42.82 ? 113 PRO A CD    1 
ATOM   772  N  N     . VAL A 1 132 ? 7.612   -0.618  -6.392  1.00 38.48 ? 114 VAL A N     1 
ATOM   773  C  CA    . VAL A 1 132 ? 6.232   -0.828  -6.026  1.00 37.59 ? 114 VAL A CA    1 
ATOM   774  C  C     . VAL A 1 132 ? 6.136   -2.158  -5.258  1.00 36.61 ? 114 VAL A C     1 
ATOM   775  O  O     . VAL A 1 132 ? 6.660   -3.180  -5.709  1.00 36.11 ? 114 VAL A O     1 
ATOM   776  C  CB    . VAL A 1 132 ? 5.348   -0.888  -7.277  1.00 37.76 ? 114 VAL A CB    1 
ATOM   777  C  CG1   . VAL A 1 132 ? 3.888   -1.078  -6.905  1.00 36.66 ? 114 VAL A CG1   1 
ATOM   778  C  CG2   . VAL A 1 132 ? 5.539   0.377   -8.116  1.00 38.56 ? 114 VAL A CG2   1 
ATOM   779  N  N     . VAL A 1 133 ? 5.520   -2.106  -4.076  1.00 35.08 ? 115 VAL A N     1 
ATOM   780  C  CA    . VAL A 1 133 ? 5.140   -3.280  -3.323  1.00 33.53 ? 115 VAL A CA    1 
ATOM   781  C  C     . VAL A 1 133 ? 3.618   -3.381  -3.394  1.00 33.08 ? 115 VAL A C     1 
ATOM   782  O  O     . VAL A 1 133 ? 2.931   -2.412  -3.064  1.00 33.07 ? 115 VAL A O     1 
ATOM   783  C  CB    . VAL A 1 133 ? 5.555   -3.188  -1.845  1.00 33.79 ? 115 VAL A CB    1 
ATOM   784  C  CG1   . VAL A 1 133 ? 5.156   -4.484  -1.105  1.00 32.58 ? 115 VAL A CG1   1 
ATOM   785  C  CG2   . VAL A 1 133 ? 7.082   -2.924  -1.715  1.00 31.33 ? 115 VAL A CG2   1 
ATOM   786  N  N     . LEU A 1 134 ? 3.108   -4.539  -3.857  1.00 31.93 ? 116 LEU A N     1 
ATOM   787  C  CA    . LEU A 1 134 ? 1.674   -4.800  -3.962  1.00 30.56 ? 116 LEU A CA    1 
ATOM   788  C  C     . LEU A 1 134 ? 1.255   -5.626  -2.775  1.00 29.47 ? 116 LEU A C     1 
ATOM   789  O  O     . LEU A 1 134 ? 1.803   -6.684  -2.517  1.00 28.62 ? 116 LEU A O     1 
ATOM   790  C  CB    . LEU A 1 134 ? 1.304   -5.514  -5.286  1.00 30.42 ? 116 LEU A CB    1 
ATOM   791  C  CG    . LEU A 1 134 ? -0.169  -5.946  -5.443  1.00 29.73 ? 116 LEU A CG    1 
ATOM   792  C  CD1   . LEU A 1 134 ? -1.131  -4.754  -5.541  1.00 26.94 ? 116 LEU A CD1   1 
ATOM   793  C  CD2   . LEU A 1 134 ? -0.350  -6.860  -6.653  1.00 29.58 ? 116 LEU A CD2   1 
ATOM   794  N  N     . VAL A 1 135 ? 0.257   -5.114  -2.071  1.00 28.86 ? 117 VAL A N     1 
ATOM   795  C  CA    . VAL A 1 135 ? -0.191  -5.656  -0.811  1.00 28.28 ? 117 VAL A CA    1 
ATOM   796  C  C     . VAL A 1 135 ? -1.671  -5.993  -0.906  1.00 27.58 ? 117 VAL A C     1 
ATOM   797  O  O     . VAL A 1 135 ? -2.509  -5.130  -1.131  1.00 27.24 ? 117 VAL A O     1 
ATOM   798  C  CB    . VAL A 1 135 ? 0.023   -4.647  0.317   1.00 27.96 ? 117 VAL A CB    1 
ATOM   799  C  CG1   . VAL A 1 135 ? -0.405  -5.243  1.661   1.00 28.65 ? 117 VAL A CG1   1 
ATOM   800  C  CG2   . VAL A 1 135 ? 1.469   -4.216  0.338   1.00 28.20 ? 117 VAL A CG2   1 
ATOM   801  N  N     . GLY A 1 136 ? -1.972  -7.266  -0.764  1.00 27.22 ? 118 GLY A N     1 
ATOM   802  C  CA    . GLY A 1 136 ? -3.338  -7.706  -0.561  1.00 27.32 ? 118 GLY A CA    1 
ATOM   803  C  C     . GLY A 1 136 ? -3.564  -7.722  0.928   1.00 26.80 ? 118 GLY A C     1 
ATOM   804  O  O     . GLY A 1 136 ? -2.985  -8.535  1.603   1.00 25.92 ? 118 GLY A O     1 
ATOM   805  N  N     . ASN A 1 137 ? -4.403  -6.807  1.431   1.00 27.19 ? 119 ASN A N     1 
ATOM   806  C  CA    . ASN A 1 137 ? -4.569  -6.634  2.867   1.00 27.19 ? 119 ASN A CA    1 
ATOM   807  C  C     . ASN A 1 137 ? -5.774  -7.400  3.396   1.00 27.41 ? 119 ASN A C     1 
ATOM   808  O  O     . ASN A 1 137 ? -6.497  -7.968  2.634   1.00 26.83 ? 119 ASN A O     1 
ATOM   809  C  CB    . ASN A 1 137 ? -4.702  -5.161  3.196   1.00 26.71 ? 119 ASN A CB    1 
ATOM   810  C  CG    . ASN A 1 137 ? -4.669  -4.890  4.683   1.00 26.56 ? 119 ASN A CG    1 
ATOM   811  O  OD1   . ASN A 1 137 ? -3.858  -5.469  5.434   1.00 23.99 ? 119 ASN A OD1   1 
ATOM   812  N  ND2   . ASN A 1 137 ? -5.567  -4.014  5.133   1.00 25.23 ? 119 ASN A ND2   1 
ATOM   813  N  N     . LYS A 1 138 ? -5.954  -7.405  4.711   1.00 27.79 ? 120 LYS A N     1 
ATOM   814  C  CA    . LYS A 1 138 ? -7.064  -8.098  5.360   1.00 29.05 ? 120 LYS A CA    1 
ATOM   815  C  C     . LYS A 1 138 ? -7.032  -9.601  5.120   1.00 29.36 ? 120 LYS A C     1 
ATOM   816  O  O     . LYS A 1 138 ? -8.078  -10.259 5.116   1.00 30.14 ? 120 LYS A O     1 
ATOM   817  C  CB    . LYS A 1 138 ? -8.450  -7.549  4.936   1.00 29.07 ? 120 LYS A CB    1 
ATOM   818  C  CG    . LYS A 1 138 ? -8.591  -6.035  4.850   1.00 29.93 ? 120 LYS A CG    1 
ATOM   819  C  CD    . LYS A 1 138 ? -10.116 -5.624  4.841   1.00 30.26 ? 120 LYS A CD    1 
ATOM   820  C  CE    . LYS A 1 138 ? -10.312 -4.139  4.618   1.00 30.82 ? 120 LYS A CE    1 
ATOM   821  N  NZ    . LYS A 1 138 ? -11.729 -3.725  4.732   1.00 28.79 ? 120 LYS A NZ    1 
ATOM   822  N  N     . ALA A 1 139 ? -5.834  -10.155 4.976   1.00 29.96 ? 121 ALA A N     1 
ATOM   823  C  CA    . ALA A 1 139 ? -5.673  -11.596 4.887   1.00 30.33 ? 121 ALA A CA    1 
ATOM   824  C  C     . ALA A 1 139 ? -6.156  -12.333 6.151   1.00 30.97 ? 121 ALA A C     1 
ATOM   825  O  O     . ALA A 1 139 ? -6.304  -13.556 6.118   1.00 31.56 ? 121 ALA A O     1 
ATOM   826  C  CB    . ALA A 1 139 ? -4.209  -11.950 4.595   1.00 30.36 ? 121 ALA A CB    1 
ATOM   827  N  N     . ASP A 1 140 ? -6.346  -11.629 7.273   1.00 31.37 ? 122 ASP A N     1 
ATOM   828  C  CA    . ASP A 1 140 ? -6.920  -12.267 8.486   1.00 31.81 ? 122 ASP A CA    1 
ATOM   829  C  C     . ASP A 1 140 ? -8.366  -12.758 8.279   1.00 32.04 ? 122 ASP A C     1 
ATOM   830  O  O     . ASP A 1 140 ? -8.788  -13.723 8.900   1.00 31.81 ? 122 ASP A O     1 
ATOM   831  C  CB    . ASP A 1 140 ? -6.852  -11.333 9.704   1.00 32.27 ? 122 ASP A CB    1 
ATOM   832  C  CG    . ASP A 1 140 ? -7.575  -10.012 9.481   1.00 31.54 ? 122 ASP A CG    1 
ATOM   833  O  OD1   . ASP A 1 140 ? -8.591  -9.787  10.157  1.00 31.94 ? 122 ASP A OD1   1 
ATOM   834  O  OD2   . ASP A 1 140 ? -7.126  -9.211  8.641   1.00 29.83 ? 122 ASP A OD2   1 
ATOM   835  N  N     . LEU A 1 141 ? -9.082  -12.104 7.359   1.00 32.65 ? 123 LEU A N     1 
ATOM   836  C  CA    . LEU A 1 141 ? -10.489 -12.370 7.081   1.00 32.81 ? 123 LEU A CA    1 
ATOM   837  C  C     . LEU A 1 141 ? -10.632 -13.448 6.024   1.00 34.54 ? 123 LEU A C     1 
ATOM   838  O  O     . LEU A 1 141 ? -11.219 -13.236 4.956   1.00 34.38 ? 123 LEU A O     1 
ATOM   839  C  CB    . LEU A 1 141 ? -11.189 -11.087 6.629   1.00 32.18 ? 123 LEU A CB    1 
ATOM   840  C  CG    . LEU A 1 141 ? -11.231 -9.940  7.625   1.00 30.32 ? 123 LEU A CG    1 
ATOM   841  C  CD1   . LEU A 1 141 ? -11.969 -8.750  6.952   1.00 31.68 ? 123 LEU A CD1   1 
ATOM   842  C  CD2   . LEU A 1 141 ? -11.908 -10.384 8.908   1.00 27.70 ? 123 LEU A CD2   1 
ATOM   843  N  N     . SER A 1 142 ? -10.108 -14.617 6.361   1.00 36.23 ? 124 SER A N     1 
ATOM   844  C  CA    . SER A 1 142 ? -9.965  -15.740 5.448   1.00 37.60 ? 124 SER A CA    1 
ATOM   845  C  C     . SER A 1 142 ? -11.271 -16.229 4.843   1.00 38.27 ? 124 SER A C     1 
ATOM   846  O  O     . SER A 1 142 ? -11.344 -16.467 3.629   1.00 38.64 ? 124 SER A O     1 
ATOM   847  C  CB    . SER A 1 142 ? -9.285  -16.908 6.179   1.00 37.65 ? 124 SER A CB    1 
ATOM   848  O  OG    . SER A 1 142 ? -8.772  -17.820 5.225   1.00 40.50 ? 124 SER A OG    1 
ATOM   849  N  N     . PRO A 1 143 ? -12.312 -16.394 5.680   1.00 39.10 ? 125 PRO A N     1 
ATOM   850  C  CA    . PRO A 1 143 ? -13.585 -16.894 5.164   1.00 39.12 ? 125 PRO A CA    1 
ATOM   851  C  C     . PRO A 1 143 ? -14.170 -15.986 4.127   1.00 39.06 ? 125 PRO A C     1 
ATOM   852  O  O     . PRO A 1 143 ? -15.085 -16.386 3.430   1.00 39.76 ? 125 PRO A O     1 
ATOM   853  C  CB    . PRO A 1 143 ? -14.511 -16.885 6.383   1.00 39.08 ? 125 PRO A CB    1 
ATOM   854  C  CG    . PRO A 1 143 ? -13.647 -16.627 7.573   1.00 39.34 ? 125 PRO A CG    1 
ATOM   855  C  CD    . PRO A 1 143 ? -12.356 -16.112 7.134   1.00 39.54 ? 125 PRO A CD    1 
ATOM   856  N  N     . GLU A 1 144 ? -13.679 -14.758 4.036   1.00 38.63 ? 126 GLU A N     1 
ATOM   857  C  CA    . GLU A 1 144 ? -14.264 -13.772 3.118   1.00 38.25 ? 126 GLU A CA    1 
ATOM   858  C  C     . GLU A 1 144 ? -13.360 -13.483 1.926   1.00 37.22 ? 126 GLU A C     1 
ATOM   859  O  O     . GLU A 1 144 ? -13.666 -12.622 1.105   1.00 36.54 ? 126 GLU A O     1 
ATOM   860  C  CB    . GLU A 1 144 ? -14.560 -12.495 3.895   1.00 38.81 ? 126 GLU A CB    1 
ATOM   861  C  CG    . GLU A 1 144 ? -15.487 -12.729 5.117   1.00 41.78 ? 126 GLU A CG    1 
ATOM   862  C  CD    . GLU A 1 144 ? -15.440 -11.595 6.125   1.00 45.99 ? 126 GLU A CD    1 
ATOM   863  O  OE1   . GLU A 1 144 ? -15.845 -10.459 5.772   1.00 47.01 ? 126 GLU A OE1   1 
ATOM   864  O  OE2   . GLU A 1 144 ? -15.001 -11.853 7.281   1.00 50.33 ? 126 GLU A OE2   1 
ATOM   865  N  N     . ARG A 1 145 ? -12.256 -14.214 1.823   1.00 36.46 ? 127 ARG A N     1 
ATOM   866  C  CA    . ARG A 1 145 ? -11.298 -14.009 0.730   1.00 36.07 ? 127 ARG A CA    1 
ATOM   867  C  C     . ARG A 1 145 ? -11.944 -14.182 -0.635  1.00 35.62 ? 127 ARG A C     1 
ATOM   868  O  O     . ARG A 1 145 ? -12.684 -15.152 -0.867  1.00 35.65 ? 127 ARG A O     1 
ATOM   869  C  CB    . ARG A 1 145 ? -10.126 -15.002 0.841   1.00 36.01 ? 127 ARG A CB    1 
ATOM   870  C  CG    . ARG A 1 145 ? -9.158  -14.908 -0.340  1.00 36.90 ? 127 ARG A CG    1 
ATOM   871  C  CD    . ARG A 1 145 ? -7.932  -15.833 -0.174  1.00 36.78 ? 127 ARG A CD    1 
ATOM   872  N  NE    . ARG A 1 145 ? -7.047  -15.431 0.912   1.00 35.11 ? 127 ARG A NE    1 
ATOM   873  C  CZ    . ARG A 1 145 ? -5.922  -14.714 0.792   1.00 34.90 ? 127 ARG A CZ    1 
ATOM   874  N  NH1   . ARG A 1 145 ? -5.509  -14.233 -0.399  1.00 31.71 ? 127 ARG A NH1   1 
ATOM   875  N  NH2   . ARG A 1 145 ? -5.199  -14.461 1.899   1.00 33.80 ? 127 ARG A NH2   1 
ATOM   876  N  N     . GLU A 1 146 ? -11.644 -13.251 -1.535  1.00 34.78 ? 128 GLU A N     1 
ATOM   877  C  CA    . GLU A 1 146 ? -12.053 -13.328 -2.934  1.00 33.84 ? 128 GLU A CA    1 
ATOM   878  C  C     . GLU A 1 146 ? -10.888 -13.366 -3.914  1.00 33.05 ? 128 GLU A C     1 
ATOM   879  O  O     . GLU A 1 146 ? -11.059 -13.772 -5.038  1.00 32.50 ? 128 GLU A O     1 
ATOM   880  C  CB    . GLU A 1 146 ? -12.952 -12.126 -3.268  1.00 34.61 ? 128 GLU A CB    1 
ATOM   881  C  CG    . GLU A 1 146 ? -14.363 -12.262 -2.710  1.00 35.22 ? 128 GLU A CG    1 
ATOM   882  C  CD    . GLU A 1 146 ? -15.200 -10.993 -2.790  1.00 36.58 ? 128 GLU A CD    1 
ATOM   883  O  OE1   . GLU A 1 146 ? -14.908 -10.132 -3.653  1.00 33.09 ? 128 GLU A OE1   1 
ATOM   884  O  OE2   . GLU A 1 146 ? -16.161 -10.871 -1.961  1.00 40.03 ? 128 GLU A OE2   1 
ATOM   885  N  N     . VAL A 1 147 ? -9.707  -12.924 -3.495  1.00 32.81 ? 129 VAL A N     1 
ATOM   886  C  CA    . VAL A 1 147 ? -8.557  -12.810 -4.383  1.00 32.36 ? 129 VAL A CA    1 
ATOM   887  C  C     . VAL A 1 147 ? -7.451  -13.704 -3.837  1.00 32.91 ? 129 VAL A C     1 
ATOM   888  O  O     . VAL A 1 147 ? -7.017  -13.519 -2.711  1.00 32.69 ? 129 VAL A O     1 
ATOM   889  C  CB    . VAL A 1 147 ? -8.102  -11.373 -4.454  1.00 31.98 ? 129 VAL A CB    1 
ATOM   890  C  CG1   . VAL A 1 147 ? -6.944  -11.198 -5.398  1.00 30.56 ? 129 VAL A CG1   1 
ATOM   891  C  CG2   . VAL A 1 147 ? -9.281  -10.485 -4.856  1.00 31.79 ? 129 VAL A CG2   1 
ATOM   892  N  N     . GLN A 1 148 ? -7.013  -14.694 -4.631  1.00 33.53 ? 130 GLN A N     1 
ATOM   893  C  CA    . GLN A 1 148 ? -6.005  -15.648 -4.180  1.00 33.75 ? 130 GLN A CA    1 
ATOM   894  C  C     . GLN A 1 148 ? -4.640  -15.022 -4.275  1.00 32.90 ? 130 GLN A C     1 
ATOM   895  O  O     . GLN A 1 148 ? -4.381  -14.209 -5.162  1.00 32.80 ? 130 GLN A O     1 
ATOM   896  C  CB    . GLN A 1 148 ? -6.060  -16.916 -5.024  1.00 35.13 ? 130 GLN A CB    1 
ATOM   897  C  CG    . GLN A 1 148 ? -7.391  -17.731 -4.854  1.00 40.17 ? 130 GLN A CG    1 
ATOM   898  C  CD    . GLN A 1 148 ? -7.269  -19.155 -5.415  1.00 48.75 ? 130 GLN A CD    1 
ATOM   899  O  OE1   . GLN A 1 148 ? -7.385  -19.386 -6.639  1.00 52.98 ? 130 GLN A OE1   1 
ATOM   900  N  NE2   . GLN A 1 148 ? -7.029  -20.123 -4.513  1.00 53.72 ? 130 GLN A NE2   1 
ATOM   901  N  N     . ALA A 1 149 ? -3.771  -15.396 -3.345  1.00 31.89 ? 131 ALA A N     1 
ATOM   902  C  CA    . ALA A 1 149 ? -2.389  -14.949 -3.320  1.00 31.29 ? 131 ALA A CA    1 
ATOM   903  C  C     . ALA A 1 149 ? -1.709  -15.108 -4.674  1.00 30.99 ? 131 ALA A C     1 
ATOM   904  O  O     . ALA A 1 149 ? -1.053  -14.164 -5.166  1.00 30.34 ? 131 ALA A O     1 
ATOM   905  C  CB    . ALA A 1 149 ? -1.616  -15.700 -2.258  1.00 30.82 ? 131 ALA A CB    1 
ATOM   906  N  N     . VAL A 1 150 ? -1.877  -16.276 -5.292  1.00 30.72 ? 132 VAL A N     1 
ATOM   907  C  CA    . VAL A 1 150 ? -1.225  -16.541 -6.600  1.00 30.73 ? 132 VAL A CA    1 
ATOM   908  C  C     . VAL A 1 150 ? -1.631  -15.521 -7.660  1.00 31.31 ? 132 VAL A C     1 
ATOM   909  O  O     . VAL A 1 150 ? -0.878  -15.247 -8.572  1.00 32.00 ? 132 VAL A O     1 
ATOM   910  C  CB    . VAL A 1 150 ? -1.500  -17.969 -7.148  1.00 30.51 ? 132 VAL A CB    1 
ATOM   911  C  CG1   . VAL A 1 150 ? -0.866  -19.054 -6.203  1.00 32.09 ? 132 VAL A CG1   1 
ATOM   912  C  CG2   . VAL A 1 150 ? -2.948  -18.207 -7.357  1.00 25.54 ? 132 VAL A CG2   1 
ATOM   913  N  N     . GLU A 1 151 ? -2.819  -14.958 -7.499  1.00 31.79 ? 133 GLU A N     1 
ATOM   914  C  CA    . GLU A 1 151 ? -3.396  -14.006 -8.430  1.00 32.28 ? 133 GLU A CA    1 
ATOM   915  C  C     . GLU A 1 151 ? -2.704  -12.631 -8.315  1.00 32.26 ? 133 GLU A C     1 
ATOM   916  O  O     . GLU A 1 151 ? -2.299  -12.026 -9.321  1.00 32.43 ? 133 GLU A O     1 
ATOM   917  C  CB    . GLU A 1 151 ? -4.896  -13.889 -8.122  1.00 32.21 ? 133 GLU A CB    1 
ATOM   918  C  CG    . GLU A 1 151 ? -5.713  -13.704 -9.308  1.00 34.43 ? 133 GLU A CG    1 
ATOM   919  C  CD    . GLU A 1 151 ? -7.206  -13.691 -9.030  1.00 36.35 ? 133 GLU A CD    1 
ATOM   920  O  OE1   . GLU A 1 151 ? -7.882  -13.032 -9.847  1.00 33.87 ? 133 GLU A OE1   1 
ATOM   921  O  OE2   . GLU A 1 151 ? -7.691  -14.342 -8.030  1.00 39.01 ? 133 GLU A OE2   1 
ATOM   922  N  N     . GLY A 1 152 ? -2.563  -12.147 -7.083  1.00 31.84 ? 134 GLY A N     1 
ATOM   923  C  CA    . GLY A 1 152 ? -1.860  -10.899 -6.838  1.00 31.46 ? 134 GLY A CA    1 
ATOM   924  C  C     . GLY A 1 152 ? -0.377  -11.019 -7.112  1.00 31.34 ? 134 GLY A C     1 
ATOM   925  O  O     . GLY A 1 152 ? 0.246   -10.053 -7.600  1.00 31.15 ? 134 GLY A O     1 
ATOM   926  N  N     . LYS A 1 153 ? 0.206   -12.180 -6.791  1.00 31.19 ? 135 LYS A N     1 
ATOM   927  C  CA    . LYS A 1 153 ? 1.617   -12.439 -7.125  1.00 31.64 ? 135 LYS A CA    1 
ATOM   928  C  C     . LYS A 1 153 ? 1.850   -12.306 -8.644  1.00 32.39 ? 135 LYS A C     1 
ATOM   929  O  O     . LYS A 1 153 ? 2.786   -11.641 -9.064  1.00 32.27 ? 135 LYS A O     1 
ATOM   930  C  CB    . LYS A 1 153 ? 2.075   -13.798 -6.614  1.00 31.39 ? 135 LYS A CB    1 
ATOM   931  C  CG    . LYS A 1 153 ? 3.508   -14.197 -7.005  1.00 31.18 ? 135 LYS A CG    1 
ATOM   932  N  N     . LYS A 1 154 ? 0.966   -12.878 -9.462  1.00 33.39 ? 136 LYS A N     1 
ATOM   933  C  CA    . LYS A 1 154 ? 1.134   -12.786 -10.916 1.00 34.53 ? 136 LYS A CA    1 
ATOM   934  C  C     . LYS A 1 154 ? 1.019   -11.375 -11.453 1.00 34.57 ? 136 LYS A C     1 
ATOM   935  O  O     . LYS A 1 154 ? 1.788   -10.965 -12.325 1.00 35.75 ? 136 LYS A O     1 
ATOM   936  C  CB    . LYS A 1 154 ? 0.149   -13.680 -11.632 1.00 34.77 ? 136 LYS A CB    1 
ATOM   937  C  CG    . LYS A 1 154 ? 0.582   -13.986 -13.069 1.00 37.26 ? 136 LYS A CG    1 
ATOM   938  C  CD    . LYS A 1 154 ? 1.219   -15.362 -13.212 1.00 39.39 ? 136 LYS A CD    1 
ATOM   939  C  CE    . LYS A 1 154 ? 2.655   -15.401 -12.836 1.00 41.69 ? 136 LYS A CE    1 
ATOM   940  N  NZ    . LYS A 1 154 ? 3.475   -14.518 -13.743 1.00 43.10 ? 136 LYS A NZ    1 
ATOM   941  N  N     . LEU A 1 155 ? 0.044   -10.636 -10.954 1.00 35.06 ? 137 LEU A N     1 
ATOM   942  C  CA    . LEU A 1 155 ? -0.109  -9.216  -11.295 1.00 35.29 ? 137 LEU A CA    1 
ATOM   943  C  C     . LEU A 1 155 ? 1.177   -8.465  -10.982 1.00 35.64 ? 137 LEU A C     1 
ATOM   944  O  O     . LEU A 1 155 ? 1.751   -7.811  -11.865 1.00 36.64 ? 137 LEU A O     1 
ATOM   945  C  CB    . LEU A 1 155 ? -1.295  -8.600  -10.531 1.00 34.87 ? 137 LEU A CB    1 
ATOM   946  C  CG    . LEU A 1 155 ? -1.668  -7.163  -10.861 1.00 34.40 ? 137 LEU A CG    1 
ATOM   947  C  CD1   . LEU A 1 155 ? -1.808  -6.942  -12.410 1.00 33.50 ? 137 LEU A CD1   1 
ATOM   948  C  CD2   . LEU A 1 155 ? -2.952  -6.774  -10.098 1.00 30.86 ? 137 LEU A CD2   1 
ATOM   949  N  N     . ALA A 1 156 ? 1.641   -8.577  -9.740  1.00 35.82 ? 138 ALA A N     1 
ATOM   950  C  CA    . ALA A 1 156 ? 2.890   -7.942  -9.316  1.00 36.41 ? 138 ALA A CA    1 
ATOM   951  C  C     . ALA A 1 156 ? 4.050   -8.334  -10.230 1.00 37.42 ? 138 ALA A C     1 
ATOM   952  O  O     . ALA A 1 156 ? 4.840   -7.477  -10.648 1.00 37.23 ? 138 ALA A O     1 
ATOM   953  C  CB    . ALA A 1 156 ? 3.222   -8.307  -7.882  1.00 35.94 ? 138 ALA A CB    1 
ATOM   954  N  N     . GLU A 1 157 ? 4.166   -9.627  -10.530 1.00 38.44 ? 139 GLU A N     1 
ATOM   955  C  CA    . GLU A 1 157 ? 5.200   -10.085 -11.464 1.00 39.53 ? 139 GLU A CA    1 
ATOM   956  C  C     . GLU A 1 157 ? 5.082   -9.368  -12.813 1.00 40.31 ? 139 GLU A C     1 
ATOM   957  O  O     . GLU A 1 157 ? 6.075   -8.899  -13.347 1.00 40.91 ? 139 GLU A O     1 
ATOM   958  C  CB    . GLU A 1 157 ? 5.148   -11.597 -11.669 1.00 39.56 ? 139 GLU A CB    1 
ATOM   959  C  CG    . GLU A 1 157 ? 5.706   -12.418 -10.513 1.00 39.62 ? 139 GLU A CG    1 
ATOM   960  C  CD    . GLU A 1 157 ? 5.443   -13.906 -10.693 1.00 42.04 ? 139 GLU A CD    1 
ATOM   961  O  OE1   . GLU A 1 157 ? 5.743   -14.705 -9.776  1.00 45.30 ? 139 GLU A OE1   1 
ATOM   962  O  OE2   . GLU A 1 157 ? 4.923   -14.287 -11.758 1.00 41.88 ? 139 GLU A OE2   1 
ATOM   963  N  N     . SER A 1 158 ? 3.869   -9.224  -13.337 1.00 41.18 ? 140 SER A N     1 
ATOM   964  C  CA    . SER A 1 158 ? 3.692   -8.529  -14.622 1.00 41.65 ? 140 SER A CA    1 
ATOM   965  C  C     . SER A 1 158 ? 4.190   -7.084  -14.619 1.00 42.37 ? 140 SER A C     1 
ATOM   966  O  O     . SER A 1 158 ? 4.455   -6.514  -15.699 1.00 43.10 ? 140 SER A O     1 
ATOM   967  C  CB    . SER A 1 158 ? 2.238   -8.513  -15.043 1.00 41.75 ? 140 SER A CB    1 
ATOM   968  O  OG    . SER A 1 158 ? 1.599   -7.342  -14.574 1.00 41.53 ? 140 SER A OG    1 
ATOM   969  N  N     . TRP A 1 159 ? 4.274   -6.470  -13.436 1.00 42.36 ? 141 TRP A N     1 
ATOM   970  C  CA    . TRP A 1 159 ? 4.783   -5.099  -13.308 1.00 41.88 ? 141 TRP A CA    1 
ATOM   971  C  C     . TRP A 1 159 ? 6.234   -5.028  -12.919 1.00 41.67 ? 141 TRP A C     1 
ATOM   972  O  O     . TRP A 1 159 ? 6.813   -3.966  -12.987 1.00 41.82 ? 141 TRP A O     1 
ATOM   973  C  CB    . TRP A 1 159 ? 4.038   -4.328  -12.223 1.00 42.15 ? 141 TRP A CB    1 
ATOM   974  C  CG    . TRP A 1 159 ? 2.573   -4.250  -12.336 1.00 41.44 ? 141 TRP A CG    1 
ATOM   975  C  CD1   . TRP A 1 159 ? 1.812   -4.435  -13.443 1.00 41.02 ? 141 TRP A CD1   1 
ATOM   976  C  CD2   . TRP A 1 159 ? 1.679   -3.901  -11.282 1.00 41.21 ? 141 TRP A CD2   1 
ATOM   977  N  NE1   . TRP A 1 159 ? 0.482   -4.253  -13.138 1.00 40.78 ? 141 TRP A NE1   1 
ATOM   978  C  CE2   . TRP A 1 159 ? 0.378   -3.919  -11.815 1.00 41.14 ? 141 TRP A CE2   1 
ATOM   979  C  CE3   . TRP A 1 159 ? 1.858   -3.573  -9.926  1.00 39.95 ? 141 TRP A CE3   1 
ATOM   980  C  CZ2   . TRP A 1 159 ? -0.743  -3.632  -11.041 1.00 41.33 ? 141 TRP A CZ2   1 
ATOM   981  C  CZ3   . TRP A 1 159 ? 0.771   -3.281  -9.173  1.00 39.70 ? 141 TRP A CZ3   1 
ATOM   982  C  CH2   . TRP A 1 159 ? -0.523  -3.312  -9.719  1.00 40.61 ? 141 TRP A CH2   1 
ATOM   983  N  N     . GLY A 1 160 ? 6.809   -6.128  -12.446 1.00 41.54 ? 142 GLY A N     1 
ATOM   984  C  CA    . GLY A 1 160 ? 8.161   -6.099  -11.881 1.00 41.14 ? 142 GLY A CA    1 
ATOM   985  C  C     . GLY A 1 160 ? 8.156   -5.520  -10.471 1.00 40.91 ? 142 GLY A C     1 
ATOM   986  O  O     . GLY A 1 160 ? 9.149   -4.920  -10.010 1.00 40.72 ? 142 GLY A O     1 
ATOM   987  N  N     . ALA A 1 161 ? 7.030   -5.717  -9.787  1.00 40.41 ? 143 ALA A N     1 
ATOM   988  C  CA    . ALA A 1 161 ? 6.811   -5.202  -8.452  1.00 39.38 ? 143 ALA A CA    1 
ATOM   989  C  C     . ALA A 1 161 ? 6.897   -6.360  -7.458  1.00 38.97 ? 143 ALA A C     1 
ATOM   990  O  O     . ALA A 1 161 ? 6.768   -7.530  -7.841  1.00 38.65 ? 143 ALA A O     1 
ATOM   991  C  CB    . ALA A 1 161 ? 5.446   -4.538  -8.393  1.00 39.49 ? 143 ALA A CB    1 
ATOM   992  N  N     . THR A 1 162 ? 7.141   -6.044  -6.185  1.00 38.06 ? 144 THR A N     1 
ATOM   993  C  CA    . THR A 1 162 ? 7.174   -7.070  -5.139  1.00 37.59 ? 144 THR A CA    1 
ATOM   994  C  C     . THR A 1 162 ? 5.756   -7.267  -4.592  1.00 36.47 ? 144 THR A C     1 
ATOM   995  O  O     . THR A 1 162 ? 4.989   -6.309  -4.484  1.00 35.83 ? 144 THR A O     1 
ATOM   996  C  CB    . THR A 1 162 ? 8.100   -6.669  -3.982  1.00 37.75 ? 144 THR A CB    1 
ATOM   997  O  OG1   . THR A 1 162 ? 9.437   -6.481  -4.466  1.00 39.67 ? 144 THR A OG1   1 
ATOM   998  C  CG2   . THR A 1 162 ? 8.099   -7.755  -2.893  1.00 39.02 ? 144 THR A CG2   1 
ATOM   999  N  N     . PHE A 1 163 ? 5.414   -8.501  -4.233  1.00 35.53 ? 145 PHE A N     1 
ATOM   1000 C  CA    . PHE A 1 163 ? 4.070   -8.799  -3.761  1.00 35.03 ? 145 PHE A CA    1 
ATOM   1001 C  C     . PHE A 1 163 ? 4.089   -9.388  -2.370  1.00 34.50 ? 145 PHE A C     1 
ATOM   1002 O  O     . PHE A 1 163 ? 4.951   -10.211 -2.058  1.00 34.18 ? 145 PHE A O     1 
ATOM   1003 C  CB    . PHE A 1 163 ? 3.349   -9.786  -4.709  1.00 35.19 ? 145 PHE A CB    1 
ATOM   1004 C  CG    . PHE A 1 163 ? 2.072   -10.360 -4.127  1.00 33.47 ? 145 PHE A CG    1 
ATOM   1005 C  CD1   . PHE A 1 163 ? 0.893   -9.613  -4.109  1.00 33.59 ? 145 PHE A CD1   1 
ATOM   1006 C  CD2   . PHE A 1 163 ? 2.059   -11.628 -3.568  1.00 33.43 ? 145 PHE A CD2   1 
ATOM   1007 C  CE1   . PHE A 1 163 ? -0.299  -10.142 -3.544  1.00 32.76 ? 145 PHE A CE1   1 
ATOM   1008 C  CE2   . PHE A 1 163 ? 0.879   -12.157 -3.015  1.00 32.60 ? 145 PHE A CE2   1 
ATOM   1009 C  CZ    . PHE A 1 163 ? -0.295  -11.387 -2.999  1.00 30.53 ? 145 PHE A CZ    1 
ATOM   1010 N  N     . MET A 1 164 ? 3.109   -8.991  -1.554  1.00 33.95 ? 146 MET A N     1 
ATOM   1011 C  CA    . MET A 1 164 ? 2.871   -9.647  -0.286  1.00 33.46 ? 146 MET A CA    1 
ATOM   1012 C  C     . MET A 1 164 ? 1.455   -9.457  0.195   1.00 31.69 ? 146 MET A C     1 
ATOM   1013 O  O     . MET A 1 164 ? 0.730   -8.640  -0.355  1.00 30.96 ? 146 MET A O     1 
ATOM   1014 C  CB    . MET A 1 164 ? 3.876   -9.168  0.763   1.00 34.65 ? 146 MET A CB    1 
ATOM   1015 C  CG    . MET A 1 164 ? 3.829   -7.695  1.150   1.00 39.52 ? 146 MET A CG    1 
ATOM   1016 S  SD    . MET A 1 164 ? 5.266   -7.209  2.192   1.00 48.69 ? 146 MET A SD    1 
ATOM   1017 C  CE    . MET A 1 164 ? 6.600   -7.273  0.993   1.00 47.10 ? 146 MET A CE    1 
ATOM   1018 N  N     . GLU A 1 165 ? 1.065   -10.247 1.200   1.00 29.66 ? 147 GLU A N     1 
ATOM   1019 C  CA    . GLU A 1 165 ? -0.193  -10.075 1.906   1.00 29.07 ? 147 GLU A CA    1 
ATOM   1020 C  C     . GLU A 1 165 ? 0.022   -9.656  3.383   1.00 28.94 ? 147 GLU A C     1 
ATOM   1021 O  O     . GLU A 1 165 ? 1.083   -9.852  3.959   1.00 28.40 ? 147 GLU A O     1 
ATOM   1022 C  CB    . GLU A 1 165 ? -1.069  -11.346 1.810   1.00 28.89 ? 147 GLU A CB    1 
ATOM   1023 C  CG    . GLU A 1 165 ? -1.524  -11.642 0.355   1.00 27.75 ? 147 GLU A CG    1 
ATOM   1024 C  CD    . GLU A 1 165 ? -2.440  -12.810 0.224   1.00 29.01 ? 147 GLU A CD    1 
ATOM   1025 O  OE1   . GLU A 1 165 ? -3.098  -12.898 -0.844  1.00 30.95 ? 147 GLU A OE1   1 
ATOM   1026 O  OE2   . GLU A 1 165 ? -2.538  -13.654 1.166   1.00 26.36 ? 147 GLU A OE2   1 
ATOM   1027 N  N     . SER A 1 166 ? -1.000  -9.047  3.971   1.00 27.96 ? 148 SER A N     1 
ATOM   1028 C  CA    . SER A 1 166 ? -0.871  -8.459  5.273   1.00 27.80 ? 148 SER A CA    1 
ATOM   1029 C  C     . SER A 1 166 ? -2.195  -8.414  5.955   1.00 27.34 ? 148 SER A C     1 
ATOM   1030 O  O     . SER A 1 166 ? -3.231  -8.777  5.372   1.00 27.51 ? 148 SER A O     1 
ATOM   1031 C  CB    . SER A 1 166 ? -0.342  -7.021  5.149   1.00 27.98 ? 148 SER A CB    1 
ATOM   1032 O  OG    . SER A 1 166 ? -1.314  -6.227  4.442   1.00 29.80 ? 148 SER A OG    1 
ATOM   1033 N  N     . SER A 1 167 ? -2.133  -7.987  7.206   1.00 26.72 ? 149 SER A N     1 
ATOM   1034 C  CA    . SER A 1 167 ? -3.261  -7.646  8.006   1.00 27.07 ? 149 SER A CA    1 
ATOM   1035 C  C     . SER A 1 167 ? -2.811  -6.520  8.890   1.00 27.18 ? 149 SER A C     1 
ATOM   1036 O  O     . SER A 1 167 ? -1.785  -6.657  9.574   1.00 27.59 ? 149 SER A O     1 
ATOM   1037 C  CB    . SER A 1 167 ? -3.702  -8.818  8.910   1.00 27.34 ? 149 SER A CB    1 
ATOM   1038 O  OG    . SER A 1 167 ? -4.700  -8.370  9.836   1.00 27.41 ? 149 SER A OG    1 
ATOM   1039 N  N     . ALA A 1 168 ? -3.580  -5.430  8.907   1.00 27.21 ? 150 ALA A N     1 
ATOM   1040 C  CA    . ALA A 1 168 ? -3.294  -4.278  9.758   1.00 27.54 ? 150 ALA A CA    1 
ATOM   1041 C  C     . ALA A 1 168 ? -3.547  -4.576  11.235  1.00 28.06 ? 150 ALA A C     1 
ATOM   1042 O  O     . ALA A 1 168 ? -3.174  -3.783  12.079  1.00 27.61 ? 150 ALA A O     1 
ATOM   1043 C  CB    . ALA A 1 168 ? -4.114  -3.049  9.293   1.00 27.77 ? 150 ALA A CB    1 
ATOM   1044 N  N     . ARG A 1 169 ? -4.176  -5.723  11.517  1.00 28.75 ? 151 ARG A N     1 
ATOM   1045 C  CA    . ARG A 1 169 ? -4.361  -6.230  12.863  1.00 30.37 ? 151 ARG A CA    1 
ATOM   1046 C  C     . ARG A 1 169 ? -3.132  -6.930  13.446  1.00 30.80 ? 151 ARG A C     1 
ATOM   1047 O  O     . ARG A 1 169 ? -3.145  -7.245  14.617  1.00 31.29 ? 151 ARG A O     1 
ATOM   1048 C  CB    . ARG A 1 169 ? -5.526  -7.241  12.894  1.00 30.77 ? 151 ARG A CB    1 
ATOM   1049 C  CG    . ARG A 1 169 ? -6.874  -6.650  12.556  1.00 33.39 ? 151 ARG A CG    1 
ATOM   1050 C  CD    . ARG A 1 169 ? -7.951  -7.690  12.453  1.00 37.40 ? 151 ARG A CD    1 
ATOM   1051 N  NE    . ARG A 1 169 ? -8.431  -8.096  13.770  1.00 43.79 ? 151 ARG A NE    1 
ATOM   1052 C  CZ    . ARG A 1 169 ? -8.309  -9.324  14.305  1.00 49.92 ? 151 ARG A CZ    1 
ATOM   1053 N  NH1   . ARG A 1 169 ? -8.790  -9.541  15.534  1.00 51.64 ? 151 ARG A NH1   1 
ATOM   1054 N  NH2   . ARG A 1 169 ? -7.720  -10.345 13.642  1.00 51.30 ? 151 ARG A NH2   1 
ATOM   1055 N  N     . GLU A 1 170 ? -2.116  -7.217  12.621  1.00 31.57 ? 152 GLU A N     1 
ATOM   1056 C  CA    . GLU A 1 170 ? -0.874  -7.930  13.038  1.00 31.88 ? 152 GLU A CA    1 
ATOM   1057 C  C     . GLU A 1 170 ? 0.339   -7.046  12.799  1.00 31.66 ? 152 GLU A C     1 
ATOM   1058 O  O     . GLU A 1 170 ? 0.640   -6.696  11.658  1.00 30.31 ? 152 GLU A O     1 
ATOM   1059 C  CB    . GLU A 1 170 ? -0.664  -9.177  12.185  1.00 32.42 ? 152 GLU A CB    1 
ATOM   1060 C  CG    . GLU A 1 170 ? -1.737  -10.253 12.275  1.00 33.89 ? 152 GLU A CG    1 
ATOM   1061 C  CD    . GLU A 1 170 ? -1.835  -10.861 13.638  1.00 36.40 ? 152 GLU A CD    1 
ATOM   1062 O  OE1   . GLU A 1 170 ? -0.951  -10.539 14.477  1.00 36.84 ? 152 GLU A OE1   1 
ATOM   1063 O  OE2   . GLU A 1 170 ? -2.813  -11.651 13.869  1.00 39.87 ? 152 GLU A OE2   1 
ATOM   1064 N  N     . ASN A 1 171 ? 1.034   -6.674  13.860  1.00 32.69 ? 153 ASN A N     1 
ATOM   1065 C  CA    . ASN A 1 171 ? 2.231   -5.863  13.697  1.00 33.17 ? 153 ASN A CA    1 
ATOM   1066 C  C     . ASN A 1 171 ? 3.261   -6.575  12.856  1.00 33.35 ? 153 ASN A C     1 
ATOM   1067 O  O     . ASN A 1 171 ? 3.938   -5.940  12.021  1.00 33.70 ? 153 ASN A O     1 
ATOM   1068 C  CB    . ASN A 1 171 ? 2.847   -5.464  15.024  1.00 33.84 ? 153 ASN A CB    1 
ATOM   1069 C  CG    . ASN A 1 171 ? 3.841   -4.312  14.864  1.00 35.39 ? 153 ASN A CG    1 
ATOM   1070 O  OD1   . ASN A 1 171 ? 5.045   -4.533  14.760  1.00 36.97 ? 153 ASN A OD1   1 
ATOM   1071 N  ND2   . ASN A 1 171 ? 3.320   -3.078  14.774  1.00 37.76 ? 153 ASN A ND2   1 
ATOM   1072 N  N     . GLN A 1 172 ? 3.360   -7.886  13.028  1.00 33.64 ? 154 GLN A N     1 
ATOM   1073 C  CA    . GLN A 1 172 ? 4.336   -8.666  12.265  1.00 34.80 ? 154 GLN A CA    1 
ATOM   1074 C  C     . GLN A 1 172 ? 4.111   -8.512  10.759  1.00 35.08 ? 154 GLN A C     1 
ATOM   1075 O  O     . GLN A 1 172 ? 5.028   -8.092  10.022  1.00 35.45 ? 154 GLN A O     1 
ATOM   1076 C  CB    . GLN A 1 172 ? 4.293   -10.136 12.672  1.00 35.02 ? 154 GLN A CB    1 
ATOM   1077 C  CG    . GLN A 1 172 ? 4.840   -10.348 14.096  1.00 36.56 ? 154 GLN A CG    1 
ATOM   1078 C  CD    . GLN A 1 172 ? 4.786   -11.790 14.535  1.00 38.81 ? 154 GLN A CD    1 
ATOM   1079 O  OE1   . GLN A 1 172 ? 5.781   -12.518 14.474  1.00 40.91 ? 154 GLN A OE1   1 
ATOM   1080 N  NE2   . GLN A 1 172 ? 3.623   -12.214 14.986  1.00 41.52 ? 154 GLN A NE2   1 
ATOM   1081 N  N     . LEU A 1 173 ? 2.886   -8.804  10.321  1.00 34.56 ? 155 LEU A N     1 
ATOM   1082 C  CA    . LEU A 1 173 ? 2.527   -8.720  8.916   1.00 34.58 ? 155 LEU A CA    1 
ATOM   1083 C  C     . LEU A 1 173 ? 2.660   -7.288  8.345   1.00 34.06 ? 155 LEU A C     1 
ATOM   1084 O  O     . LEU A 1 173 ? 3.054   -7.111  7.196   1.00 34.13 ? 155 LEU A O     1 
ATOM   1085 C  CB    . LEU A 1 173 ? 1.113   -9.278  8.675   1.00 34.83 ? 155 LEU A CB    1 
ATOM   1086 C  CG    . LEU A 1 173 ? 0.937   -10.747 9.143   1.00 35.59 ? 155 LEU A CG    1 
ATOM   1087 C  CD1   . LEU A 1 173 ? -0.515  -11.211 9.063   1.00 35.72 ? 155 LEU A CD1   1 
ATOM   1088 C  CD2   . LEU A 1 173 ? 1.796   -11.647 8.337   1.00 35.68 ? 155 LEU A CD2   1 
ATOM   1089 N  N     . THR A 1 174 ? 2.389   -6.274  9.148   1.00 33.10 ? 156 THR A N     1 
ATOM   1090 C  CA    . THR A 1 174 ? 2.399   -4.907  8.645   1.00 32.60 ? 156 THR A CA    1 
ATOM   1091 C  C     . THR A 1 174 ? 3.825   -4.323  8.463   1.00 33.18 ? 156 THR A C     1 
ATOM   1092 O  O     . THR A 1 174 ? 4.105   -3.685  7.448   1.00 32.47 ? 156 THR A O     1 
ATOM   1093 C  CB    . THR A 1 174 ? 1.570   -4.012  9.541   1.00 32.26 ? 156 THR A CB    1 
ATOM   1094 O  OG1   . THR A 1 174 ? 0.223   -4.484  9.527   1.00 29.34 ? 156 THR A OG1   1 
ATOM   1095 C  CG2   . THR A 1 174 ? 1.640   -2.558  9.053   1.00 32.36 ? 156 THR A CG2   1 
ATOM   1096 N  N     . GLN A 1 175 ? 4.705   -4.564  9.443   1.00 33.60 ? 157 GLN A N     1 
ATOM   1097 C  CA    . GLN A 1 175 ? 6.095   -4.099  9.405   1.00 34.02 ? 157 GLN A CA    1 
ATOM   1098 C  C     . GLN A 1 175 ? 6.760   -4.456  8.065   1.00 33.57 ? 157 GLN A C     1 
ATOM   1099 O  O     . GLN A 1 175 ? 7.323   -3.591  7.394   1.00 32.55 ? 157 GLN A O     1 
ATOM   1100 C  CB    . GLN A 1 175 ? 6.876   -4.708  10.579  1.00 34.86 ? 157 GLN A CB    1 
ATOM   1101 C  CG    . GLN A 1 175 ? 8.013   -3.874  11.126  1.00 38.51 ? 157 GLN A CG    1 
ATOM   1102 C  CD    . GLN A 1 175 ? 8.555   -4.435  12.468  1.00 43.97 ? 157 GLN A CD    1 
ATOM   1103 O  OE1   . GLN A 1 175 ? 9.273   -5.453  12.487  1.00 46.94 ? 157 GLN A OE1   1 
ATOM   1104 N  NE2   . GLN A 1 175 ? 8.206   -3.768  13.594  1.00 45.52 ? 157 GLN A NE2   1 
ATOM   1105 N  N     . GLY A 1 176 ? 6.637   -5.727  7.672   1.00 33.29 ? 158 GLY A N     1 
ATOM   1106 C  CA    . GLY A 1 176 ? 7.245   -6.252  6.459   1.00 33.54 ? 158 GLY A CA    1 
ATOM   1107 C  C     . GLY A 1 176 ? 6.966   -5.473  5.187   1.00 34.09 ? 158 GLY A C     1 
ATOM   1108 O  O     . GLY A 1 176 ? 7.824   -5.380  4.316   1.00 34.98 ? 158 GLY A O     1 
ATOM   1109 N  N     . ILE A 1 177 ? 5.774   -4.908  5.068   1.00 33.80 ? 159 ILE A N     1 
ATOM   1110 C  CA    . ILE A 1 177 ? 5.427   -4.110  3.906   1.00 33.60 ? 159 ILE A CA    1 
ATOM   1111 C  C     . ILE A 1 177 ? 6.382   -2.956  3.769   1.00 33.73 ? 159 ILE A C     1 
ATOM   1112 O  O     . ILE A 1 177 ? 6.809   -2.648  2.675   1.00 33.92 ? 159 ILE A O     1 
ATOM   1113 C  CB    . ILE A 1 177 ? 4.029   -3.440  4.037   1.00 33.80 ? 159 ILE A CB    1 
ATOM   1114 C  CG1   . ILE A 1 177 ? 2.901   -4.454  4.239   1.00 34.18 ? 159 ILE A CG1   1 
ATOM   1115 C  CG2   . ILE A 1 177 ? 3.725   -2.571  2.805   1.00 32.88 ? 159 ILE A CG2   1 
ATOM   1116 C  CD1   . ILE A 1 177 ? 1.550   -3.757  4.466   1.00 35.20 ? 159 ILE A CD1   1 
ATOM   1117 N  N     . PHE A 1 178 ? 6.652   -2.282  4.885   1.00 34.19 ? 160 PHE A N     1 
ATOM   1118 C  CA    . PHE A 1 178 ? 7.281   -0.978  4.859   1.00 34.56 ? 160 PHE A CA    1 
ATOM   1119 C  C     . PHE A 1 178 ? 8.781   -1.082  4.932   1.00 35.66 ? 160 PHE A C     1 
ATOM   1120 O  O     . PHE A 1 178 ? 9.482   -0.290  4.298   1.00 35.38 ? 160 PHE A O     1 
ATOM   1121 C  CB    . PHE A 1 178 ? 6.723   -0.097  5.974   1.00 34.56 ? 160 PHE A CB    1 
ATOM   1122 C  CG    . PHE A 1 178 ? 5.262   0.172   5.825   1.00 33.43 ? 160 PHE A CG    1 
ATOM   1123 C  CD1   . PHE A 1 178 ? 4.799   1.011   4.818   1.00 32.60 ? 160 PHE A CD1   1 
ATOM   1124 C  CD2   . PHE A 1 178 ? 4.332   -0.460  6.647   1.00 33.32 ? 160 PHE A CD2   1 
ATOM   1125 C  CE1   . PHE A 1 178 ? 3.444   1.235   4.653   1.00 31.65 ? 160 PHE A CE1   1 
ATOM   1126 C  CE2   . PHE A 1 178 ? 2.964   -0.224  6.482   1.00 32.01 ? 160 PHE A CE2   1 
ATOM   1127 C  CZ    . PHE A 1 178 ? 2.529   0.623   5.483   1.00 30.89 ? 160 PHE A CZ    1 
ATOM   1128 N  N     . THR A 1 179 ? 9.277   -2.062  5.691   1.00 36.59 ? 161 THR A N     1 
ATOM   1129 C  CA    . THR A 1 179 ? 10.694  -2.384  5.645   1.00 37.46 ? 161 THR A CA    1 
ATOM   1130 C  C     . THR A 1 179 ? 11.062  -2.901  4.239   1.00 38.11 ? 161 THR A C     1 
ATOM   1131 O  O     . THR A 1 179 ? 12.143  -2.571  3.735   1.00 38.40 ? 161 THR A O     1 
ATOM   1132 C  CB    . THR A 1 179 ? 11.122  -3.425  6.710   1.00 37.81 ? 161 THR A CB    1 
ATOM   1133 O  OG1   . THR A 1 179 ? 10.492  -4.682  6.429   1.00 39.25 ? 161 THR A OG1   1 
ATOM   1134 C  CG2   . THR A 1 179 ? 10.783  -2.951  8.168   1.00 36.58 ? 161 THR A CG2   1 
ATOM   1135 N  N     . LYS A 1 180 ? 10.168  -3.675  3.600   1.00 38.18 ? 162 LYS A N     1 
ATOM   1136 C  CA    . LYS A 1 180 ? 10.395  -4.133  2.224   1.00 38.60 ? 162 LYS A CA    1 
ATOM   1137 C  C     . LYS A 1 180 ? 10.543  -2.998  1.195   1.00 39.37 ? 162 LYS A C     1 
ATOM   1138 O  O     . LYS A 1 180 ? 11.504  -2.979  0.440   1.00 39.40 ? 162 LYS A O     1 
ATOM   1139 C  CB    . LYS A 1 180 ? 9.300   -5.078  1.752   1.00 38.62 ? 162 LYS A CB    1 
ATOM   1140 C  CG    . LYS A 1 180 ? 9.430   -5.465  0.287   1.00 38.41 ? 162 LYS A CG    1 
ATOM   1141 N  N     . VAL A 1 181 ? 9.596   -2.067  1.161   1.00 40.19 ? 163 VAL A N     1 
ATOM   1142 C  CA    . VAL A 1 181 ? 9.665   -0.948  0.221   1.00 40.86 ? 163 VAL A CA    1 
ATOM   1143 C  C     . VAL A 1 181 ? 10.930  -0.091  0.426   1.00 42.41 ? 163 VAL A C     1 
ATOM   1144 O  O     . VAL A 1 181 ? 11.419  0.492   -0.541  1.00 41.48 ? 163 VAL A O     1 
ATOM   1145 C  CB    . VAL A 1 181 ? 8.389   -0.047  0.275   1.00 40.60 ? 163 VAL A CB    1 
ATOM   1146 C  CG1   . VAL A 1 181 ? 8.379   0.834   1.539   1.00 39.69 ? 163 VAL A CG1   1 
ATOM   1147 C  CG2   . VAL A 1 181 ? 8.296   0.797   -0.959  1.00 40.29 ? 163 VAL A CG2   1 
ATOM   1148 N  N     . ILE A 1 182 ? 11.447  -0.018  1.667   1.00 44.04 ? 164 ILE A N     1 
ATOM   1149 C  CA    . ILE A 1 182 ? 12.689  0.736   1.954   1.00 45.84 ? 164 ILE A CA    1 
ATOM   1150 C  C     . ILE A 1 182 ? 13.900  -0.035  1.468   1.00 47.43 ? 164 ILE A C     1 
ATOM   1151 O  O     . ILE A 1 182 ? 14.784  0.539   0.823   1.00 47.69 ? 164 ILE A O     1 
ATOM   1152 C  CB    . ILE A 1 182 ? 12.897  1.004   3.451   1.00 45.96 ? 164 ILE A CB    1 
ATOM   1153 C  CG1   . ILE A 1 182 ? 11.836  1.920   4.004   1.00 46.50 ? 164 ILE A CG1   1 
ATOM   1154 C  CG2   . ILE A 1 182 ? 14.248  1.653   3.716   1.00 46.29 ? 164 ILE A CG2   1 
ATOM   1155 C  CD1   . ILE A 1 182 ? 11.879  1.972   5.524   1.00 47.60 ? 164 ILE A CD1   1 
ATOM   1156 N  N     . GLN A 1 183 ? 13.956  -1.327  1.799   1.00 49.35 ? 165 GLN A N     1 
ATOM   1157 C  CA    . GLN A 1 183 ? 15.001  -2.208  1.281   1.00 50.83 ? 165 GLN A CA    1 
ATOM   1158 C  C     . GLN A 1 183 ? 14.975  -2.160  -0.238  1.00 52.75 ? 165 GLN A C     1 
ATOM   1159 O  O     . GLN A 1 183 ? 16.026  -2.165  -0.873  1.00 53.36 ? 165 GLN A O     1 
ATOM   1160 C  CB    . GLN A 1 183 ? 14.825  -3.657  1.760   1.00 50.67 ? 165 GLN A CB    1 
ATOM   1161 C  CG    . GLN A 1 183 ? 15.109  -3.875  3.243   1.00 50.32 ? 165 GLN A CG    1 
ATOM   1162 N  N     . GLU A 1 184 ? 13.776  -2.092  -0.816  1.00 54.60 ? 166 GLU A N     1 
ATOM   1163 C  CA    . GLU A 1 184 ? 13.606  -2.061  -2.274  1.00 56.49 ? 166 GLU A CA    1 
ATOM   1164 C  C     . GLU A 1 184 ? 14.052  -0.723  -2.920  1.00 57.70 ? 166 GLU A C     1 
ATOM   1165 O  O     . GLU A 1 184 ? 14.455  -0.697  -4.087  1.00 58.52 ? 166 GLU A O     1 
ATOM   1166 C  CB    . GLU A 1 184 ? 12.146  -2.342  -2.589  1.00 56.87 ? 166 GLU A CB    1 
ATOM   1167 C  CG    . GLU A 1 184 ? 11.784  -2.415  -4.039  1.00 59.46 ? 166 GLU A CG    1 
ATOM   1168 C  CD    . GLU A 1 184 ? 11.856  -3.806  -4.610  1.00 62.79 ? 166 GLU A CD    1 
ATOM   1169 O  OE1   . GLU A 1 184 ? 12.847  -4.520  -4.310  1.00 64.36 ? 166 GLU A OE1   1 
ATOM   1170 O  OE2   . GLU A 1 184 ? 10.916  -4.167  -5.375  1.00 64.69 ? 166 GLU A OE2   1 
ATOM   1171 N  N     . ILE A 1 185 ? 13.951  0.379   -2.170  1.00 58.64 ? 167 ILE A N     1 
ATOM   1172 C  CA    . ILE A 1 185 ? 14.460  1.685   -2.607  1.00 59.19 ? 167 ILE A CA    1 
ATOM   1173 C  C     . ILE A 1 185 ? 15.993  1.724   -2.519  1.00 60.48 ? 167 ILE A C     1 
ATOM   1174 O  O     . ILE A 1 185 ? 16.651  2.201   -3.444  1.00 60.45 ? 167 ILE A O     1 
ATOM   1175 C  CB    . ILE A 1 185 ? 13.856  2.843   -1.760  1.00 58.75 ? 167 ILE A CB    1 
ATOM   1176 C  CG1   . ILE A 1 185 ? 12.414  3.107   -2.185  1.00 56.98 ? 167 ILE A CG1   1 
ATOM   1177 C  CG2   . ILE A 1 185 ? 14.691  4.108   -1.886  1.00 58.00 ? 167 ILE A CG2   1 
ATOM   1178 C  CD1   . ILE A 1 185 ? 11.616  3.847   -1.148  1.00 55.37 ? 167 ILE A CD1   1 
ATOM   1179 N  N     . ALA A 1 186 ? 16.536  1.234   -1.392  1.00 61.80 ? 168 ALA A N     1 
ATOM   1180 C  CA    . ALA A 1 186 ? 17.989  1.058   -1.193  1.00 62.76 ? 168 ALA A CA    1 
ATOM   1181 C  C     . ALA A 1 186 ? 18.606  0.130   -2.241  1.00 63.70 ? 168 ALA A C     1 
ATOM   1182 O  O     . ALA A 1 186 ? 19.787  0.266   -2.580  1.00 63.86 ? 168 ALA A O     1 
ATOM   1183 C  CB    . ALA A 1 186 ? 18.291  0.517   0.228   1.00 62.60 ? 168 ALA A CB    1 
ATOM   1184 N  N     . ARG A 1 187 ? 17.807  -0.824  -2.726  1.00 64.91 ? 169 ARG A N     1 
ATOM   1185 C  CA    . ARG A 1 187 ? 18.186  -1.681  -3.849  1.00 65.60 ? 169 ARG A CA    1 
ATOM   1186 C  C     . ARG A 1 187 ? 18.291  -0.806  -5.114  1.00 66.12 ? 169 ARG A C     1 
ATOM   1187 O  O     . ARG A 1 187 ? 19.400  -0.587  -5.617  1.00 66.70 ? 169 ARG A O     1 
ATOM   1188 C  CB    . ARG A 1 187 ? 17.167  -2.842  -4.026  1.00 65.72 ? 169 ARG A CB    1 
ATOM   1189 C  CG    . ARG A 1 187 ? 17.606  -3.990  -4.960  1.00 65.73 ? 169 ARG A CG    1 
ATOM   1190 C  CD    . ARG A 1 187 ? 16.486  -5.020  -5.166  1.00 65.11 ? 169 ARG A CD    1 
ATOM   1191 N  N     . VAL A 1 188 ? 17.159  -0.272  -5.590  1.00 66.36 ? 170 VAL A N     1 
ATOM   1192 C  CA    . VAL A 1 188 ? 17.119  0.494   -6.847  1.00 66.43 ? 170 VAL A CA    1 
ATOM   1193 C  C     . VAL A 1 188 ? 17.659  1.912   -6.663  1.00 66.65 ? 170 VAL A C     1 
ATOM   1194 O  O     . VAL A 1 188 ? 18.777  2.119   -6.156  1.00 66.86 ? 170 VAL A O     1 
ATOM   1195 C  CB    . VAL A 1 188 ? 15.689  0.571   -7.419  1.00 66.27 ? 170 VAL A CB    1 
HETATM 1196 MG MG    . MG  B 2 .   ? -7.379  6.013   4.642   1.00 34.75 ? 202 MG  A MG    1 
HETATM 1197 P  PG    . GNP C 3 .   ? -10.002 5.368   2.893   1.00 32.40 ? 201 GNP A PG    1 
HETATM 1198 O  O1G   . GNP C 3 .   ? -11.486 5.759   2.950   1.00 29.51 ? 201 GNP A O1G   1 
HETATM 1199 O  O2G   . GNP C 3 .   ? -9.065  6.284   3.625   1.00 30.53 ? 201 GNP A O2G   1 
HETATM 1200 O  O3G   . GNP C 3 .   ? -9.601  5.138   1.448   1.00 27.99 ? 201 GNP A O3G   1 
HETATM 1201 N  N3B   . GNP C 3 .   ? -9.952  3.914   3.656   1.00 28.55 ? 201 GNP A N3B   1 
HETATM 1202 P  PB    . GNP C 3 .   ? -8.626  3.064   3.968   1.00 29.38 ? 201 GNP A PB    1 
HETATM 1203 O  O1B   . GNP C 3 .   ? -8.056  2.471   2.714   1.00 23.92 ? 201 GNP A O1B   1 
HETATM 1204 O  O2B   . GNP C 3 .   ? -7.721  3.924   4.756   1.00 24.14 ? 201 GNP A O2B   1 
HETATM 1205 O  O3A   . GNP C 3 .   ? -9.027  1.858   4.902   1.00 26.28 ? 201 GNP A O3A   1 
HETATM 1206 P  PA    . GNP C 3 .   ? -9.122  1.948   6.443   1.00 26.83 ? 201 GNP A PA    1 
HETATM 1207 O  O1A   . GNP C 3 .   ? -7.809  1.827   7.090   1.00 26.59 ? 201 GNP A O1A   1 
HETATM 1208 O  O2A   . GNP C 3 .   ? -9.896  3.110   6.939   1.00 30.91 ? 201 GNP A O2A   1 
HETATM 1209 O  "O5'" . GNP C 3 .   ? -9.847  0.622   6.984   1.00 28.96 ? 201 GNP A "O5'" 1 
HETATM 1210 C  "C5'" . GNP C 3 .   ? -11.113 0.262   6.485   1.00 28.42 ? 201 GNP A "C5'" 1 
HETATM 1211 C  "C4'" . GNP C 3 .   ? -11.851 -0.544  7.521   1.00 28.66 ? 201 GNP A "C4'" 1 
HETATM 1212 O  "O4'" . GNP C 3 .   ? -11.295 -1.875  7.495   1.00 27.52 ? 201 GNP A "O4'" 1 
HETATM 1213 C  "C3'" . GNP C 3 .   ? -11.668 -0.022  8.936   1.00 29.94 ? 201 GNP A "C3'" 1 
HETATM 1214 O  "O3'" . GNP C 3 .   ? -12.900 -0.075  9.659   1.00 33.65 ? 201 GNP A "O3'" 1 
HETATM 1215 C  "C2'" . GNP C 3 .   ? -10.568 -0.911  9.541   1.00 28.63 ? 201 GNP A "C2'" 1 
HETATM 1216 O  "O2'" . GNP C 3 .   ? -10.800 -1.192  10.901  1.00 31.39 ? 201 GNP A "O2'" 1 
HETATM 1217 C  "C1'" . GNP C 3 .   ? -10.640 -2.182  8.711   1.00 26.98 ? 201 GNP A "C1'" 1 
HETATM 1218 N  N9    . GNP C 3 .   ? -9.386  -2.853  8.339   1.00 25.18 ? 201 GNP A N9    1 
HETATM 1219 C  C8    . GNP C 3 .   ? -8.291  -2.308  7.708   1.00 26.23 ? 201 GNP A C8    1 
HETATM 1220 N  N7    . GNP C 3 .   ? -7.332  -3.143  7.500   1.00 24.23 ? 201 GNP A N7    1 
HETATM 1221 C  C5    . GNP C 3 .   ? -7.825  -4.343  8.005   1.00 25.66 ? 201 GNP A C5    1 
HETATM 1222 C  C6    . GNP C 3 .   ? -7.209  -5.608  8.052   1.00 25.25 ? 201 GNP A C6    1 
HETATM 1223 O  O6    . GNP C 3 .   ? -6.080  -5.885  7.591   1.00 27.04 ? 201 GNP A O6    1 
HETATM 1224 N  N1    . GNP C 3 .   ? -8.024  -6.579  8.653   1.00 22.92 ? 201 GNP A N1    1 
HETATM 1225 C  C2    . GNP C 3 .   ? -9.285  -6.317  9.167   1.00 25.05 ? 201 GNP A C2    1 
HETATM 1226 N  N2    . GNP C 3 .   ? -9.945  -7.342  9.743   1.00 25.64 ? 201 GNP A N2    1 
HETATM 1227 N  N3    . GNP C 3 .   ? -9.872  -5.116  9.154   1.00 24.74 ? 201 GNP A N3    1 
HETATM 1228 C  C4    . GNP C 3 .   ? -9.087  -4.185  8.528   1.00 25.48 ? 201 GNP A C4    1 
HETATM 1229 O  O     . HOH D 4 .   ? -5.922  6.299   3.202   1.00 24.52 ? 184 HOH A O     1 
HETATM 1230 O  O     . HOH D 4 .   ? -8.756  5.747   6.123   1.00 27.30 ? 185 HOH A O     1 
HETATM 1231 O  O     . HOH D 4 .   ? -4.705  -11.667 -2.792  1.00 26.43 ? 186 HOH A O     1 
HETATM 1232 O  O     . HOH D 4 .   ? -15.917 -11.454 0.470   1.00 30.91 ? 187 HOH A O     1 
HETATM 1233 O  O     . HOH D 4 .   ? -9.940  4.544   9.207   1.00 26.63 ? 188 HOH A O     1 
HETATM 1234 O  O     . HOH D 4 .   ? -0.058  -6.990  16.335  1.00 39.89 ? 189 HOH A O     1 
HETATM 1235 O  O     . HOH D 4 .   ? -7.822  8.916   7.862   1.00 40.75 ? 190 HOH A O     1 
HETATM 1236 O  O     . HOH D 4 .   ? -5.025  -13.590 12.381  1.00 43.06 ? 191 HOH A O     1 
HETATM 1237 O  O     . HOH D 4 .   ? -7.422  -1.107  -4.141  1.00 30.08 ? 192 HOH A O     1 
HETATM 1238 O  O     . HOH D 4 .   ? -4.038  0.337   12.463  1.00 24.61 ? 193 HOH A O     1 
HETATM 1239 O  O     . HOH D 4 .   ? -4.439  -2.107  18.753  1.00 32.52 ? 194 HOH A O     1 
HETATM 1240 O  O     . HOH D 4 .   ? -0.903  -6.096  -15.944 1.00 49.30 ? 195 HOH A O     1 
HETATM 1241 O  O     . HOH D 4 .   ? 1.542   -9.772  14.760  1.00 38.79 ? 196 HOH A O     1 
# 
loop_
_pdbx_poly_seq_scheme.asym_id 
_pdbx_poly_seq_scheme.entity_id 
_pdbx_poly_seq_scheme.seq_id 
_pdbx_poly_seq_scheme.mon_id 
_pdbx_poly_seq_scheme.ndb_seq_num 
_pdbx_poly_seq_scheme.pdb_seq_num 
_pdbx_poly_seq_scheme.auth_seq_num 
_pdbx_poly_seq_scheme.pdb_mon_id 
_pdbx_poly_seq_scheme.auth_mon_id 
_pdbx_poly_seq_scheme.pdb_strand_id 
_pdbx_poly_seq_scheme.pdb_ins_code 
_pdbx_poly_seq_scheme.hetero 
A 1 1   MET 1   -17 ?   ?   ?   A . n 
A 1 2   HIS 2   -16 ?   ?   ?   A . n 
A 1 3   HIS 3   -15 ?   ?   ?   A . n 
A 1 4   HIS 4   -14 ?   ?   ?   A . n 
A 1 5   HIS 5   -13 ?   ?   ?   A . n 
A 1 6   HIS 6   -12 ?   ?   ?   A . n 
A 1 7   HIS 7   -11 ?   ?   ?   A . n 
A 1 8   SER 8   -10 ?   ?   ?   A . n 
A 1 9   SER 9   -9  ?   ?   ?   A . n 
A 1 10  GLY 10  -8  ?   ?   ?   A . n 
A 1 11  ARG 11  -7  ?   ?   ?   A . n 
A 1 12  GLU 12  -6  ?   ?   ?   A . n 
A 1 13  ASN 13  -5  ?   ?   ?   A . n 
A 1 14  LEU 14  -4  ?   ?   ?   A . n 
A 1 15  TYR 15  -3  ?   ?   ?   A . n 
A 1 16  PHE 16  -2  ?   ?   ?   A . n 
A 1 17  GLN 17  -1  ?   ?   ?   A . n 
A 1 18  GLY 18  0   ?   ?   ?   A . n 
A 1 19  MET 19  1   ?   ?   ?   A . n 
A 1 20  PRO 20  2   ?   ?   ?   A . n 
A 1 21  LEU 21  3   ?   ?   ?   A . n 
A 1 22  VAL 22  4   ?   ?   ?   A . n 
A 1 23  ARG 23  5   5   ARG ARG A . n 
A 1 24  TYR 24  6   6   TYR TYR A . n 
A 1 25  ARG 25  7   7   ARG ARG A . n 
A 1 26  LYS 26  8   8   LYS LYS A . n 
A 1 27  VAL 27  9   9   VAL VAL A . n 
A 1 28  VAL 28  10  10  VAL VAL A . n 
A 1 29  ILE 29  11  11  ILE ILE A . n 
A 1 30  LEU 30  12  12  LEU LEU A . n 
A 1 31  GLY 31  13  13  GLY GLY A . n 
A 1 32  TYR 32  14  14  TYR TYR A . n 
A 1 33  ARG 33  15  15  ARG ARG A . n 
A 1 34  CYS 34  16  16  CYS CYS A . n 
A 1 35  VAL 35  17  17  VAL VAL A . n 
A 1 36  GLY 36  18  18  GLY GLY A . n 
A 1 37  LYS 37  19  19  LYS LYS A . n 
A 1 38  THR 38  20  20  THR THR A . n 
A 1 39  SER 39  21  21  SER SER A . n 
A 1 40  LEU 40  22  22  LEU LEU A . n 
A 1 41  ALA 41  23  23  ALA ALA A . n 
A 1 42  HIS 42  24  24  HIS HIS A . n 
A 1 43  GLN 43  25  25  GLN GLN A . n 
A 1 44  PHE 44  26  26  PHE PHE A . n 
A 1 45  VAL 45  27  27  VAL VAL A . n 
A 1 46  GLU 46  28  28  GLU GLU A . n 
A 1 47  GLY 47  29  29  GLY GLY A . n 
A 1 48  GLU 48  30  30  GLU GLU A . n 
A 1 49  PHE 49  31  31  PHE PHE A . n 
A 1 50  SER 50  32  32  SER SER A . n 
A 1 51  GLU 51  33  33  GLU GLU A . n 
A 1 52  GLY 52  34  34  GLY GLY A . n 
A 1 53  TYR 53  35  35  TYR TYR A . n 
A 1 54  ASP 54  36  36  ASP ASP A . n 
A 1 55  PRO 55  37  37  PRO PRO A . n 
A 1 56  THR 56  38  38  THR THR A . n 
A 1 57  VAL 57  39  39  VAL VAL A . n 
A 1 58  GLU 58  40  40  GLU GLU A . n 
A 1 59  ASN 59  41  41  ASN ASN A . n 
A 1 60  THR 60  42  42  THR THR A . n 
A 1 61  TYR 61  43  43  TYR TYR A . n 
A 1 62  SER 62  44  44  SER SER A . n 
A 1 63  LYS 63  45  45  LYS LYS A . n 
A 1 64  ILE 64  46  46  ILE ILE A . n 
A 1 65  VAL 65  47  47  VAL VAL A . n 
A 1 66  THR 66  48  48  THR THR A . n 
A 1 67  LEU 67  49  ?   ?   ?   A . n 
A 1 68  GLY 68  50  ?   ?   ?   A . n 
A 1 69  LYS 69  51  ?   ?   ?   A . n 
A 1 70  ASP 70  52  ?   ?   ?   A . n 
A 1 71  GLU 71  53  53  GLU GLU A . n 
A 1 72  PHE 72  54  54  PHE PHE A . n 
A 1 73  HIS 73  55  55  HIS HIS A . n 
A 1 74  LEU 74  56  56  LEU LEU A . n 
A 1 75  HIS 75  57  57  HIS HIS A . n 
A 1 76  LEU 76  58  58  LEU LEU A . n 
A 1 77  VAL 77  59  59  VAL VAL A . n 
A 1 78  ASP 78  60  60  ASP ASP A . n 
A 1 79  THR 79  61  61  THR THR A . n 
A 1 80  ALA 80  62  62  ALA ALA A . n 
A 1 81  GLY 81  63  63  GLY GLY A . n 
A 1 82  GLN 82  64  64  GLN GLN A . n 
A 1 83  ASP 83  65  65  ASP ASP A . n 
A 1 84  GLU 84  66  66  GLU GLU A . n 
A 1 85  TYR 85  67  67  TYR TYR A . n 
A 1 86  SER 86  68  68  SER SER A . n 
A 1 87  ILE 87  69  69  ILE ILE A . n 
A 1 88  LEU 88  70  70  LEU LEU A . n 
A 1 89  PRO 89  71  71  PRO PRO A . n 
A 1 90  TYR 90  72  72  TYR TYR A . n 
A 1 91  SER 91  73  73  SER SER A . n 
A 1 92  PHE 92  74  74  PHE PHE A . n 
A 1 93  ILE 93  75  75  ILE ILE A . n 
A 1 94  ILE 94  76  76  ILE ILE A . n 
A 1 95  GLY 95  77  77  GLY GLY A . n 
A 1 96  VAL 96  78  78  VAL VAL A . n 
A 1 97  HIS 97  79  79  HIS HIS A . n 
A 1 98  GLY 98  80  80  GLY GLY A . n 
A 1 99  TYR 99  81  81  TYR TYR A . n 
A 1 100 VAL 100 82  82  VAL VAL A . n 
A 1 101 LEU 101 83  83  LEU LEU A . n 
A 1 102 VAL 102 84  84  VAL VAL A . n 
A 1 103 TYR 103 85  85  TYR TYR A . n 
A 1 104 SER 104 86  86  SER SER A . n 
A 1 105 VAL 105 87  87  VAL VAL A . n 
A 1 106 THR 106 88  88  THR THR A . n 
A 1 107 SER 107 89  89  SER SER A . n 
A 1 108 LEU 108 90  90  LEU LEU A . n 
A 1 109 HIS 109 91  91  HIS HIS A . n 
A 1 110 SER 110 92  92  SER SER A . n 
A 1 111 PHE 111 93  93  PHE PHE A . n 
A 1 112 GLN 112 94  94  GLN GLN A . n 
A 1 113 VAL 113 95  95  VAL VAL A . n 
A 1 114 ILE 114 96  96  ILE ILE A . n 
A 1 115 GLU 115 97  97  GLU GLU A . n 
A 1 116 SER 116 98  98  SER SER A . n 
A 1 117 LEU 117 99  99  LEU LEU A . n 
A 1 118 TYR 118 100 100 TYR TYR A . n 
A 1 119 GLN 119 101 101 GLN GLN A . n 
A 1 120 LYS 120 102 102 LYS LYS A . n 
A 1 121 LEU 121 103 103 LEU LEU A . n 
A 1 122 HIS 122 104 104 HIS HIS A . n 
A 1 123 GLU 123 105 105 GLU GLU A . n 
A 1 124 GLY 124 106 ?   ?   ?   A . n 
A 1 125 HIS 125 107 ?   ?   ?   A . n 
A 1 126 GLY 126 108 ?   ?   ?   A . n 
A 1 127 LYS 127 109 ?   ?   ?   A . n 
A 1 128 THR 128 110 ?   ?   ?   A . n 
A 1 129 ARG 129 111 111 ARG ARG A . n 
A 1 130 VAL 130 112 112 VAL VAL A . n 
A 1 131 PRO 131 113 113 PRO PRO A . n 
A 1 132 VAL 132 114 114 VAL VAL A . n 
A 1 133 VAL 133 115 115 VAL VAL A . n 
A 1 134 LEU 134 116 116 LEU LEU A . n 
A 1 135 VAL 135 117 117 VAL VAL A . n 
A 1 136 GLY 136 118 118 GLY GLY A . n 
A 1 137 ASN 137 119 119 ASN ASN A . n 
A 1 138 LYS 138 120 120 LYS LYS A . n 
A 1 139 ALA 139 121 121 ALA ALA A . n 
A 1 140 ASP 140 122 122 ASP ASP A . n 
A 1 141 LEU 141 123 123 LEU LEU A . n 
A 1 142 SER 142 124 124 SER SER A . n 
A 1 143 PRO 143 125 125 PRO PRO A . n 
A 1 144 GLU 144 126 126 GLU GLU A . n 
A 1 145 ARG 145 127 127 ARG ARG A . n 
A 1 146 GLU 146 128 128 GLU GLU A . n 
A 1 147 VAL 147 129 129 VAL VAL A . n 
A 1 148 GLN 148 130 130 GLN GLN A . n 
A 1 149 ALA 149 131 131 ALA ALA A . n 
A 1 150 VAL 150 132 132 VAL VAL A . n 
A 1 151 GLU 151 133 133 GLU GLU A . n 
A 1 152 GLY 152 134 134 GLY GLY A . n 
A 1 153 LYS 153 135 135 LYS LYS A . n 
A 1 154 LYS 154 136 136 LYS LYS A . n 
A 1 155 LEU 155 137 137 LEU LEU A . n 
A 1 156 ALA 156 138 138 ALA ALA A . n 
A 1 157 GLU 157 139 139 GLU GLU A . n 
A 1 158 SER 158 140 140 SER SER A . n 
A 1 159 TRP 159 141 141 TRP TRP A . n 
A 1 160 GLY 160 142 142 GLY GLY A . n 
A 1 161 ALA 161 143 143 ALA ALA A . n 
A 1 162 THR 162 144 144 THR THR A . n 
A 1 163 PHE 163 145 145 PHE PHE A . n 
A 1 164 MET 164 146 146 MET MET A . n 
A 1 165 GLU 165 147 147 GLU GLU A . n 
A 1 166 SER 166 148 148 SER SER A . n 
A 1 167 SER 167 149 149 SER SER A . n 
A 1 168 ALA 168 150 150 ALA ALA A . n 
A 1 169 ARG 169 151 151 ARG ARG A . n 
A 1 170 GLU 170 152 152 GLU GLU A . n 
A 1 171 ASN 171 153 153 ASN ASN A . n 
A 1 172 GLN 172 154 154 GLN GLN A . n 
A 1 173 LEU 173 155 155 LEU LEU A . n 
A 1 174 THR 174 156 156 THR THR A . n 
A 1 175 GLN 175 157 157 GLN GLN A . n 
A 1 176 GLY 176 158 158 GLY GLY A . n 
A 1 177 ILE 177 159 159 ILE ILE A . n 
A 1 178 PHE 178 160 160 PHE PHE A . n 
A 1 179 THR 179 161 161 THR THR A . n 
A 1 180 LYS 180 162 162 LYS LYS A . n 
A 1 181 VAL 181 163 163 VAL VAL A . n 
A 1 182 ILE 182 164 164 ILE ILE A . n 
A 1 183 GLN 183 165 165 GLN GLN A . n 
A 1 184 GLU 184 166 166 GLU GLU A . n 
A 1 185 ILE 185 167 167 ILE ILE A . n 
A 1 186 ALA 186 168 168 ALA ALA A . n 
A 1 187 ARG 187 169 169 ARG ARG A . n 
A 1 188 VAL 188 170 170 VAL VAL A . n 
A 1 189 GLU 189 171 ?   ?   ?   A . n 
A 1 190 ASN 190 172 ?   ?   ?   A . n 
A 1 191 SER 191 173 ?   ?   ?   A . n 
A 1 192 TYR 192 174 ?   ?   ?   A . n 
A 1 193 GLY 193 175 ?   ?   ?   A . n 
A 1 194 GLN 194 176 ?   ?   ?   A . n 
A 1 195 GLU 195 177 ?   ?   ?   A . n 
A 1 196 ARG 196 178 ?   ?   ?   A . n 
A 1 197 ARG 197 179 ?   ?   ?   A . n 
A 1 198 CYS 198 180 ?   ?   ?   A . n 
A 1 199 HIS 199 181 ?   ?   ?   A . n 
A 1 200 LEU 200 182 ?   ?   ?   A . n 
A 1 201 MET 201 183 ?   ?   ?   A . n 
# 
_pdbx_SG_project.id                    1 
_pdbx_SG_project.project_name          ? 
_pdbx_SG_project.full_name_of_center   'Structural Genomics Consortium' 
_pdbx_SG_project.initial_of_center     SGC 
# 
loop_
_pdbx_nonpoly_scheme.asym_id 
_pdbx_nonpoly_scheme.entity_id 
_pdbx_nonpoly_scheme.mon_id 
_pdbx_nonpoly_scheme.ndb_seq_num 
_pdbx_nonpoly_scheme.pdb_seq_num 
_pdbx_nonpoly_scheme.auth_seq_num 
_pdbx_nonpoly_scheme.pdb_mon_id 
_pdbx_nonpoly_scheme.auth_mon_id 
_pdbx_nonpoly_scheme.pdb_strand_id 
_pdbx_nonpoly_scheme.pdb_ins_code 
B 2 MG  1  202 202 MG  MG  A . 
C 3 GNP 1  201 201 GNP GNP A . 
D 4 HOH 1  184 1   HOH HOH A . 
D 4 HOH 2  185 2   HOH HOH A . 
D 4 HOH 3  186 3   HOH HOH A . 
D 4 HOH 4  187 4   HOH HOH A . 
D 4 HOH 5  188 5   HOH HOH A . 
D 4 HOH 6  189 6   HOH HOH A . 
D 4 HOH 7  190 7   HOH HOH A . 
D 4 HOH 8  191 8   HOH HOH A . 
D 4 HOH 9  192 9   HOH HOH A . 
D 4 HOH 10 193 10  HOH HOH A . 
D 4 HOH 11 194 11  HOH HOH A . 
D 4 HOH 12 195 12  HOH HOH A . 
D 4 HOH 13 196 13  HOH HOH A . 
# 
_pdbx_struct_assembly.id                   1 
_pdbx_struct_assembly.details              software_defined_assembly 
_pdbx_struct_assembly.method_details       PISA 
_pdbx_struct_assembly.oligomeric_details   monomeric 
_pdbx_struct_assembly.oligomeric_count     1 
# 
_pdbx_struct_assembly_gen.assembly_id       1 
_pdbx_struct_assembly_gen.oper_expression   1 
_pdbx_struct_assembly_gen.asym_id_list      A,B,C,D 
# 
_pdbx_struct_oper_list.id                   1 
_pdbx_struct_oper_list.type                 'identity operation' 
_pdbx_struct_oper_list.name                 1_555 
_pdbx_struct_oper_list.symmetry_operation   x,y,z 
_pdbx_struct_oper_list.matrix[1][1]         1.0000000000 
_pdbx_struct_oper_list.matrix[1][2]         0.0000000000 
_pdbx_struct_oper_list.matrix[1][3]         0.0000000000 
_pdbx_struct_oper_list.vector[1]            0.0000000000 
_pdbx_struct_oper_list.matrix[2][1]         0.0000000000 
_pdbx_struct_oper_list.matrix[2][2]         1.0000000000 
_pdbx_struct_oper_list.matrix[2][3]         0.0000000000 
_pdbx_struct_oper_list.vector[2]            0.0000000000 
_pdbx_struct_oper_list.matrix[3][1]         0.0000000000 
_pdbx_struct_oper_list.matrix[3][2]         0.0000000000 
_pdbx_struct_oper_list.matrix[3][3]         1.0000000000 
_pdbx_struct_oper_list.vector[3]            0.0000000000 
# 
loop_
_pdbx_struct_conn_angle.id 
_pdbx_struct_conn_angle.ptnr1_label_atom_id 
_pdbx_struct_conn_angle.ptnr1_label_alt_id 
_pdbx_struct_conn_angle.ptnr1_label_asym_id 
_pdbx_struct_conn_angle.ptnr1_label_comp_id 
_pdbx_struct_conn_angle.ptnr1_label_seq_id 
_pdbx_struct_conn_angle.ptnr1_auth_atom_id 
_pdbx_struct_conn_angle.ptnr1_auth_asym_id 
_pdbx_struct_conn_angle.ptnr1_auth_comp_id 
_pdbx_struct_conn_angle.ptnr1_auth_seq_id 
_pdbx_struct_conn_angle.ptnr1_PDB_ins_code 
_pdbx_struct_conn_angle.ptnr1_symmetry 
_pdbx_struct_conn_angle.ptnr2_label_atom_id 
_pdbx_struct_conn_angle.ptnr2_label_alt_id 
_pdbx_struct_conn_angle.ptnr2_label_asym_id 
_pdbx_struct_conn_angle.ptnr2_label_comp_id 
_pdbx_struct_conn_angle.ptnr2_label_seq_id 
_pdbx_struct_conn_angle.ptnr2_auth_atom_id 
_pdbx_struct_conn_angle.ptnr2_auth_asym_id 
_pdbx_struct_conn_angle.ptnr2_auth_comp_id 
_pdbx_struct_conn_angle.ptnr2_auth_seq_id 
_pdbx_struct_conn_angle.ptnr2_PDB_ins_code 
_pdbx_struct_conn_angle.ptnr2_symmetry 
_pdbx_struct_conn_angle.ptnr3_label_atom_id 
_pdbx_struct_conn_angle.ptnr3_label_alt_id 
_pdbx_struct_conn_angle.ptnr3_label_asym_id 
_pdbx_struct_conn_angle.ptnr3_label_comp_id 
_pdbx_struct_conn_angle.ptnr3_label_seq_id 
_pdbx_struct_conn_angle.ptnr3_auth_atom_id 
_pdbx_struct_conn_angle.ptnr3_auth_asym_id 
_pdbx_struct_conn_angle.ptnr3_auth_comp_id 
_pdbx_struct_conn_angle.ptnr3_auth_seq_id 
_pdbx_struct_conn_angle.ptnr3_PDB_ins_code 
_pdbx_struct_conn_angle.ptnr3_symmetry 
_pdbx_struct_conn_angle.value 
_pdbx_struct_conn_angle.value_esd 
1  OG1 ? A THR 38 ? A THR 20  ? 1_555 MG ? B MG . ? A MG 202 ? 1_555 OG1 ? A THR 56 ? A THR 38  ? 1_555 77.2  ? 
2  OG1 ? A THR 38 ? A THR 20  ? 1_555 MG ? B MG . ? A MG 202 ? 1_555 O   ? D HOH .  ? A HOH 184 ? 1_555 98.6  ? 
3  OG1 ? A THR 56 ? A THR 38  ? 1_555 MG ? B MG . ? A MG 202 ? 1_555 O   ? D HOH .  ? A HOH 184 ? 1_555 99.2  ? 
4  OG1 ? A THR 38 ? A THR 20  ? 1_555 MG ? B MG . ? A MG 202 ? 1_555 O   ? D HOH .  ? A HOH 185 ? 1_555 79.0  ? 
5  OG1 ? A THR 56 ? A THR 38  ? 1_555 MG ? B MG . ? A MG 202 ? 1_555 O   ? D HOH .  ? A HOH 185 ? 1_555 79.9  ? 
6  O   ? D HOH .  ? A HOH 184 ? 1_555 MG ? B MG . ? A MG 202 ? 1_555 O   ? D HOH .  ? A HOH 185 ? 1_555 177.6 ? 
7  OG1 ? A THR 38 ? A THR 20  ? 1_555 MG ? B MG . ? A MG 202 ? 1_555 O2G ? C GNP .  ? A GNP 201 ? 1_555 156.2 ? 
8  OG1 ? A THR 56 ? A THR 38  ? 1_555 MG ? B MG . ? A MG 202 ? 1_555 O2G ? C GNP .  ? A GNP 201 ? 1_555 89.1  ? 
9  O   ? D HOH .  ? A HOH 184 ? 1_555 MG ? B MG . ? A MG 202 ? 1_555 O2G ? C GNP .  ? A GNP 201 ? 1_555 102.8 ? 
10 O   ? D HOH .  ? A HOH 185 ? 1_555 MG ? B MG . ? A MG 202 ? 1_555 O2G ? C GNP .  ? A GNP 201 ? 1_555 79.4  ? 
11 OG1 ? A THR 38 ? A THR 20  ? 1_555 MG ? B MG . ? A MG 202 ? 1_555 O2B ? C GNP .  ? A GNP 201 ? 1_555 92.2  ? 
12 OG1 ? A THR 56 ? A THR 38  ? 1_555 MG ? B MG . ? A MG 202 ? 1_555 O2B ? C GNP .  ? A GNP 201 ? 1_555 153.3 ? 
13 O   ? D HOH .  ? A HOH 184 ? 1_555 MG ? B MG . ? A MG 202 ? 1_555 O2B ? C GNP .  ? A GNP 201 ? 1_555 106.7 ? 
14 O   ? D HOH .  ? A HOH 185 ? 1_555 MG ? B MG . ? A MG 202 ? 1_555 O2B ? C GNP .  ? A GNP 201 ? 1_555 74.0  ? 
15 O2G ? C GNP .  ? A GNP 201 ? 1_555 MG ? B MG . ? A MG 202 ? 1_555 O2B ? C GNP .  ? A GNP 201 ? 1_555 91.4  ? 
# 
loop_
_pdbx_audit_revision_history.ordinal 
_pdbx_audit_revision_history.data_content_type 
_pdbx_audit_revision_history.major_revision 
_pdbx_audit_revision_history.minor_revision 
_pdbx_audit_revision_history.revision_date 
1 'Structure model' 1 0 2010-08-25 
2 'Structure model' 1 1 2011-07-13 
3 'Structure model' 1 2 2017-11-08 
4 'Structure model' 1 3 2023-09-06 
# 
_pdbx_audit_revision_details.ordinal             1 
_pdbx_audit_revision_details.revision_ordinal    1 
_pdbx_audit_revision_details.data_content_type   'Structure model' 
_pdbx_audit_revision_details.provider            repository 
_pdbx_audit_revision_details.type                'Initial release' 
_pdbx_audit_revision_details.description         ? 
_pdbx_audit_revision_details.details             ? 
# 
loop_
_pdbx_audit_revision_group.ordinal 
_pdbx_audit_revision_group.revision_ordinal 
_pdbx_audit_revision_group.data_content_type 
_pdbx_audit_revision_group.group 
1 2 'Structure model' 'Version format compliance' 
2 3 'Structure model' 'Refinement description'    
3 4 'Structure model' 'Data collection'           
4 4 'Structure model' 'Database references'       
5 4 'Structure model' 'Derived calculations'      
6 4 'Structure model' 'Refinement description'    
# 
loop_
_pdbx_audit_revision_category.ordinal 
_pdbx_audit_revision_category.revision_ordinal 
_pdbx_audit_revision_category.data_content_type 
_pdbx_audit_revision_category.category 
1 3 'Structure model' software                      
2 4 'Structure model' chem_comp_atom                
3 4 'Structure model' chem_comp_bond                
4 4 'Structure model' database_2                    
5 4 'Structure model' pdbx_initial_refinement_model 
6 4 'Structure model' pdbx_struct_conn_angle        
7 4 'Structure model' struct_conn                   
8 4 'Structure model' struct_ref_seq_dif            
9 4 'Structure model' struct_site                   
# 
loop_
_pdbx_audit_revision_item.ordinal 
_pdbx_audit_revision_item.revision_ordinal 
_pdbx_audit_revision_item.data_content_type 
_pdbx_audit_revision_item.item 
1  4 'Structure model' '_database_2.pdbx_DOI'                        
2  4 'Structure model' '_database_2.pdbx_database_accession'         
3  4 'Structure model' '_pdbx_struct_conn_angle.ptnr1_auth_comp_id'  
4  4 'Structure model' '_pdbx_struct_conn_angle.ptnr1_auth_seq_id'   
5  4 'Structure model' '_pdbx_struct_conn_angle.ptnr1_label_asym_id' 
6  4 'Structure model' '_pdbx_struct_conn_angle.ptnr1_label_atom_id' 
7  4 'Structure model' '_pdbx_struct_conn_angle.ptnr1_label_comp_id' 
8  4 'Structure model' '_pdbx_struct_conn_angle.ptnr1_label_seq_id'  
9  4 'Structure model' '_pdbx_struct_conn_angle.ptnr3_auth_comp_id'  
10 4 'Structure model' '_pdbx_struct_conn_angle.ptnr3_auth_seq_id'   
11 4 'Structure model' '_pdbx_struct_conn_angle.ptnr3_label_asym_id' 
12 4 'Structure model' '_pdbx_struct_conn_angle.ptnr3_label_atom_id' 
13 4 'Structure model' '_pdbx_struct_conn_angle.ptnr3_label_comp_id' 
14 4 'Structure model' '_pdbx_struct_conn_angle.ptnr3_label_seq_id'  
15 4 'Structure model' '_pdbx_struct_conn_angle.value'               
16 4 'Structure model' '_struct_conn.pdbx_dist_value'                
17 4 'Structure model' '_struct_conn.ptnr1_auth_comp_id'             
18 4 'Structure model' '_struct_conn.ptnr1_auth_seq_id'              
19 4 'Structure model' '_struct_conn.ptnr1_label_asym_id'            
20 4 'Structure model' '_struct_conn.ptnr1_label_atom_id'            
21 4 'Structure model' '_struct_conn.ptnr1_label_comp_id'            
22 4 'Structure model' '_struct_conn.ptnr1_label_seq_id'             
23 4 'Structure model' '_struct_conn.ptnr2_auth_comp_id'             
24 4 'Structure model' '_struct_conn.ptnr2_auth_seq_id'              
25 4 'Structure model' '_struct_conn.ptnr2_label_asym_id'            
26 4 'Structure model' '_struct_conn.ptnr2_label_atom_id'            
27 4 'Structure model' '_struct_conn.ptnr2_label_comp_id'            
28 4 'Structure model' '_struct_ref_seq_dif.details'                 
29 4 'Structure model' '_struct_site.pdbx_auth_asym_id'              
30 4 'Structure model' '_struct_site.pdbx_auth_comp_id'              
31 4 'Structure model' '_struct_site.pdbx_auth_seq_id'               
# 
_phasing.method   MR 
# 
loop_
_software.name 
_software.version 
_software.date 
_software.type 
_software.contact_author 
_software.contact_author_email 
_software.classification 
_software.location 
_software.language 
_software.citation_id 
_software.pdbx_ordinal 
DENZO           .        ?                    package 'Zbyszek Otwinowski' zbyszek@mix.swmed.edu       'data reduction'  
http://www.lnls.br/infra/linhasluz/denzo-hkl.htm ?          ? 1 
SCALEPACK       .        ?                    package 'Zbyszek Otwinowski' zbyszek@mix.swmed.edu       'data scaling'    
http://www.lnls.br/infra/linhasluz/denzo-hkl.htm ?          ? 2 
PHASER          .        ?                    other   'R. J. Read'         cimr-phaser@lists.cam.ac.uk phasing           
http://www-structmed.cimr.cam.ac.uk/phaser/      ?          ? 3 
REFMAC          5.5.0109 ?                    program 'Murshudov, G.N.'    ccp4@dl.ac.uk               refinement        
http://www.ccp4.ac.uk/main.html                  Fortran_77 ? 4 
PDB_EXTRACT     3.005    'September 10, 2007' package PDB                  sw-help@rcsb.rutgers.edu    'data extraction' 
http://pdb.rutgers.edu/software/                 C++        ? 5 
StructureStudio .        ?                    ?       ?                    ?                           'data collection' ? ? ? 6 
HKL-2000        .        ?                    ?       ?                    ?                           'data reduction'  ? ? ? 7 
HKL-2000        .        ?                    ?       ?                    ?                           'data scaling'    ? ? ? 8 
# 
_pdbx_validate_torsion.id              1 
_pdbx_validate_torsion.PDB_model_num   1 
_pdbx_validate_torsion.auth_comp_id    VAL 
_pdbx_validate_torsion.auth_asym_id    A 
_pdbx_validate_torsion.auth_seq_id     39 
_pdbx_validate_torsion.PDB_ins_code    ? 
_pdbx_validate_torsion.label_alt_id    ? 
_pdbx_validate_torsion.phi             -95.08 
_pdbx_validate_torsion.psi             -62.86 
# 
loop_
_pdbx_unobs_or_zero_occ_atoms.id 
_pdbx_unobs_or_zero_occ_atoms.PDB_model_num 
_pdbx_unobs_or_zero_occ_atoms.polymer_flag 
_pdbx_unobs_or_zero_occ_atoms.occupancy_flag 
_pdbx_unobs_or_zero_occ_atoms.auth_asym_id 
_pdbx_unobs_or_zero_occ_atoms.auth_comp_id 
_pdbx_unobs_or_zero_occ_atoms.auth_seq_id 
_pdbx_unobs_or_zero_occ_atoms.PDB_ins_code 
_pdbx_unobs_or_zero_occ_atoms.auth_atom_id 
_pdbx_unobs_or_zero_occ_atoms.label_alt_id 
_pdbx_unobs_or_zero_occ_atoms.label_asym_id 
_pdbx_unobs_or_zero_occ_atoms.label_comp_id 
_pdbx_unobs_or_zero_occ_atoms.label_seq_id 
_pdbx_unobs_or_zero_occ_atoms.label_atom_id 
1  1 Y 1 A ARG 5   ? CD  ? A ARG 23  CD  
2  1 Y 1 A ARG 5   ? NE  ? A ARG 23  NE  
3  1 Y 1 A ARG 5   ? CZ  ? A ARG 23  CZ  
4  1 Y 1 A ARG 5   ? NH1 ? A ARG 23  NH1 
5  1 Y 1 A ARG 5   ? NH2 ? A ARG 23  NH2 
6  1 Y 1 A GLU 30  ? CG  ? A GLU 48  CG  
7  1 Y 1 A GLU 30  ? CD  ? A GLU 48  CD  
8  1 Y 1 A GLU 30  ? OE1 ? A GLU 48  OE1 
9  1 Y 1 A GLU 30  ? OE2 ? A GLU 48  OE2 
10 1 Y 1 A VAL 47  ? CG1 ? A VAL 65  CG1 
11 1 Y 1 A VAL 47  ? CG2 ? A VAL 65  CG2 
12 1 Y 1 A THR 48  ? OG1 ? A THR 66  OG1 
13 1 Y 1 A THR 48  ? CG2 ? A THR 66  CG2 
14 1 Y 1 A GLU 53  ? CD  ? A GLU 71  CD  
15 1 Y 1 A GLU 53  ? OE1 ? A GLU 71  OE1 
16 1 Y 1 A GLU 53  ? OE2 ? A GLU 71  OE2 
17 1 Y 1 A TYR 72  ? CG  ? A TYR 90  CG  
18 1 Y 1 A TYR 72  ? CD1 ? A TYR 90  CD1 
19 1 Y 1 A TYR 72  ? CD2 ? A TYR 90  CD2 
20 1 Y 1 A TYR 72  ? CE1 ? A TYR 90  CE1 
21 1 Y 1 A TYR 72  ? CE2 ? A TYR 90  CE2 
22 1 Y 1 A TYR 72  ? CZ  ? A TYR 90  CZ  
23 1 Y 1 A TYR 72  ? OH  ? A TYR 90  OH  
24 1 Y 1 A ILE 75  ? CG1 ? A ILE 93  CG1 
25 1 Y 1 A ILE 75  ? CG2 ? A ILE 93  CG2 
26 1 Y 1 A ILE 75  ? CD1 ? A ILE 93  CD1 
27 1 Y 1 A ILE 76  ? CG1 ? A ILE 94  CG1 
28 1 Y 1 A ILE 76  ? CG2 ? A ILE 94  CG2 
29 1 Y 1 A ILE 76  ? CD1 ? A ILE 94  CD1 
30 1 Y 1 A GLN 101 ? CG  ? A GLN 119 CG  
31 1 Y 1 A GLN 101 ? CD  ? A GLN 119 CD  
32 1 Y 1 A GLN 101 ? OE1 ? A GLN 119 OE1 
33 1 Y 1 A GLN 101 ? NE2 ? A GLN 119 NE2 
34 1 Y 1 A HIS 104 ? ND1 ? A HIS 122 ND1 
35 1 Y 1 A HIS 104 ? CD2 ? A HIS 122 CD2 
36 1 Y 1 A HIS 104 ? CE1 ? A HIS 122 CE1 
37 1 Y 1 A HIS 104 ? NE2 ? A HIS 122 NE2 
38 1 Y 1 A ARG 111 ? CD  ? A ARG 129 CD  
39 1 Y 1 A ARG 111 ? NE  ? A ARG 129 NE  
40 1 Y 1 A ARG 111 ? CZ  ? A ARG 129 CZ  
41 1 Y 1 A ARG 111 ? NH1 ? A ARG 129 NH1 
42 1 Y 1 A ARG 111 ? NH2 ? A ARG 129 NH2 
43 1 Y 1 A VAL 112 ? CG1 ? A VAL 130 CG1 
44 1 Y 1 A VAL 112 ? CG2 ? A VAL 130 CG2 
45 1 Y 1 A LYS 135 ? CD  ? A LYS 153 CD  
46 1 Y 1 A LYS 135 ? CE  ? A LYS 153 CE  
47 1 Y 1 A LYS 135 ? NZ  ? A LYS 153 NZ  
48 1 Y 1 A LYS 162 ? CD  ? A LYS 180 CD  
49 1 Y 1 A LYS 162 ? CE  ? A LYS 180 CE  
50 1 Y 1 A LYS 162 ? NZ  ? A LYS 180 NZ  
51 1 Y 1 A GLN 165 ? CD  ? A GLN 183 CD  
52 1 Y 1 A GLN 165 ? OE1 ? A GLN 183 OE1 
53 1 Y 1 A GLN 165 ? NE2 ? A GLN 183 NE2 
54 1 Y 1 A ARG 169 ? NE  ? A ARG 187 NE  
55 1 Y 1 A ARG 169 ? CZ  ? A ARG 187 CZ  
56 1 Y 1 A ARG 169 ? NH1 ? A ARG 187 NH1 
57 1 Y 1 A ARG 169 ? NH2 ? A ARG 187 NH2 
58 1 Y 1 A VAL 170 ? CG1 ? A VAL 188 CG1 
59 1 Y 1 A VAL 170 ? CG2 ? A VAL 188 CG2 
# 
loop_
_pdbx_unobs_or_zero_occ_residues.id 
_pdbx_unobs_or_zero_occ_residues.PDB_model_num 
_pdbx_unobs_or_zero_occ_residues.polymer_flag 
_pdbx_unobs_or_zero_occ_residues.occupancy_flag 
_pdbx_unobs_or_zero_occ_residues.auth_asym_id 
_pdbx_unobs_or_zero_occ_residues.auth_comp_id 
_pdbx_unobs_or_zero_occ_residues.auth_seq_id 
_pdbx_unobs_or_zero_occ_residues.PDB_ins_code 
_pdbx_unobs_or_zero_occ_residues.label_asym_id 
_pdbx_unobs_or_zero_occ_residues.label_comp_id 
_pdbx_unobs_or_zero_occ_residues.label_seq_id 
1  1 Y 1 A MET -17 ? A MET 1   
2  1 Y 1 A HIS -16 ? A HIS 2   
3  1 Y 1 A HIS -15 ? A HIS 3   
4  1 Y 1 A HIS -14 ? A HIS 4   
5  1 Y 1 A HIS -13 ? A HIS 5   
6  1 Y 1 A HIS -12 ? A HIS 6   
7  1 Y 1 A HIS -11 ? A HIS 7   
8  1 Y 1 A SER -10 ? A SER 8   
9  1 Y 1 A SER -9  ? A SER 9   
10 1 Y 1 A GLY -8  ? A GLY 10  
11 1 Y 1 A ARG -7  ? A ARG 11  
12 1 Y 1 A GLU -6  ? A GLU 12  
13 1 Y 1 A ASN -5  ? A ASN 13  
14 1 Y 1 A LEU -4  ? A LEU 14  
15 1 Y 1 A TYR -3  ? A TYR 15  
16 1 Y 1 A PHE -2  ? A PHE 16  
17 1 Y 1 A GLN -1  ? A GLN 17  
18 1 Y 1 A GLY 0   ? A GLY 18  
19 1 Y 1 A MET 1   ? A MET 19  
20 1 Y 1 A PRO 2   ? A PRO 20  
21 1 Y 1 A LEU 3   ? A LEU 21  
22 1 Y 1 A VAL 4   ? A VAL 22  
23 1 Y 1 A LEU 49  ? A LEU 67  
24 1 Y 1 A GLY 50  ? A GLY 68  
25 1 Y 1 A LYS 51  ? A LYS 69  
26 1 Y 1 A ASP 52  ? A ASP 70  
27 1 Y 1 A GLY 106 ? A GLY 124 
28 1 Y 1 A HIS 107 ? A HIS 125 
29 1 Y 1 A GLY 108 ? A GLY 126 
30 1 Y 1 A LYS 109 ? A LYS 127 
31 1 Y 1 A THR 110 ? A THR 128 
32 1 Y 1 A GLU 171 ? A GLU 189 
33 1 Y 1 A ASN 172 ? A ASN 190 
34 1 Y 1 A SER 173 ? A SER 191 
35 1 Y 1 A TYR 174 ? A TYR 192 
36 1 Y 1 A GLY 175 ? A GLY 193 
37 1 Y 1 A GLN 176 ? A GLN 194 
38 1 Y 1 A GLU 177 ? A GLU 195 
39 1 Y 1 A ARG 178 ? A ARG 196 
40 1 Y 1 A ARG 179 ? A ARG 197 
41 1 Y 1 A CYS 180 ? A CYS 198 
42 1 Y 1 A HIS 181 ? A HIS 199 
43 1 Y 1 A LEU 182 ? A LEU 200 
44 1 Y 1 A MET 183 ? A MET 201 
# 
loop_
_chem_comp_atom.comp_id 
_chem_comp_atom.atom_id 
_chem_comp_atom.type_symbol 
_chem_comp_atom.pdbx_aromatic_flag 
_chem_comp_atom.pdbx_stereo_config 
_chem_comp_atom.pdbx_ordinal 
ALA N      N  N N 1   
ALA CA     C  N S 2   
ALA C      C  N N 3   
ALA O      O  N N 4   
ALA CB     C  N N 5   
ALA OXT    O  N N 6   
ALA H      H  N N 7   
ALA H2     H  N N 8   
ALA HA     H  N N 9   
ALA HB1    H  N N 10  
ALA HB2    H  N N 11  
ALA HB3    H  N N 12  
ALA HXT    H  N N 13  
ARG N      N  N N 14  
ARG CA     C  N S 15  
ARG C      C  N N 16  
ARG O      O  N N 17  
ARG CB     C  N N 18  
ARG CG     C  N N 19  
ARG CD     C  N N 20  
ARG NE     N  N N 21  
ARG CZ     C  N N 22  
ARG NH1    N  N N 23  
ARG NH2    N  N N 24  
ARG OXT    O  N N 25  
ARG H      H  N N 26  
ARG H2     H  N N 27  
ARG HA     H  N N 28  
ARG HB2    H  N N 29  
ARG HB3    H  N N 30  
ARG HG2    H  N N 31  
ARG HG3    H  N N 32  
ARG HD2    H  N N 33  
ARG HD3    H  N N 34  
ARG HE     H  N N 35  
ARG HH11   H  N N 36  
ARG HH12   H  N N 37  
ARG HH21   H  N N 38  
ARG HH22   H  N N 39  
ARG HXT    H  N N 40  
ASN N      N  N N 41  
ASN CA     C  N S 42  
ASN C      C  N N 43  
ASN O      O  N N 44  
ASN CB     C  N N 45  
ASN CG     C  N N 46  
ASN OD1    O  N N 47  
ASN ND2    N  N N 48  
ASN OXT    O  N N 49  
ASN H      H  N N 50  
ASN H2     H  N N 51  
ASN HA     H  N N 52  
ASN HB2    H  N N 53  
ASN HB3    H  N N 54  
ASN HD21   H  N N 55  
ASN HD22   H  N N 56  
ASN HXT    H  N N 57  
ASP N      N  N N 58  
ASP CA     C  N S 59  
ASP C      C  N N 60  
ASP O      O  N N 61  
ASP CB     C  N N 62  
ASP CG     C  N N 63  
ASP OD1    O  N N 64  
ASP OD2    O  N N 65  
ASP OXT    O  N N 66  
ASP H      H  N N 67  
ASP H2     H  N N 68  
ASP HA     H  N N 69  
ASP HB2    H  N N 70  
ASP HB3    H  N N 71  
ASP HD2    H  N N 72  
ASP HXT    H  N N 73  
CYS N      N  N N 74  
CYS CA     C  N R 75  
CYS C      C  N N 76  
CYS O      O  N N 77  
CYS CB     C  N N 78  
CYS SG     S  N N 79  
CYS OXT    O  N N 80  
CYS H      H  N N 81  
CYS H2     H  N N 82  
CYS HA     H  N N 83  
CYS HB2    H  N N 84  
CYS HB3    H  N N 85  
CYS HG     H  N N 86  
CYS HXT    H  N N 87  
GLN N      N  N N 88  
GLN CA     C  N S 89  
GLN C      C  N N 90  
GLN O      O  N N 91  
GLN CB     C  N N 92  
GLN CG     C  N N 93  
GLN CD     C  N N 94  
GLN OE1    O  N N 95  
GLN NE2    N  N N 96  
GLN OXT    O  N N 97  
GLN H      H  N N 98  
GLN H2     H  N N 99  
GLN HA     H  N N 100 
GLN HB2    H  N N 101 
GLN HB3    H  N N 102 
GLN HG2    H  N N 103 
GLN HG3    H  N N 104 
GLN HE21   H  N N 105 
GLN HE22   H  N N 106 
GLN HXT    H  N N 107 
GLU N      N  N N 108 
GLU CA     C  N S 109 
GLU C      C  N N 110 
GLU O      O  N N 111 
GLU CB     C  N N 112 
GLU CG     C  N N 113 
GLU CD     C  N N 114 
GLU OE1    O  N N 115 
GLU OE2    O  N N 116 
GLU OXT    O  N N 117 
GLU H      H  N N 118 
GLU H2     H  N N 119 
GLU HA     H  N N 120 
GLU HB2    H  N N 121 
GLU HB3    H  N N 122 
GLU HG2    H  N N 123 
GLU HG3    H  N N 124 
GLU HE2    H  N N 125 
GLU HXT    H  N N 126 
GLY N      N  N N 127 
GLY CA     C  N N 128 
GLY C      C  N N 129 
GLY O      O  N N 130 
GLY OXT    O  N N 131 
GLY H      H  N N 132 
GLY H2     H  N N 133 
GLY HA2    H  N N 134 
GLY HA3    H  N N 135 
GLY HXT    H  N N 136 
GNP PG     P  N N 137 
GNP O1G    O  N N 138 
GNP O2G    O  N N 139 
GNP O3G    O  N N 140 
GNP N3B    N  N N 141 
GNP PB     P  N R 142 
GNP O1B    O  N N 143 
GNP O2B    O  N N 144 
GNP O3A    O  N N 145 
GNP PA     P  N S 146 
GNP O1A    O  N N 147 
GNP O2A    O  N N 148 
GNP "O5'"  O  N N 149 
GNP "C5'"  C  N N 150 
GNP "C4'"  C  N R 151 
GNP "O4'"  O  N N 152 
GNP "C3'"  C  N S 153 
GNP "O3'"  O  N N 154 
GNP "C2'"  C  N R 155 
GNP "O2'"  O  N N 156 
GNP "C1'"  C  N R 157 
GNP N9     N  Y N 158 
GNP C8     C  Y N 159 
GNP N7     N  Y N 160 
GNP C5     C  Y N 161 
GNP C6     C  Y N 162 
GNP O6     O  N N 163 
GNP N1     N  Y N 164 
GNP C2     C  Y N 165 
GNP N2     N  N N 166 
GNP N3     N  Y N 167 
GNP C4     C  Y N 168 
GNP HOG2   H  N N 169 
GNP HOG3   H  N N 170 
GNP HNB3   H  N N 171 
GNP HOB2   H  N N 172 
GNP HOA2   H  N N 173 
GNP "H5'2" H  N N 174 
GNP "H5'1" H  N N 175 
GNP "H4'"  H  N N 176 
GNP "H3'"  H  N N 177 
GNP "HO3'" H  N N 178 
GNP "H2'"  H  N N 179 
GNP "HO2'" H  N N 180 
GNP "H1'"  H  N N 181 
GNP H8     H  N N 182 
GNP HN1    H  N N 183 
GNP HN21   H  N N 184 
GNP HN22   H  N N 185 
HIS N      N  N N 186 
HIS CA     C  N S 187 
HIS C      C  N N 188 
HIS O      O  N N 189 
HIS CB     C  N N 190 
HIS CG     C  Y N 191 
HIS ND1    N  Y N 192 
HIS CD2    C  Y N 193 
HIS CE1    C  Y N 194 
HIS NE2    N  Y N 195 
HIS OXT    O  N N 196 
HIS H      H  N N 197 
HIS H2     H  N N 198 
HIS HA     H  N N 199 
HIS HB2    H  N N 200 
HIS HB3    H  N N 201 
HIS HD1    H  N N 202 
HIS HD2    H  N N 203 
HIS HE1    H  N N 204 
HIS HE2    H  N N 205 
HIS HXT    H  N N 206 
HOH O      O  N N 207 
HOH H1     H  N N 208 
HOH H2     H  N N 209 
ILE N      N  N N 210 
ILE CA     C  N S 211 
ILE C      C  N N 212 
ILE O      O  N N 213 
ILE CB     C  N S 214 
ILE CG1    C  N N 215 
ILE CG2    C  N N 216 
ILE CD1    C  N N 217 
ILE OXT    O  N N 218 
ILE H      H  N N 219 
ILE H2     H  N N 220 
ILE HA     H  N N 221 
ILE HB     H  N N 222 
ILE HG12   H  N N 223 
ILE HG13   H  N N 224 
ILE HG21   H  N N 225 
ILE HG22   H  N N 226 
ILE HG23   H  N N 227 
ILE HD11   H  N N 228 
ILE HD12   H  N N 229 
ILE HD13   H  N N 230 
ILE HXT    H  N N 231 
LEU N      N  N N 232 
LEU CA     C  N S 233 
LEU C      C  N N 234 
LEU O      O  N N 235 
LEU CB     C  N N 236 
LEU CG     C  N N 237 
LEU CD1    C  N N 238 
LEU CD2    C  N N 239 
LEU OXT    O  N N 240 
LEU H      H  N N 241 
LEU H2     H  N N 242 
LEU HA     H  N N 243 
LEU HB2    H  N N 244 
LEU HB3    H  N N 245 
LEU HG     H  N N 246 
LEU HD11   H  N N 247 
LEU HD12   H  N N 248 
LEU HD13   H  N N 249 
LEU HD21   H  N N 250 
LEU HD22   H  N N 251 
LEU HD23   H  N N 252 
LEU HXT    H  N N 253 
LYS N      N  N N 254 
LYS CA     C  N S 255 
LYS C      C  N N 256 
LYS O      O  N N 257 
LYS CB     C  N N 258 
LYS CG     C  N N 259 
LYS CD     C  N N 260 
LYS CE     C  N N 261 
LYS NZ     N  N N 262 
LYS OXT    O  N N 263 
LYS H      H  N N 264 
LYS H2     H  N N 265 
LYS HA     H  N N 266 
LYS HB2    H  N N 267 
LYS HB3    H  N N 268 
LYS HG2    H  N N 269 
LYS HG3    H  N N 270 
LYS HD2    H  N N 271 
LYS HD3    H  N N 272 
LYS HE2    H  N N 273 
LYS HE3    H  N N 274 
LYS HZ1    H  N N 275 
LYS HZ2    H  N N 276 
LYS HZ3    H  N N 277 
LYS HXT    H  N N 278 
MET N      N  N N 279 
MET CA     C  N S 280 
MET C      C  N N 281 
MET O      O  N N 282 
MET CB     C  N N 283 
MET CG     C  N N 284 
MET SD     S  N N 285 
MET CE     C  N N 286 
MET OXT    O  N N 287 
MET H      H  N N 288 
MET H2     H  N N 289 
MET HA     H  N N 290 
MET HB2    H  N N 291 
MET HB3    H  N N 292 
MET HG2    H  N N 293 
MET HG3    H  N N 294 
MET HE1    H  N N 295 
MET HE2    H  N N 296 
MET HE3    H  N N 297 
MET HXT    H  N N 298 
MG  MG     MG N N 299 
PHE N      N  N N 300 
PHE CA     C  N S 301 
PHE C      C  N N 302 
PHE O      O  N N 303 
PHE CB     C  N N 304 
PHE CG     C  Y N 305 
PHE CD1    C  Y N 306 
PHE CD2    C  Y N 307 
PHE CE1    C  Y N 308 
PHE CE2    C  Y N 309 
PHE CZ     C  Y N 310 
PHE OXT    O  N N 311 
PHE H      H  N N 312 
PHE H2     H  N N 313 
PHE HA     H  N N 314 
PHE HB2    H  N N 315 
PHE HB3    H  N N 316 
PHE HD1    H  N N 317 
PHE HD2    H  N N 318 
PHE HE1    H  N N 319 
PHE HE2    H  N N 320 
PHE HZ     H  N N 321 
PHE HXT    H  N N 322 
PRO N      N  N N 323 
PRO CA     C  N S 324 
PRO C      C  N N 325 
PRO O      O  N N 326 
PRO CB     C  N N 327 
PRO CG     C  N N 328 
PRO CD     C  N N 329 
PRO OXT    O  N N 330 
PRO H      H  N N 331 
PRO HA     H  N N 332 
PRO HB2    H  N N 333 
PRO HB3    H  N N 334 
PRO HG2    H  N N 335 
PRO HG3    H  N N 336 
PRO HD2    H  N N 337 
PRO HD3    H  N N 338 
PRO HXT    H  N N 339 
SER N      N  N N 340 
SER CA     C  N S 341 
SER C      C  N N 342 
SER O      O  N N 343 
SER CB     C  N N 344 
SER OG     O  N N 345 
SER OXT    O  N N 346 
SER H      H  N N 347 
SER H2     H  N N 348 
SER HA     H  N N 349 
SER HB2    H  N N 350 
SER HB3    H  N N 351 
SER HG     H  N N 352 
SER HXT    H  N N 353 
THR N      N  N N 354 
THR CA     C  N S 355 
THR C      C  N N 356 
THR O      O  N N 357 
THR CB     C  N R 358 
THR OG1    O  N N 359 
THR CG2    C  N N 360 
THR OXT    O  N N 361 
THR H      H  N N 362 
THR H2     H  N N 363 
THR HA     H  N N 364 
THR HB     H  N N 365 
THR HG1    H  N N 366 
THR HG21   H  N N 367 
THR HG22   H  N N 368 
THR HG23   H  N N 369 
THR HXT    H  N N 370 
TRP N      N  N N 371 
TRP CA     C  N S 372 
TRP C      C  N N 373 
TRP O      O  N N 374 
TRP CB     C  N N 375 
TRP CG     C  Y N 376 
TRP CD1    C  Y N 377 
TRP CD2    C  Y N 378 
TRP NE1    N  Y N 379 
TRP CE2    C  Y N 380 
TRP CE3    C  Y N 381 
TRP CZ2    C  Y N 382 
TRP CZ3    C  Y N 383 
TRP CH2    C  Y N 384 
TRP OXT    O  N N 385 
TRP H      H  N N 386 
TRP H2     H  N N 387 
TRP HA     H  N N 388 
TRP HB2    H  N N 389 
TRP HB3    H  N N 390 
TRP HD1    H  N N 391 
TRP HE1    H  N N 392 
TRP HE3    H  N N 393 
TRP HZ2    H  N N 394 
TRP HZ3    H  N N 395 
TRP HH2    H  N N 396 
TRP HXT    H  N N 397 
TYR N      N  N N 398 
TYR CA     C  N S 399 
TYR C      C  N N 400 
TYR O      O  N N 401 
TYR CB     C  N N 402 
TYR CG     C  Y N 403 
TYR CD1    C  Y N 404 
TYR CD2    C  Y N 405 
TYR CE1    C  Y N 406 
TYR CE2    C  Y N 407 
TYR CZ     C  Y N 408 
TYR OH     O  N N 409 
TYR OXT    O  N N 410 
TYR H      H  N N 411 
TYR H2     H  N N 412 
TYR HA     H  N N 413 
TYR HB2    H  N N 414 
TYR HB3    H  N N 415 
TYR HD1    H  N N 416 
TYR HD2    H  N N 417 
TYR HE1    H  N N 418 
TYR HE2    H  N N 419 
TYR HH     H  N N 420 
TYR HXT    H  N N 421 
VAL N      N  N N 422 
VAL CA     C  N S 423 
VAL C      C  N N 424 
VAL O      O  N N 425 
VAL CB     C  N N 426 
VAL CG1    C  N N 427 
VAL CG2    C  N N 428 
VAL OXT    O  N N 429 
VAL H      H  N N 430 
VAL H2     H  N N 431 
VAL HA     H  N N 432 
VAL HB     H  N N 433 
VAL HG11   H  N N 434 
VAL HG12   H  N N 435 
VAL HG13   H  N N 436 
VAL HG21   H  N N 437 
VAL HG22   H  N N 438 
VAL HG23   H  N N 439 
VAL HXT    H  N N 440 
# 
loop_
_chem_comp_bond.comp_id 
_chem_comp_bond.atom_id_1 
_chem_comp_bond.atom_id_2 
_chem_comp_bond.value_order 
_chem_comp_bond.pdbx_aromatic_flag 
_chem_comp_bond.pdbx_stereo_config 
_chem_comp_bond.pdbx_ordinal 
ALA N     CA     sing N N 1   
ALA N     H      sing N N 2   
ALA N     H2     sing N N 3   
ALA CA    C      sing N N 4   
ALA CA    CB     sing N N 5   
ALA CA    HA     sing N N 6   
ALA C     O      doub N N 7   
ALA C     OXT    sing N N 8   
ALA CB    HB1    sing N N 9   
ALA CB    HB2    sing N N 10  
ALA CB    HB3    sing N N 11  
ALA OXT   HXT    sing N N 12  
ARG N     CA     sing N N 13  
ARG N     H      sing N N 14  
ARG N     H2     sing N N 15  
ARG CA    C      sing N N 16  
ARG CA    CB     sing N N 17  
ARG CA    HA     sing N N 18  
ARG C     O      doub N N 19  
ARG C     OXT    sing N N 20  
ARG CB    CG     sing N N 21  
ARG CB    HB2    sing N N 22  
ARG CB    HB3    sing N N 23  
ARG CG    CD     sing N N 24  
ARG CG    HG2    sing N N 25  
ARG CG    HG3    sing N N 26  
ARG CD    NE     sing N N 27  
ARG CD    HD2    sing N N 28  
ARG CD    HD3    sing N N 29  
ARG NE    CZ     sing N N 30  
ARG NE    HE     sing N N 31  
ARG CZ    NH1    sing N N 32  
ARG CZ    NH2    doub N N 33  
ARG NH1   HH11   sing N N 34  
ARG NH1   HH12   sing N N 35  
ARG NH2   HH21   sing N N 36  
ARG NH2   HH22   sing N N 37  
ARG OXT   HXT    sing N N 38  
ASN N     CA     sing N N 39  
ASN N     H      sing N N 40  
ASN N     H2     sing N N 41  
ASN CA    C      sing N N 42  
ASN CA    CB     sing N N 43  
ASN CA    HA     sing N N 44  
ASN C     O      doub N N 45  
ASN C     OXT    sing N N 46  
ASN CB    CG     sing N N 47  
ASN CB    HB2    sing N N 48  
ASN CB    HB3    sing N N 49  
ASN CG    OD1    doub N N 50  
ASN CG    ND2    sing N N 51  
ASN ND2   HD21   sing N N 52  
ASN ND2   HD22   sing N N 53  
ASN OXT   HXT    sing N N 54  
ASP N     CA     sing N N 55  
ASP N     H      sing N N 56  
ASP N     H2     sing N N 57  
ASP CA    C      sing N N 58  
ASP CA    CB     sing N N 59  
ASP CA    HA     sing N N 60  
ASP C     O      doub N N 61  
ASP C     OXT    sing N N 62  
ASP CB    CG     sing N N 63  
ASP CB    HB2    sing N N 64  
ASP CB    HB3    sing N N 65  
ASP CG    OD1    doub N N 66  
ASP CG    OD2    sing N N 67  
ASP OD2   HD2    sing N N 68  
ASP OXT   HXT    sing N N 69  
CYS N     CA     sing N N 70  
CYS N     H      sing N N 71  
CYS N     H2     sing N N 72  
CYS CA    C      sing N N 73  
CYS CA    CB     sing N N 74  
CYS CA    HA     sing N N 75  
CYS C     O      doub N N 76  
CYS C     OXT    sing N N 77  
CYS CB    SG     sing N N 78  
CYS CB    HB2    sing N N 79  
CYS CB    HB3    sing N N 80  
CYS SG    HG     sing N N 81  
CYS OXT   HXT    sing N N 82  
GLN N     CA     sing N N 83  
GLN N     H      sing N N 84  
GLN N     H2     sing N N 85  
GLN CA    C      sing N N 86  
GLN CA    CB     sing N N 87  
GLN CA    HA     sing N N 88  
GLN C     O      doub N N 89  
GLN C     OXT    sing N N 90  
GLN CB    CG     sing N N 91  
GLN CB    HB2    sing N N 92  
GLN CB    HB3    sing N N 93  
GLN CG    CD     sing N N 94  
GLN CG    HG2    sing N N 95  
GLN CG    HG3    sing N N 96  
GLN CD    OE1    doub N N 97  
GLN CD    NE2    sing N N 98  
GLN NE2   HE21   sing N N 99  
GLN NE2   HE22   sing N N 100 
GLN OXT   HXT    sing N N 101 
GLU N     CA     sing N N 102 
GLU N     H      sing N N 103 
GLU N     H2     sing N N 104 
GLU CA    C      sing N N 105 
GLU CA    CB     sing N N 106 
GLU CA    HA     sing N N 107 
GLU C     O      doub N N 108 
GLU C     OXT    sing N N 109 
GLU CB    CG     sing N N 110 
GLU CB    HB2    sing N N 111 
GLU CB    HB3    sing N N 112 
GLU CG    CD     sing N N 113 
GLU CG    HG2    sing N N 114 
GLU CG    HG3    sing N N 115 
GLU CD    OE1    doub N N 116 
GLU CD    OE2    sing N N 117 
GLU OE2   HE2    sing N N 118 
GLU OXT   HXT    sing N N 119 
GLY N     CA     sing N N 120 
GLY N     H      sing N N 121 
GLY N     H2     sing N N 122 
GLY CA    C      sing N N 123 
GLY CA    HA2    sing N N 124 
GLY CA    HA3    sing N N 125 
GLY C     O      doub N N 126 
GLY C     OXT    sing N N 127 
GLY OXT   HXT    sing N N 128 
GNP PG    O1G    doub N N 129 
GNP PG    O2G    sing N N 130 
GNP PG    O3G    sing N N 131 
GNP PG    N3B    sing N N 132 
GNP O2G   HOG2   sing N N 133 
GNP O3G   HOG3   sing N N 134 
GNP N3B   PB     sing N N 135 
GNP N3B   HNB3   sing N N 136 
GNP PB    O1B    doub N N 137 
GNP PB    O2B    sing N N 138 
GNP PB    O3A    sing N N 139 
GNP O2B   HOB2   sing N N 140 
GNP O3A   PA     sing N N 141 
GNP PA    O1A    doub N N 142 
GNP PA    O2A    sing N N 143 
GNP PA    "O5'"  sing N N 144 
GNP O2A   HOA2   sing N N 145 
GNP "O5'" "C5'"  sing N N 146 
GNP "C5'" "C4'"  sing N N 147 
GNP "C5'" "H5'2" sing N N 148 
GNP "C5'" "H5'1" sing N N 149 
GNP "C4'" "O4'"  sing N N 150 
GNP "C4'" "C3'"  sing N N 151 
GNP "C4'" "H4'"  sing N N 152 
GNP "O4'" "C1'"  sing N N 153 
GNP "C3'" "O3'"  sing N N 154 
GNP "C3'" "C2'"  sing N N 155 
GNP "C3'" "H3'"  sing N N 156 
GNP "O3'" "HO3'" sing N N 157 
GNP "C2'" "O2'"  sing N N 158 
GNP "C2'" "C1'"  sing N N 159 
GNP "C2'" "H2'"  sing N N 160 
GNP "O2'" "HO2'" sing N N 161 
GNP "C1'" N9     sing N N 162 
GNP "C1'" "H1'"  sing N N 163 
GNP N9    C8     sing Y N 164 
GNP N9    C4     sing Y N 165 
GNP C8    N7     doub Y N 166 
GNP C8    H8     sing N N 167 
GNP N7    C5     sing Y N 168 
GNP C5    C6     sing Y N 169 
GNP C5    C4     doub Y N 170 
GNP C6    O6     doub N N 171 
GNP C6    N1     sing Y N 172 
GNP N1    C2     sing Y N 173 
GNP N1    HN1    sing N N 174 
GNP C2    N2     sing N N 175 
GNP C2    N3     doub Y N 176 
GNP N2    HN21   sing N N 177 
GNP N2    HN22   sing N N 178 
GNP N3    C4     sing Y N 179 
HIS N     CA     sing N N 180 
HIS N     H      sing N N 181 
HIS N     H2     sing N N 182 
HIS CA    C      sing N N 183 
HIS CA    CB     sing N N 184 
HIS CA    HA     sing N N 185 
HIS C     O      doub N N 186 
HIS C     OXT    sing N N 187 
HIS CB    CG     sing N N 188 
HIS CB    HB2    sing N N 189 
HIS CB    HB3    sing N N 190 
HIS CG    ND1    sing Y N 191 
HIS CG    CD2    doub Y N 192 
HIS ND1   CE1    doub Y N 193 
HIS ND1   HD1    sing N N 194 
HIS CD2   NE2    sing Y N 195 
HIS CD2   HD2    sing N N 196 
HIS CE1   NE2    sing Y N 197 
HIS CE1   HE1    sing N N 198 
HIS NE2   HE2    sing N N 199 
HIS OXT   HXT    sing N N 200 
HOH O     H1     sing N N 201 
HOH O     H2     sing N N 202 
ILE N     CA     sing N N 203 
ILE N     H      sing N N 204 
ILE N     H2     sing N N 205 
ILE CA    C      sing N N 206 
ILE CA    CB     sing N N 207 
ILE CA    HA     sing N N 208 
ILE C     O      doub N N 209 
ILE C     OXT    sing N N 210 
ILE CB    CG1    sing N N 211 
ILE CB    CG2    sing N N 212 
ILE CB    HB     sing N N 213 
ILE CG1   CD1    sing N N 214 
ILE CG1   HG12   sing N N 215 
ILE CG1   HG13   sing N N 216 
ILE CG2   HG21   sing N N 217 
ILE CG2   HG22   sing N N 218 
ILE CG2   HG23   sing N N 219 
ILE CD1   HD11   sing N N 220 
ILE CD1   HD12   sing N N 221 
ILE CD1   HD13   sing N N 222 
ILE OXT   HXT    sing N N 223 
LEU N     CA     sing N N 224 
LEU N     H      sing N N 225 
LEU N     H2     sing N N 226 
LEU CA    C      sing N N 227 
LEU CA    CB     sing N N 228 
LEU CA    HA     sing N N 229 
LEU C     O      doub N N 230 
LEU C     OXT    sing N N 231 
LEU CB    CG     sing N N 232 
LEU CB    HB2    sing N N 233 
LEU CB    HB3    sing N N 234 
LEU CG    CD1    sing N N 235 
LEU CG    CD2    sing N N 236 
LEU CG    HG     sing N N 237 
LEU CD1   HD11   sing N N 238 
LEU CD1   HD12   sing N N 239 
LEU CD1   HD13   sing N N 240 
LEU CD2   HD21   sing N N 241 
LEU CD2   HD22   sing N N 242 
LEU CD2   HD23   sing N N 243 
LEU OXT   HXT    sing N N 244 
LYS N     CA     sing N N 245 
LYS N     H      sing N N 246 
LYS N     H2     sing N N 247 
LYS CA    C      sing N N 248 
LYS CA    CB     sing N N 249 
LYS CA    HA     sing N N 250 
LYS C     O      doub N N 251 
LYS C     OXT    sing N N 252 
LYS CB    CG     sing N N 253 
LYS CB    HB2    sing N N 254 
LYS CB    HB3    sing N N 255 
LYS CG    CD     sing N N 256 
LYS CG    HG2    sing N N 257 
LYS CG    HG3    sing N N 258 
LYS CD    CE     sing N N 259 
LYS CD    HD2    sing N N 260 
LYS CD    HD3    sing N N 261 
LYS CE    NZ     sing N N 262 
LYS CE    HE2    sing N N 263 
LYS CE    HE3    sing N N 264 
LYS NZ    HZ1    sing N N 265 
LYS NZ    HZ2    sing N N 266 
LYS NZ    HZ3    sing N N 267 
LYS OXT   HXT    sing N N 268 
MET N     CA     sing N N 269 
MET N     H      sing N N 270 
MET N     H2     sing N N 271 
MET CA    C      sing N N 272 
MET CA    CB     sing N N 273 
MET CA    HA     sing N N 274 
MET C     O      doub N N 275 
MET C     OXT    sing N N 276 
MET CB    CG     sing N N 277 
MET CB    HB2    sing N N 278 
MET CB    HB3    sing N N 279 
MET CG    SD     sing N N 280 
MET CG    HG2    sing N N 281 
MET CG    HG3    sing N N 282 
MET SD    CE     sing N N 283 
MET CE    HE1    sing N N 284 
MET CE    HE2    sing N N 285 
MET CE    HE3    sing N N 286 
MET OXT   HXT    sing N N 287 
PHE N     CA     sing N N 288 
PHE N     H      sing N N 289 
PHE N     H2     sing N N 290 
PHE CA    C      sing N N 291 
PHE CA    CB     sing N N 292 
PHE CA    HA     sing N N 293 
PHE C     O      doub N N 294 
PHE C     OXT    sing N N 295 
PHE CB    CG     sing N N 296 
PHE CB    HB2    sing N N 297 
PHE CB    HB3    sing N N 298 
PHE CG    CD1    doub Y N 299 
PHE CG    CD2    sing Y N 300 
PHE CD1   CE1    sing Y N 301 
PHE CD1   HD1    sing N N 302 
PHE CD2   CE2    doub Y N 303 
PHE CD2   HD2    sing N N 304 
PHE CE1   CZ     doub Y N 305 
PHE CE1   HE1    sing N N 306 
PHE CE2   CZ     sing Y N 307 
PHE CE2   HE2    sing N N 308 
PHE CZ    HZ     sing N N 309 
PHE OXT   HXT    sing N N 310 
PRO N     CA     sing N N 311 
PRO N     CD     sing N N 312 
PRO N     H      sing N N 313 
PRO CA    C      sing N N 314 
PRO CA    CB     sing N N 315 
PRO CA    HA     sing N N 316 
PRO C     O      doub N N 317 
PRO C     OXT    sing N N 318 
PRO CB    CG     sing N N 319 
PRO CB    HB2    sing N N 320 
PRO CB    HB3    sing N N 321 
PRO CG    CD     sing N N 322 
PRO CG    HG2    sing N N 323 
PRO CG    HG3    sing N N 324 
PRO CD    HD2    sing N N 325 
PRO CD    HD3    sing N N 326 
PRO OXT   HXT    sing N N 327 
SER N     CA     sing N N 328 
SER N     H      sing N N 329 
SER N     H2     sing N N 330 
SER CA    C      sing N N 331 
SER CA    CB     sing N N 332 
SER CA    HA     sing N N 333 
SER C     O      doub N N 334 
SER C     OXT    sing N N 335 
SER CB    OG     sing N N 336 
SER CB    HB2    sing N N 337 
SER CB    HB3    sing N N 338 
SER OG    HG     sing N N 339 
SER OXT   HXT    sing N N 340 
THR N     CA     sing N N 341 
THR N     H      sing N N 342 
THR N     H2     sing N N 343 
THR CA    C      sing N N 344 
THR CA    CB     sing N N 345 
THR CA    HA     sing N N 346 
THR C     O      doub N N 347 
THR C     OXT    sing N N 348 
THR CB    OG1    sing N N 349 
THR CB    CG2    sing N N 350 
THR CB    HB     sing N N 351 
THR OG1   HG1    sing N N 352 
THR CG2   HG21   sing N N 353 
THR CG2   HG22   sing N N 354 
THR CG2   HG23   sing N N 355 
THR OXT   HXT    sing N N 356 
TRP N     CA     sing N N 357 
TRP N     H      sing N N 358 
TRP N     H2     sing N N 359 
TRP CA    C      sing N N 360 
TRP CA    CB     sing N N 361 
TRP CA    HA     sing N N 362 
TRP C     O      doub N N 363 
TRP C     OXT    sing N N 364 
TRP CB    CG     sing N N 365 
TRP CB    HB2    sing N N 366 
TRP CB    HB3    sing N N 367 
TRP CG    CD1    doub Y N 368 
TRP CG    CD2    sing Y N 369 
TRP CD1   NE1    sing Y N 370 
TRP CD1   HD1    sing N N 371 
TRP CD2   CE2    doub Y N 372 
TRP CD2   CE3    sing Y N 373 
TRP NE1   CE2    sing Y N 374 
TRP NE1   HE1    sing N N 375 
TRP CE2   CZ2    sing Y N 376 
TRP CE3   CZ3    doub Y N 377 
TRP CE3   HE3    sing N N 378 
TRP CZ2   CH2    doub Y N 379 
TRP CZ2   HZ2    sing N N 380 
TRP CZ3   CH2    sing Y N 381 
TRP CZ3   HZ3    sing N N 382 
TRP CH2   HH2    sing N N 383 
TRP OXT   HXT    sing N N 384 
TYR N     CA     sing N N 385 
TYR N     H      sing N N 386 
TYR N     H2     sing N N 387 
TYR CA    C      sing N N 388 
TYR CA    CB     sing N N 389 
TYR CA    HA     sing N N 390 
TYR C     O      doub N N 391 
TYR C     OXT    sing N N 392 
TYR CB    CG     sing N N 393 
TYR CB    HB2    sing N N 394 
TYR CB    HB3    sing N N 395 
TYR CG    CD1    doub Y N 396 
TYR CG    CD2    sing Y N 397 
TYR CD1   CE1    sing Y N 398 
TYR CD1   HD1    sing N N 399 
TYR CD2   CE2    doub Y N 400 
TYR CD2   HD2    sing N N 401 
TYR CE1   CZ     doub Y N 402 
TYR CE1   HE1    sing N N 403 
TYR CE2   CZ     sing Y N 404 
TYR CE2   HE2    sing N N 405 
TYR CZ    OH     sing N N 406 
TYR OH    HH     sing N N 407 
TYR OXT   HXT    sing N N 408 
VAL N     CA     sing N N 409 
VAL N     H      sing N N 410 
VAL N     H2     sing N N 411 
VAL CA    C      sing N N 412 
VAL CA    CB     sing N N 413 
VAL CA    HA     sing N N 414 
VAL C     O      doub N N 415 
VAL C     OXT    sing N N 416 
VAL CB    CG1    sing N N 417 
VAL CB    CG2    sing N N 418 
VAL CB    HB     sing N N 419 
VAL CG1   HG11   sing N N 420 
VAL CG1   HG12   sing N N 421 
VAL CG1   HG13   sing N N 422 
VAL CG2   HG21   sing N N 423 
VAL CG2   HG22   sing N N 424 
VAL CG2   HG23   sing N N 425 
VAL OXT   HXT    sing N N 426 
# 
loop_
_pdbx_entity_nonpoly.entity_id 
_pdbx_entity_nonpoly.name 
_pdbx_entity_nonpoly.comp_id 
2 'MAGNESIUM ION'                               MG  
3 'PHOSPHOAMINOPHOSPHONIC ACID-GUANYLATE ESTER' GNP 
4 water                                         HOH 
# 
_pdbx_initial_refinement_model.id               1 
_pdbx_initial_refinement_model.entity_id_list   ? 
_pdbx_initial_refinement_model.type             'experimental model' 
_pdbx_initial_refinement_model.source_name      PDB 
_pdbx_initial_refinement_model.accession_code   1XTR 
_pdbx_initial_refinement_model.details          'pdb entry 1xtr' 
# 
